data_2I5U
# 
_entry.id   2I5U 
# 
_audit_conform.dict_name       mmcif_pdbx.dic 
_audit_conform.dict_version    5.398 
_audit_conform.dict_location   http://mmcif.pdb.org/dictionaries/ascii/mmcif_pdbx.dic 
# 
loop_
_database_2.database_id 
_database_2.database_code 
_database_2.pdbx_database_accession 
_database_2.pdbx_DOI 
PDB   2I5U         pdb_00002i5u 10.2210/pdb2i5u/pdb 
RCSB  RCSB039174   ?            ?                   
WWPDB D_1000039174 ?            ?                   
# 
loop_
_pdbx_audit_revision_history.ordinal 
_pdbx_audit_revision_history.data_content_type 
_pdbx_audit_revision_history.major_revision 
_pdbx_audit_revision_history.minor_revision 
_pdbx_audit_revision_history.revision_date 
1 'Structure model' 1 0 2006-11-07 
2 'Structure model' 1 1 2008-05-01 
3 'Structure model' 1 2 2011-07-13 
4 'Structure model' 1 3 2024-11-13 
# 
_pdbx_audit_revision_details.ordinal             1 
_pdbx_audit_revision_details.revision_ordinal    1 
_pdbx_audit_revision_details.data_content_type   'Structure model' 
_pdbx_audit_revision_details.provider            repository 
_pdbx_audit_revision_details.type                'Initial release' 
_pdbx_audit_revision_details.description         ? 
_pdbx_audit_revision_details.details             ? 
# 
loop_
_pdbx_audit_revision_group.ordinal 
_pdbx_audit_revision_group.revision_ordinal 
_pdbx_audit_revision_group.data_content_type 
_pdbx_audit_revision_group.group 
1 2 'Structure model' 'Version format compliance' 
2 3 'Structure model' Advisory                    
3 3 'Structure model' 'Source and taxonomy'       
4 3 'Structure model' 'Version format compliance' 
5 4 'Structure model' 'Data collection'           
6 4 'Structure model' 'Database references'       
7 4 'Structure model' 'Derived calculations'      
8 4 'Structure model' 'Structure summary'         
# 
loop_
_pdbx_audit_revision_category.ordinal 
_pdbx_audit_revision_category.revision_ordinal 
_pdbx_audit_revision_category.data_content_type 
_pdbx_audit_revision_category.category 
1 4 'Structure model' chem_comp_atom            
2 4 'Structure model' chem_comp_bond            
3 4 'Structure model' database_2                
4 4 'Structure model' pdbx_entry_details        
5 4 'Structure model' pdbx_modification_feature 
6 4 'Structure model' pdbx_struct_conn_angle    
7 4 'Structure model' struct_conn               
8 4 'Structure model' struct_ref_seq_dif        
9 4 'Structure model' struct_site               
# 
loop_
_pdbx_audit_revision_item.ordinal 
_pdbx_audit_revision_item.revision_ordinal 
_pdbx_audit_revision_item.data_content_type 
_pdbx_audit_revision_item.item 
1  4 'Structure model' '_database_2.pdbx_DOI'                      
2  4 'Structure model' '_database_2.pdbx_database_accession'       
3  4 'Structure model' '_pdbx_struct_conn_angle.ptnr1_auth_seq_id' 
4  4 'Structure model' '_pdbx_struct_conn_angle.ptnr1_symmetry'    
5  4 'Structure model' '_pdbx_struct_conn_angle.ptnr3_auth_seq_id' 
6  4 'Structure model' '_pdbx_struct_conn_angle.ptnr3_symmetry'    
7  4 'Structure model' '_pdbx_struct_conn_angle.value'             
8  4 'Structure model' '_struct_conn.pdbx_dist_value'              
9  4 'Structure model' '_struct_conn.pdbx_leaving_atom_flag'       
10 4 'Structure model' '_struct_conn.ptnr2_auth_seq_id'            
11 4 'Structure model' '_struct_conn.ptnr2_symmetry'               
12 4 'Structure model' '_struct_ref_seq_dif.details'               
13 4 'Structure model' '_struct_site.pdbx_auth_asym_id'            
14 4 'Structure model' '_struct_site.pdbx_auth_comp_id'            
15 4 'Structure model' '_struct_site.pdbx_auth_seq_id'             
# 
_pdbx_database_status.status_code                     REL 
_pdbx_database_status.entry_id                        2I5U 
_pdbx_database_status.recvd_initial_deposition_date   2006-08-25 
_pdbx_database_status.deposit_site                    RCSB 
_pdbx_database_status.process_site                    RCSB 
_pdbx_database_status.status_code_sf                  REL 
_pdbx_database_status.status_code_mr                  ? 
_pdbx_database_status.SG_entry                        Y 
_pdbx_database_status.pdb_format_compatible           Y 
_pdbx_database_status.status_code_cs                  ? 
_pdbx_database_status.status_code_nmr_data            ? 
_pdbx_database_status.methods_development_category    ? 
# 
_pdbx_database_related.db_name        TargetDB 
_pdbx_database_related.db_id          APC85179 
_pdbx_database_related.details        . 
_pdbx_database_related.content_type   unspecified 
# 
loop_
_audit_author.name 
_audit_author.pdbx_ordinal 
'Wu, R.'                                        1 
'Zhang, R.'                                     2 
'Bargassa, M.'                                  3 
'Joachimiak, A.'                                4 
'Midwest Center for Structural Genomics (MCSG)' 5 
# 
_citation.id                        primary 
_citation.title                     '1.5 A crystal structure of a DnaD domain protein from Enterococcus Faecalis' 
_citation.journal_abbrev            'To be Published' 
_citation.journal_volume            ? 
_citation.page_first                ? 
_citation.page_last                 ? 
_citation.year                      2006 
_citation.journal_id_ASTM           ? 
_citation.country                   ? 
_citation.journal_id_ISSN           ? 
_citation.journal_id_CSD            0353 
_citation.book_publisher            ? 
_citation.pdbx_database_id_PubMed   ? 
_citation.pdbx_database_id_DOI      ? 
# 
loop_
_citation_author.citation_id 
_citation_author.name 
_citation_author.ordinal 
_citation_author.identifier_ORCID 
primary 'Wu, R.'         1 ? 
primary 'Zhang, R.'      2 ? 
primary 'Bargassa, M.'   3 ? 
primary 'Joachimiak, A.' 4 ? 
# 
loop_
_entity.id 
_entity.type 
_entity.src_method 
_entity.pdbx_description 
_entity.formula_weight 
_entity.pdbx_number_of_molecules 
_entity.pdbx_ec 
_entity.pdbx_mutation 
_entity.pdbx_fragment 
_entity.details 
1 polymer     man 'DnaD domain protein' 9684.436 1  ? ? 'Residues 158-237' ? 
2 non-polymer syn 'MAGNESIUM ION'       24.305   1  ? ? ?                  ? 
3 water       nat water                 18.015   94 ? ? ?                  ? 
# 
_entity_poly.entity_id                      1 
_entity_poly.type                           'polypeptide(L)' 
_entity_poly.nstd_linkage                   no 
_entity_poly.nstd_monomer                   yes 
_entity_poly.pdbx_seq_one_letter_code       
;SNAIRSIWENNGFGL(MSE)SSKT(MSE)TDFDYWISDFEKIGASQKEAEQLIVKAIEIAIDANARNYNYINAILKDWEQ
RGFKSVEEREA
;
_entity_poly.pdbx_seq_one_letter_code_can   
;SNAIRSIWENNGFGLMSSKTMTDFDYWISDFEKIGASQKEAEQLIVKAIEIAIDANARNYNYINAILKDWEQRGFKSVEE
REA
;
_entity_poly.pdbx_strand_id                 A 
_entity_poly.pdbx_target_identifier         APC85179 
# 
loop_
_pdbx_entity_nonpoly.entity_id 
_pdbx_entity_nonpoly.name 
_pdbx_entity_nonpoly.comp_id 
2 'MAGNESIUM ION' MG  
3 water           HOH 
# 
loop_
_entity_poly_seq.entity_id 
_entity_poly_seq.num 
_entity_poly_seq.mon_id 
_entity_poly_seq.hetero 
1 1  SER n 
1 2  ASN n 
1 3  ALA n 
1 4  ILE n 
1 5  ARG n 
1 6  SER n 
1 7  ILE n 
1 8  TRP n 
1 9  GLU n 
1 10 ASN n 
1 11 ASN n 
1 12 GLY n 
1 13 PHE n 
1 14 GLY n 
1 15 LEU n 
1 16 MSE n 
1 17 SER n 
1 18 SER n 
1 19 LYS n 
1 20 THR n 
1 21 MSE n 
1 22 THR n 
1 23 ASP n 
1 24 PHE n 
1 25 ASP n 
1 26 TYR n 
1 27 TRP n 
1 28 ILE n 
1 29 SER n 
1 30 ASP n 
1 31 PHE n 
1 32 GLU n 
1 33 LYS n 
1 34 ILE n 
1 35 GLY n 
1 36 ALA n 
1 37 SER n 
1 38 GLN n 
1 39 LYS n 
1 40 GLU n 
1 41 ALA n 
1 42 GLU n 
1 43 GLN n 
1 44 LEU n 
1 45 ILE n 
1 46 VAL n 
1 47 LYS n 
1 48 ALA n 
1 49 ILE n 
1 50 GLU n 
1 51 ILE n 
1 52 ALA n 
1 53 ILE n 
1 54 ASP n 
1 55 ALA n 
1 56 ASN n 
1 57 ALA n 
1 58 ARG n 
1 59 ASN n 
1 60 TYR n 
1 61 ASN n 
1 62 TYR n 
1 63 ILE n 
1 64 ASN n 
1 65 ALA n 
1 66 ILE n 
1 67 LEU n 
1 68 LYS n 
1 69 ASP n 
1 70 TRP n 
1 71 GLU n 
1 72 GLN n 
1 73 ARG n 
1 74 GLY n 
1 75 PHE n 
1 76 LYS n 
1 77 SER n 
1 78 VAL n 
1 79 GLU n 
1 80 GLU n 
1 81 ARG n 
1 82 GLU n 
1 83 ALA n 
# 
_entity_src_gen.entity_id                          1 
_entity_src_gen.pdbx_src_id                        1 
_entity_src_gen.pdbx_alt_source_flag               sample 
_entity_src_gen.pdbx_seq_type                      ? 
_entity_src_gen.pdbx_beg_seq_num                   ? 
_entity_src_gen.pdbx_end_seq_num                   ? 
_entity_src_gen.gene_src_common_name               ? 
_entity_src_gen.gene_src_genus                     Enterococcus 
_entity_src_gen.pdbx_gene_src_gene                 DnaD 
_entity_src_gen.gene_src_species                   'Enterococcus faecalis' 
_entity_src_gen.gene_src_strain                    V583 
_entity_src_gen.gene_src_tissue                    ? 
_entity_src_gen.gene_src_tissue_fraction           ? 
_entity_src_gen.gene_src_details                   ? 
_entity_src_gen.pdbx_gene_src_fragment             ? 
_entity_src_gen.pdbx_gene_src_scientific_name      'Enterococcus faecalis' 
_entity_src_gen.pdbx_gene_src_ncbi_taxonomy_id     226185 
_entity_src_gen.pdbx_gene_src_variant              ? 
_entity_src_gen.pdbx_gene_src_cell_line            ? 
_entity_src_gen.pdbx_gene_src_atcc                 ? 
_entity_src_gen.pdbx_gene_src_organ                ? 
_entity_src_gen.pdbx_gene_src_organelle            ? 
_entity_src_gen.pdbx_gene_src_cell                 ? 
_entity_src_gen.pdbx_gene_src_cellular_location    ? 
_entity_src_gen.host_org_common_name               ? 
_entity_src_gen.pdbx_host_org_scientific_name      'Escherichia coli BL21' 
_entity_src_gen.pdbx_host_org_ncbi_taxonomy_id     511693 
_entity_src_gen.host_org_genus                     Escherichia 
_entity_src_gen.pdbx_host_org_gene                 ? 
_entity_src_gen.pdbx_host_org_organ                ? 
_entity_src_gen.host_org_species                   'Escherichia coli' 
_entity_src_gen.pdbx_host_org_tissue               ? 
_entity_src_gen.pdbx_host_org_tissue_fraction      ? 
_entity_src_gen.pdbx_host_org_strain               BL21 
_entity_src_gen.pdbx_host_org_variant              ? 
_entity_src_gen.pdbx_host_org_cell_line            ? 
_entity_src_gen.pdbx_host_org_atcc                 ? 
_entity_src_gen.pdbx_host_org_culture_collection   ? 
_entity_src_gen.pdbx_host_org_cell                 ? 
_entity_src_gen.pdbx_host_org_organelle            ? 
_entity_src_gen.pdbx_host_org_cellular_location    ? 
_entity_src_gen.pdbx_host_org_vector_type          Plasmid 
_entity_src_gen.pdbx_host_org_vector               ? 
_entity_src_gen.host_org_details                   ? 
_entity_src_gen.expression_system_id               ? 
_entity_src_gen.plasmid_name                       PDM68 
_entity_src_gen.plasmid_details                    ? 
_entity_src_gen.pdbx_description                   ? 
# 
loop_
_chem_comp.id 
_chem_comp.type 
_chem_comp.mon_nstd_flag 
_chem_comp.name 
_chem_comp.pdbx_synonyms 
_chem_comp.formula 
_chem_comp.formula_weight 
ALA 'L-peptide linking' y ALANINE          ? 'C3 H7 N O2'     89.093  
ARG 'L-peptide linking' y ARGININE         ? 'C6 H15 N4 O2 1' 175.209 
ASN 'L-peptide linking' y ASPARAGINE       ? 'C4 H8 N2 O3'    132.118 
ASP 'L-peptide linking' y 'ASPARTIC ACID'  ? 'C4 H7 N O4'     133.103 
GLN 'L-peptide linking' y GLUTAMINE        ? 'C5 H10 N2 O3'   146.144 
GLU 'L-peptide linking' y 'GLUTAMIC ACID'  ? 'C5 H9 N O4'     147.129 
GLY 'peptide linking'   y GLYCINE          ? 'C2 H5 N O2'     75.067  
HOH non-polymer         . WATER            ? 'H2 O'           18.015  
ILE 'L-peptide linking' y ISOLEUCINE       ? 'C6 H13 N O2'    131.173 
LEU 'L-peptide linking' y LEUCINE          ? 'C6 H13 N O2'    131.173 
LYS 'L-peptide linking' y LYSINE           ? 'C6 H15 N2 O2 1' 147.195 
MET 'L-peptide linking' y METHIONINE       ? 'C5 H11 N O2 S'  149.211 
MG  non-polymer         . 'MAGNESIUM ION'  ? 'Mg 2'           24.305  
MSE 'L-peptide linking' n SELENOMETHIONINE ? 'C5 H11 N O2 Se' 196.106 
PHE 'L-peptide linking' y PHENYLALANINE    ? 'C9 H11 N O2'    165.189 
SER 'L-peptide linking' y SERINE           ? 'C3 H7 N O3'     105.093 
THR 'L-peptide linking' y THREONINE        ? 'C4 H9 N O3'     119.119 
TRP 'L-peptide linking' y TRYPTOPHAN       ? 'C11 H12 N2 O2'  204.225 
TYR 'L-peptide linking' y TYROSINE         ? 'C9 H11 N O3'    181.189 
VAL 'L-peptide linking' y VALINE           ? 'C5 H11 N O2'    117.146 
# 
loop_
_pdbx_poly_seq_scheme.asym_id 
_pdbx_poly_seq_scheme.entity_id 
_pdbx_poly_seq_scheme.seq_id 
_pdbx_poly_seq_scheme.mon_id 
_pdbx_poly_seq_scheme.ndb_seq_num 
_pdbx_poly_seq_scheme.pdb_seq_num 
_pdbx_poly_seq_scheme.auth_seq_num 
_pdbx_poly_seq_scheme.pdb_mon_id 
_pdbx_poly_seq_scheme.auth_mon_id 
_pdbx_poly_seq_scheme.pdb_strand_id 
_pdbx_poly_seq_scheme.pdb_ins_code 
_pdbx_poly_seq_scheme.hetero 
A 1 1  SER 1  -1 -1 SER SER A . n 
A 1 2  ASN 2  0  0  ASN ASN A . n 
A 1 3  ALA 3  1  1  ALA ALA A . n 
A 1 4  ILE 4  2  2  ILE ILE A . n 
A 1 5  ARG 5  3  3  ARG ARG A . n 
A 1 6  SER 6  4  4  SER SER A . n 
A 1 7  ILE 7  5  5  ILE ILE A . n 
A 1 8  TRP 8  6  6  TRP TRP A . n 
A 1 9  GLU 9  7  7  GLU GLU A . n 
A 1 10 ASN 10 8  8  ASN ASN A . n 
A 1 11 ASN 11 9  9  ASN ASN A . n 
A 1 12 GLY 12 10 10 GLY GLY A . n 
A 1 13 PHE 13 11 11 PHE PHE A . n 
A 1 14 GLY 14 12 12 GLY GLY A . n 
A 1 15 LEU 15 13 13 LEU LEU A . n 
A 1 16 MSE 16 14 14 MSE MSE A . n 
A 1 17 SER 17 15 15 SER SER A . n 
A 1 18 SER 18 16 16 SER SER A . n 
A 1 19 LYS 19 17 17 LYS LYS A . n 
A 1 20 THR 20 18 18 THR THR A . n 
A 1 21 MSE 21 19 19 MSE MSE A . n 
A 1 22 THR 22 20 20 THR THR A . n 
A 1 23 ASP 23 21 21 ASP ASP A . n 
A 1 24 PHE 24 22 22 PHE PHE A . n 
A 1 25 ASP 25 23 23 ASP ASP A . n 
A 1 26 TYR 26 24 24 TYR TYR A . n 
A 1 27 TRP 27 25 25 TRP TRP A . n 
A 1 28 ILE 28 26 26 ILE ILE A . n 
A 1 29 SER 29 27 27 SER SER A . n 
A 1 30 ASP 30 28 28 ASP ASP A . n 
A 1 31 PHE 31 29 29 PHE PHE A . n 
A 1 32 GLU 32 30 30 GLU GLU A . n 
A 1 33 LYS 33 31 31 LYS LYS A . n 
A 1 34 ILE 34 32 32 ILE ILE A . n 
A 1 35 GLY 35 33 33 GLY GLY A . n 
A 1 36 ALA 36 34 34 ALA ALA A . n 
A 1 37 SER 37 35 35 SER SER A . n 
A 1 38 GLN 38 36 36 GLN GLN A . n 
A 1 39 LYS 39 37 37 LYS LYS A . n 
A 1 40 GLU 40 38 38 GLU GLU A . n 
A 1 41 ALA 41 39 39 ALA ALA A . n 
A 1 42 GLU 42 40 40 GLU GLU A . n 
A 1 43 GLN 43 41 41 GLN GLN A . n 
A 1 44 LEU 44 42 42 LEU LEU A . n 
A 1 45 ILE 45 43 43 ILE ILE A . n 
A 1 46 VAL 46 44 44 VAL VAL A . n 
A 1 47 LYS 47 45 45 LYS LYS A . n 
A 1 48 ALA 48 46 46 ALA ALA A . n 
A 1 49 ILE 49 47 47 ILE ILE A . n 
A 1 50 GLU 50 48 48 GLU GLU A . n 
A 1 51 ILE 51 49 49 ILE ILE A . n 
A 1 52 ALA 52 50 50 ALA ALA A . n 
A 1 53 ILE 53 51 51 ILE ILE A . n 
A 1 54 ASP 54 52 52 ASP ASP A . n 
A 1 55 ALA 55 53 53 ALA ALA A . n 
A 1 56 ASN 56 54 54 ASN ASN A . n 
A 1 57 ALA 57 55 55 ALA ALA A . n 
A 1 58 ARG 58 56 56 ARG ARG A . n 
A 1 59 ASN 59 57 57 ASN ASN A . n 
A 1 60 TYR 60 58 58 TYR TYR A . n 
A 1 61 ASN 61 59 59 ASN ASN A . n 
A 1 62 TYR 62 60 60 TYR TYR A . n 
A 1 63 ILE 63 61 61 ILE ILE A . n 
A 1 64 ASN 64 62 62 ASN ASN A . n 
A 1 65 ALA 65 63 63 ALA ALA A . n 
A 1 66 ILE 66 64 64 ILE ILE A . n 
A 1 67 LEU 67 65 65 LEU LEU A . n 
A 1 68 LYS 68 66 66 LYS LYS A . n 
A 1 69 ASP 69 67 67 ASP ASP A . n 
A 1 70 TRP 70 68 68 TRP TRP A . n 
A 1 71 GLU 71 69 69 GLU GLU A . n 
A 1 72 GLN 72 70 70 GLN GLN A . n 
A 1 73 ARG 73 71 71 ARG ARG A . n 
A 1 74 GLY 74 72 72 GLY GLY A . n 
A 1 75 PHE 75 73 73 PHE PHE A . n 
A 1 76 LYS 76 74 74 LYS LYS A . n 
A 1 77 SER 77 75 75 SER SER A . n 
A 1 78 VAL 78 76 ?  ?   ?   A . n 
A 1 79 GLU 79 77 ?  ?   ?   A . n 
A 1 80 GLU 80 78 ?  ?   ?   A . n 
A 1 81 ARG 81 79 ?  ?   ?   A . n 
A 1 82 GLU 82 80 ?  ?   ?   A . n 
A 1 83 ALA 83 81 ?  ?   ?   A . n 
# 
loop_
_pdbx_nonpoly_scheme.asym_id 
_pdbx_nonpoly_scheme.entity_id 
_pdbx_nonpoly_scheme.mon_id 
_pdbx_nonpoly_scheme.ndb_seq_num 
_pdbx_nonpoly_scheme.pdb_seq_num 
_pdbx_nonpoly_scheme.auth_seq_num 
_pdbx_nonpoly_scheme.pdb_mon_id 
_pdbx_nonpoly_scheme.auth_mon_id 
_pdbx_nonpoly_scheme.pdb_strand_id 
_pdbx_nonpoly_scheme.pdb_ins_code 
B 2 MG  1  100 1  MG  MG  A . 
C 3 HOH 1  101 1  HOH HOH A . 
C 3 HOH 2  102 2  HOH HOH A . 
C 3 HOH 3  103 3  HOH HOH A . 
C 3 HOH 4  104 5  HOH HOH A . 
C 3 HOH 5  105 6  HOH HOH A . 
C 3 HOH 6  106 7  HOH HOH A . 
C 3 HOH 7  107 9  HOH HOH A . 
C 3 HOH 8  108 11 HOH HOH A . 
C 3 HOH 9  109 13 HOH HOH A . 
C 3 HOH 10 110 16 HOH HOH A . 
C 3 HOH 11 111 17 HOH HOH A . 
C 3 HOH 12 112 18 HOH HOH A . 
C 3 HOH 13 113 19 HOH HOH A . 
C 3 HOH 14 114 20 HOH HOH A . 
C 3 HOH 15 115 21 HOH HOH A . 
C 3 HOH 16 116 22 HOH HOH A . 
C 3 HOH 17 117 23 HOH HOH A . 
C 3 HOH 18 118 24 HOH HOH A . 
C 3 HOH 19 119 25 HOH HOH A . 
C 3 HOH 20 120 26 HOH HOH A . 
C 3 HOH 21 121 27 HOH HOH A . 
C 3 HOH 22 122 28 HOH HOH A . 
C 3 HOH 23 123 30 HOH HOH A . 
C 3 HOH 24 124 32 HOH HOH A . 
C 3 HOH 25 125 33 HOH HOH A . 
C 3 HOH 26 126 34 HOH HOH A . 
C 3 HOH 27 127 38 HOH HOH A . 
C 3 HOH 28 128 39 HOH HOH A . 
C 3 HOH 29 129 42 HOH HOH A . 
C 3 HOH 30 130 44 HOH HOH A . 
C 3 HOH 31 131 45 HOH HOH A . 
C 3 HOH 32 132 46 HOH HOH A . 
C 3 HOH 33 133 47 HOH HOH A . 
C 3 HOH 34 134 48 HOH HOH A . 
C 3 HOH 35 135 49 HOH HOH A . 
C 3 HOH 36 136 51 HOH HOH A . 
C 3 HOH 37 137 52 HOH HOH A . 
C 3 HOH 38 138 53 HOH HOH A . 
C 3 HOH 39 139 54 HOH HOH A . 
C 3 HOH 40 140 56 HOH HOH A . 
C 3 HOH 41 141 57 HOH HOH A . 
C 3 HOH 42 142 61 HOH HOH A . 
C 3 HOH 43 143 62 HOH HOH A . 
C 3 HOH 44 144 66 HOH HOH A . 
C 3 HOH 45 145 67 HOH HOH A . 
C 3 HOH 46 146 68 HOH HOH A . 
C 3 HOH 47 147 69 HOH HOH A . 
C 3 HOH 48 148 70 HOH HOH A . 
C 3 HOH 49 149 71 HOH HOH A . 
C 3 HOH 50 150 72 HOH HOH A . 
C 3 HOH 51 151 73 HOH HOH A . 
C 3 HOH 52 152 75 HOH HOH A . 
C 3 HOH 53 153 76 HOH HOH A . 
C 3 HOH 54 154 78 HOH HOH A . 
C 3 HOH 55 155 79 HOH HOH A . 
C 3 HOH 56 156 80 HOH HOH A . 
C 3 HOH 57 157 81 HOH HOH A . 
C 3 HOH 58 158 82 HOH HOH A . 
C 3 HOH 59 159 83 HOH HOH A . 
C 3 HOH 60 160 1  HOH HOH A . 
C 3 HOH 61 161 4  HOH HOH A . 
C 3 HOH 62 162 5  HOH HOH A . 
C 3 HOH 63 163 8  HOH HOH A . 
C 3 HOH 64 164 10 HOH HOH A . 
C 3 HOH 65 165 13 HOH HOH A . 
C 3 HOH 66 166 14 HOH HOH A . 
C 3 HOH 67 167 15 HOH HOH A . 
C 3 HOH 68 168 16 HOH HOH A . 
C 3 HOH 69 169 17 HOH HOH A . 
C 3 HOH 70 170 18 HOH HOH A . 
C 3 HOH 71 171 19 HOH HOH A . 
C 3 HOH 72 172 21 HOH HOH A . 
C 3 HOH 73 173 23 HOH HOH A . 
C 3 HOH 74 174 24 HOH HOH A . 
C 3 HOH 75 175 25 HOH HOH A . 
C 3 HOH 76 176 27 HOH HOH A . 
C 3 HOH 77 177 30 HOH HOH A . 
C 3 HOH 78 178 31 HOH HOH A . 
C 3 HOH 79 179 33 HOH HOH A . 
C 3 HOH 80 180 35 HOH HOH A . 
C 3 HOH 81 181 40 HOH HOH A . 
C 3 HOH 82 182 44 HOH HOH A . 
C 3 HOH 83 183 45 HOH HOH A . 
C 3 HOH 84 184 46 HOH HOH A . 
C 3 HOH 85 185 47 HOH HOH A . 
C 3 HOH 86 186 48 HOH HOH A . 
C 3 HOH 87 187 49 HOH HOH A . 
C 3 HOH 88 188 50 HOH HOH A . 
C 3 HOH 89 189 53 HOH HOH A . 
C 3 HOH 90 190 54 HOH HOH A . 
C 3 HOH 91 191 55 HOH HOH A . 
C 3 HOH 92 192 56 HOH HOH A . 
C 3 HOH 93 193 57 HOH HOH A . 
C 3 HOH 94 194 59 HOH HOH A . 
# 
loop_
_software.name 
_software.classification 
_software.version 
_software.citation_id 
_software.pdbx_ordinal 
REFMAC   refinement        5.2.0019 ? 1 
HKL-2000 'data collection' .        ? 2 
HKL-2000 'data reduction'  .        ? 3 
HKL-2000 'data scaling'    .        ? 4 
HKL-3000 phasing           .        ? 5 
SHELXE   'model building'  .        ? 6 
SOLVE    phasing           .        ? 7 
RESOLVE  phasing           .        ? 8 
ARP/wARP 'model building'  .        ? 9 
# 
_cell.entry_id           2I5U 
_cell.length_a           48.795 
_cell.length_b           48.795 
_cell.length_c           32.795 
_cell.angle_alpha        90.00 
_cell.angle_beta         90.00 
_cell.angle_gamma        90.00 
_cell.Z_PDB              4 
_cell.pdbx_unique_axis   ? 
_cell.length_a_esd       ? 
_cell.length_b_esd       ? 
_cell.length_c_esd       ? 
_cell.angle_alpha_esd    ? 
_cell.angle_beta_esd     ? 
_cell.angle_gamma_esd    ? 
# 
_symmetry.entry_id                         2I5U 
_symmetry.space_group_name_H-M             'P 43' 
_symmetry.pdbx_full_space_group_name_H-M   ? 
_symmetry.cell_setting                     ? 
_symmetry.Int_Tables_number                78 
_symmetry.space_group_name_Hall            ? 
# 
_exptl.entry_id          2I5U 
_exptl.method            'X-RAY DIFFRACTION' 
_exptl.crystals_number   1 
# 
_exptl_crystal.id                    1 
_exptl_crystal.density_meas          ? 
_exptl_crystal.density_Matthews      2.02 
_exptl_crystal.density_percent_sol   38.98 
_exptl_crystal.description           ? 
_exptl_crystal.F_000                 ? 
_exptl_crystal.preparation           ? 
# 
_exptl_crystal_grow.crystal_id      1 
_exptl_crystal_grow.method          'VAPOR DIFFUSION, HANGING DROP' 
_exptl_crystal_grow.temp            298 
_exptl_crystal_grow.temp_details    ? 
_exptl_crystal_grow.pH              5.5 
_exptl_crystal_grow.pdbx_details    '0.2M Magnesium chloride, 25% PEG3350, pH 5.5, temperature 298K, VAPOR DIFFUSION, HANGING DROP' 
_exptl_crystal_grow.pdbx_pH_range   . 
# 
_diffrn.id                     1 
_diffrn.ambient_temp           100 
_diffrn.ambient_temp_details   ? 
_diffrn.crystal_id             1 
# 
_diffrn_detector.diffrn_id              1 
_diffrn_detector.detector               CCD 
_diffrn_detector.type                   'ADSC QUANTUM 315' 
_diffrn_detector.pdbx_collection_date   2006-04-26 
_diffrn_detector.details                ? 
# 
_diffrn_radiation.diffrn_id                        1 
_diffrn_radiation.wavelength_id                    1 
_diffrn_radiation.pdbx_monochromatic_or_laue_m_l   M 
_diffrn_radiation.monochromator                    'Double crystal' 
_diffrn_radiation.pdbx_diffrn_protocol             'SINGLE WAVELENGTH' 
_diffrn_radiation.pdbx_scattering_type             x-ray 
# 
_diffrn_radiation_wavelength.id           1 
_diffrn_radiation_wavelength.wavelength   0.97835 
_diffrn_radiation_wavelength.wt           1.0 
# 
_diffrn_source.diffrn_id                   1 
_diffrn_source.source                      SYNCHROTRON 
_diffrn_source.type                        'APS BEAMLINE 19-ID' 
_diffrn_source.pdbx_synchrotron_site       APS 
_diffrn_source.pdbx_synchrotron_beamline   19-ID 
_diffrn_source.pdbx_wavelength             ? 
_diffrn_source.pdbx_wavelength_list        0.97835 
# 
_reflns.entry_id                     2I5U 
_reflns.observed_criterion_sigma_F   ? 
_reflns.observed_criterion_sigma_I   0 
_reflns.d_resolution_high            1.5 
_reflns.d_resolution_low             50 
_reflns.number_all                   22919 
_reflns.number_obs                   22919 
_reflns.percent_possible_obs         97.3 
_reflns.pdbx_Rmerge_I_obs            0.071 
_reflns.pdbx_Rsym_value              ? 
_reflns.pdbx_netI_over_sigmaI        32.68 
_reflns.B_iso_Wilson_estimate        ? 
_reflns.pdbx_redundancy              8.8 
_reflns.R_free_details               ? 
_reflns.limit_h_max                  ? 
_reflns.limit_h_min                  ? 
_reflns.limit_k_max                  ? 
_reflns.limit_k_min                  ? 
_reflns.limit_l_max                  ? 
_reflns.limit_l_min                  ? 
_reflns.observed_criterion_F_max     ? 
_reflns.observed_criterion_F_min     ? 
_reflns.pdbx_chi_squared             ? 
_reflns.pdbx_scaling_rejects         ? 
_reflns.pdbx_ordinal                 1 
_reflns.pdbx_diffrn_id               1 
# 
_reflns_shell.d_res_high             1.50 
_reflns_shell.d_res_low              1.55 
_reflns_shell.percent_possible_all   88.5 
_reflns_shell.Rmerge_I_obs           0.422 
_reflns_shell.pdbx_Rsym_value        ? 
_reflns_shell.meanI_over_sigI_obs    2.13 
_reflns_shell.pdbx_redundancy        5.0 
_reflns_shell.percent_possible_obs   ? 
_reflns_shell.number_unique_all      1078 
_reflns_shell.number_measured_all    ? 
_reflns_shell.number_measured_obs    ? 
_reflns_shell.number_unique_obs      ? 
_reflns_shell.pdbx_chi_squared       ? 
_reflns_shell.pdbx_ordinal           1 
_reflns_shell.pdbx_diffrn_id         1 
# 
_refine.entry_id                                 2I5U 
_refine.ls_number_reflns_obs                     11725 
_refine.ls_number_reflns_all                     11725 
_refine.pdbx_ls_sigma_I                          ? 
_refine.pdbx_ls_sigma_F                          0 
_refine.pdbx_data_cutoff_high_absF               ? 
_refine.pdbx_data_cutoff_low_absF                ? 
_refine.pdbx_data_cutoff_high_rms_absF           ? 
_refine.ls_d_res_low                             34.50 
_refine.ls_d_res_high                            1.50 
_refine.ls_percent_reflns_obs                    98.44 
_refine.ls_R_factor_obs                          0.18175 
_refine.ls_R_factor_all                          0.18175 
_refine.ls_R_factor_R_work                       0.17957 
_refine.ls_R_factor_R_free                       0.22702 
_refine.ls_R_factor_R_free_error                 ? 
_refine.ls_R_factor_R_free_error_details         ? 
_refine.ls_percent_reflns_R_free                 4.8 
_refine.ls_number_reflns_R_free                  596 
_refine.ls_number_parameters                     ? 
_refine.ls_number_restraints                     ? 
_refine.occupancy_min                            ? 
_refine.occupancy_max                            ? 
_refine.correlation_coeff_Fo_to_Fc               0.964 
_refine.correlation_coeff_Fo_to_Fc_free          0.937 
_refine.B_iso_mean                               17.772 
_refine.aniso_B[1][1]                            -0.01 
_refine.aniso_B[2][2]                            -0.01 
_refine.aniso_B[3][3]                            0.02 
_refine.aniso_B[1][2]                            0.00 
_refine.aniso_B[1][3]                            0.00 
_refine.aniso_B[2][3]                            0.00 
_refine.solvent_model_details                    MASK 
_refine.solvent_model_param_ksol                 ? 
_refine.solvent_model_param_bsol                 ? 
_refine.pdbx_solvent_vdw_probe_radii             1.20 
_refine.pdbx_solvent_ion_probe_radii             0.80 
_refine.pdbx_solvent_shrinkage_radii             0.80 
_refine.pdbx_ls_cross_valid_method               THROUGHOUT 
_refine.details                                  'HYDROGENS HAVE BEEN ADDED IN THE RIDING POSITIONS' 
_refine.pdbx_starting_model                      ? 
_refine.pdbx_method_to_determine_struct          SAD 
_refine.pdbx_isotropic_thermal_model             ? 
_refine.pdbx_stereochemistry_target_values       'MAXIMUM LIKELIHOOD' 
_refine.pdbx_stereochem_target_val_spec_case     ? 
_refine.pdbx_R_Free_selection_details            RANDOM 
_refine.pdbx_overall_ESU_R                       0.081 
_refine.pdbx_overall_ESU_R_Free                  0.088 
_refine.overall_SU_ML                            0.056 
_refine.overall_SU_B                             2.983 
_refine.ls_redundancy_reflns_obs                 ? 
_refine.B_iso_min                                ? 
_refine.B_iso_max                                ? 
_refine.overall_SU_R_Cruickshank_DPI             ? 
_refine.overall_SU_R_free                        ? 
_refine.ls_wR_factor_R_free                      ? 
_refine.ls_wR_factor_R_work                      ? 
_refine.overall_FOM_free_R_set                   ? 
_refine.overall_FOM_work_R_set                   ? 
_refine.pdbx_refine_id                           'X-RAY DIFFRACTION' 
_refine.pdbx_TLS_residual_ADP_flag               'LIKELY RESIDUAL' 
_refine.pdbx_diffrn_id                           1 
_refine.pdbx_overall_phase_error                 ? 
_refine.pdbx_overall_SU_R_free_Cruickshank_DPI   ? 
_refine.pdbx_overall_SU_R_Blow_DPI               ? 
_refine.pdbx_overall_SU_R_free_Blow_DPI          ? 
# 
_refine_hist.pdbx_refine_id                   'X-RAY DIFFRACTION' 
_refine_hist.cycle_id                         LAST 
_refine_hist.pdbx_number_atoms_protein        625 
_refine_hist.pdbx_number_atoms_nucleic_acid   0 
_refine_hist.pdbx_number_atoms_ligand         1 
_refine_hist.number_atoms_solvent             94 
_refine_hist.number_atoms_total               720 
_refine_hist.d_res_high                       1.50 
_refine_hist.d_res_low                        34.50 
# 
loop_
_refine_ls_restr.type 
_refine_ls_restr.dev_ideal 
_refine_ls_restr.dev_ideal_target 
_refine_ls_restr.weight 
_refine_ls_restr.number 
_refine_ls_restr.pdbx_refine_id 
_refine_ls_restr.pdbx_restraint_function 
r_bond_refined_d             0.013  0.022  ? 672  'X-RAY DIFFRACTION' ? 
r_bond_other_d               0.001  0.020  ? 449  'X-RAY DIFFRACTION' ? 
r_angle_refined_deg          1.020  1.911  ? 913  'X-RAY DIFFRACTION' ? 
r_angle_other_deg            1.525  3.000  ? 1100 'X-RAY DIFFRACTION' ? 
r_dihedral_angle_1_deg       4.773  5.000  ? 85   'X-RAY DIFFRACTION' ? 
r_dihedral_angle_2_deg       41.427 25.556 ? 36   'X-RAY DIFFRACTION' ? 
r_dihedral_angle_3_deg       16.634 15.000 ? 123  'X-RAY DIFFRACTION' ? 
r_dihedral_angle_4_deg       17.771 15.000 ? 3    'X-RAY DIFFRACTION' ? 
r_chiral_restr               0.075  0.200  ? 94   'X-RAY DIFFRACTION' ? 
r_gen_planes_refined         0.005  0.020  ? 781  'X-RAY DIFFRACTION' ? 
r_gen_planes_other           0.001  0.020  ? 143  'X-RAY DIFFRACTION' ? 
r_nbd_refined                0.200  0.200  ? 179  'X-RAY DIFFRACTION' ? 
r_nbd_other                  0.178  0.200  ? 486  'X-RAY DIFFRACTION' ? 
r_nbtor_refined              0.192  0.200  ? 342  'X-RAY DIFFRACTION' ? 
r_nbtor_other                0.087  0.200  ? 342  'X-RAY DIFFRACTION' ? 
r_xyhbond_nbd_refined        0.221  0.200  ? 54   'X-RAY DIFFRACTION' ? 
r_xyhbond_nbd_other          ?      ?      ? ?    'X-RAY DIFFRACTION' ? 
r_metal_ion_refined          ?      ?      ? ?    'X-RAY DIFFRACTION' ? 
r_metal_ion_other            ?      ?      ? ?    'X-RAY DIFFRACTION' ? 
r_symmetry_vdw_refined       0.162  0.200  ? 8    'X-RAY DIFFRACTION' ? 
r_symmetry_vdw_other         0.299  0.200  ? 25   'X-RAY DIFFRACTION' ? 
r_symmetry_hbond_refined     0.303  0.200  ? 15   'X-RAY DIFFRACTION' ? 
r_symmetry_hbond_other       ?      ?      ? ?    'X-RAY DIFFRACTION' ? 
r_symmetry_metal_ion_refined ?      ?      ? ?    'X-RAY DIFFRACTION' ? 
r_symmetry_metal_ion_other   ?      ?      ? ?    'X-RAY DIFFRACTION' ? 
r_mcbond_it                  1.072  1.500  ? 502  'X-RAY DIFFRACTION' ? 
r_mcbond_other               0.193  1.500  ? 166  'X-RAY DIFFRACTION' ? 
r_mcangle_it                 1.221  2.000  ? 651  'X-RAY DIFFRACTION' ? 
r_scbond_it                  2.271  3.000  ? 315  'X-RAY DIFFRACTION' ? 
r_scangle_it                 3.187  4.500  ? 260  'X-RAY DIFFRACTION' ? 
r_rigid_bond_restr           ?      ?      ? ?    'X-RAY DIFFRACTION' ? 
r_sphericity_free            ?      ?      ? ?    'X-RAY DIFFRACTION' ? 
r_sphericity_bonded          ?      ?      ? ?    'X-RAY DIFFRACTION' ? 
# 
_refine_ls_shell.pdbx_total_number_of_bins_used   20 
_refine_ls_shell.d_res_high                       1.500 
_refine_ls_shell.d_res_low                        1.539 
_refine_ls_shell.number_reflns_R_work             742 
_refine_ls_shell.R_factor_R_work                  0.237 
_refine_ls_shell.percent_reflns_obs               87.21 
_refine_ls_shell.R_factor_R_free                  0.306 
_refine_ls_shell.R_factor_R_free_error            ? 
_refine_ls_shell.percent_reflns_R_free            ? 
_refine_ls_shell.number_reflns_R_free             49 
_refine_ls_shell.number_reflns_all                ? 
_refine_ls_shell.R_factor_all                     ? 
_refine_ls_shell.number_reflns_obs                ? 
_refine_ls_shell.redundancy_reflns_obs            ? 
_refine_ls_shell.pdbx_refine_id                   'X-RAY DIFFRACTION' 
# 
_struct.entry_id                  2I5U 
_struct.title                     
'Crystal structure of DnaD domain protein from Enterococcus faecalis. Structural genomics target APC85179' 
_struct.pdbx_model_details        ? 
_struct.pdbx_CASP_flag            ? 
_struct.pdbx_model_type_details   ? 
# 
_struct_keywords.entry_id        2I5U 
_struct_keywords.pdbx_keywords   'STRUCTURAL GENOMICS, UNKNOWN FUNCTION' 
_struct_keywords.text            
;DnaD domain protein, structural genomics, PSI-2, Protein Structure Initiative, Midwest Center for Structural Genomics, MCSG, UNKNOWN FUNCTION
;
# 
loop_
_struct_asym.id 
_struct_asym.pdbx_blank_PDB_chainid_flag 
_struct_asym.pdbx_modified 
_struct_asym.entity_id 
_struct_asym.details 
A N N 1 ? 
B N N 2 ? 
C N N 3 ? 
# 
_struct_ref.id                         1 
_struct_ref.db_name                    UNP 
_struct_ref.db_code                    Q830E8_ENTFA 
_struct_ref.pdbx_db_accession          Q830E8 
_struct_ref.entity_id                  1 
_struct_ref.pdbx_align_begin           158 
_struct_ref.pdbx_db_isoform            ? 
_struct_ref.pdbx_seq_one_letter_code   ? 
# 
_struct_ref_seq.align_id                      1 
_struct_ref_seq.ref_id                        1 
_struct_ref_seq.pdbx_PDB_id_code              2I5U 
_struct_ref_seq.pdbx_strand_id                A 
_struct_ref_seq.seq_align_beg                 4 
_struct_ref_seq.pdbx_seq_align_beg_ins_code   ? 
_struct_ref_seq.seq_align_end                 83 
_struct_ref_seq.pdbx_seq_align_end_ins_code   ? 
_struct_ref_seq.pdbx_db_accession             Q830E8 
_struct_ref_seq.db_align_beg                  158 
_struct_ref_seq.pdbx_db_align_beg_ins_code    ? 
_struct_ref_seq.db_align_end                  237 
_struct_ref_seq.pdbx_db_align_end_ins_code    ? 
_struct_ref_seq.pdbx_auth_seq_align_beg       2 
_struct_ref_seq.pdbx_auth_seq_align_end       81 
# 
loop_
_struct_ref_seq_dif.align_id 
_struct_ref_seq_dif.pdbx_pdb_id_code 
_struct_ref_seq_dif.mon_id 
_struct_ref_seq_dif.pdbx_pdb_strand_id 
_struct_ref_seq_dif.seq_num 
_struct_ref_seq_dif.pdbx_pdb_ins_code 
_struct_ref_seq_dif.pdbx_seq_db_name 
_struct_ref_seq_dif.pdbx_seq_db_accession_code 
_struct_ref_seq_dif.db_mon_id 
_struct_ref_seq_dif.pdbx_seq_db_seq_num 
_struct_ref_seq_dif.details 
_struct_ref_seq_dif.pdbx_auth_seq_num 
_struct_ref_seq_dif.pdbx_ordinal 
1 2I5U SER A 1  ? UNP Q830E8 ?   ?   'cloning artifact' -1 1 
1 2I5U ASN A 2  ? UNP Q830E8 ?   ?   'cloning artifact' 0  2 
1 2I5U ALA A 3  ? UNP Q830E8 ?   ?   'cloning artifact' 1  3 
1 2I5U MSE A 16 ? UNP Q830E8 MET 170 'modified residue' 14 4 
1 2I5U MSE A 21 ? UNP Q830E8 MET 175 'modified residue' 19 5 
# 
_pdbx_struct_assembly.id                   1 
_pdbx_struct_assembly.details              author_defined_assembly 
_pdbx_struct_assembly.method_details       ? 
_pdbx_struct_assembly.oligomeric_details   monomeric 
_pdbx_struct_assembly.oligomeric_count     1 
# 
_pdbx_struct_assembly_gen.assembly_id       1 
_pdbx_struct_assembly_gen.oper_expression   1 
_pdbx_struct_assembly_gen.asym_id_list      A,B,C 
# 
_pdbx_struct_oper_list.id                   1 
_pdbx_struct_oper_list.type                 'identity operation' 
_pdbx_struct_oper_list.name                 1_555 
_pdbx_struct_oper_list.symmetry_operation   x,y,z 
_pdbx_struct_oper_list.matrix[1][1]         1.0000000000 
_pdbx_struct_oper_list.matrix[1][2]         0.0000000000 
_pdbx_struct_oper_list.matrix[1][3]         0.0000000000 
_pdbx_struct_oper_list.vector[1]            0.0000000000 
_pdbx_struct_oper_list.matrix[2][1]         0.0000000000 
_pdbx_struct_oper_list.matrix[2][2]         1.0000000000 
_pdbx_struct_oper_list.matrix[2][3]         0.0000000000 
_pdbx_struct_oper_list.vector[2]            0.0000000000 
_pdbx_struct_oper_list.matrix[3][1]         0.0000000000 
_pdbx_struct_oper_list.matrix[3][2]         0.0000000000 
_pdbx_struct_oper_list.matrix[3][3]         1.0000000000 
_pdbx_struct_oper_list.vector[3]            0.0000000000 
# 
_struct_biol.id                    1 
_struct_biol.details               'This protein exists as monomer' 
_struct_biol.pdbx_parent_biol_id   ? 
# 
loop_
_struct_conf.conf_type_id 
_struct_conf.id 
_struct_conf.pdbx_PDB_helix_id 
_struct_conf.beg_label_comp_id 
_struct_conf.beg_label_asym_id 
_struct_conf.beg_label_seq_id 
_struct_conf.pdbx_beg_PDB_ins_code 
_struct_conf.end_label_comp_id 
_struct_conf.end_label_asym_id 
_struct_conf.end_label_seq_id 
_struct_conf.pdbx_end_PDB_ins_code 
_struct_conf.beg_auth_comp_id 
_struct_conf.beg_auth_asym_id 
_struct_conf.beg_auth_seq_id 
_struct_conf.end_auth_comp_id 
_struct_conf.end_auth_asym_id 
_struct_conf.end_auth_seq_id 
_struct_conf.pdbx_PDB_helix_class 
_struct_conf.details 
_struct_conf.pdbx_PDB_helix_length 
HELX_P HELX_P1 1 SER A 1  ? ASN A 10 ? SER A -1 ASN A 8  1 ? 10 
HELX_P HELX_P2 2 SER A 17 ? LYS A 33 ? SER A 15 LYS A 31 1 ? 17 
HELX_P HELX_P3 3 SER A 37 ? ASN A 56 ? SER A 35 ASN A 54 1 ? 20 
HELX_P HELX_P4 4 ASN A 59 ? GLY A 74 ? ASN A 57 GLY A 72 1 ? 16 
# 
_struct_conf_type.id          HELX_P 
_struct_conf_type.criteria    ? 
_struct_conf_type.reference   ? 
# 
loop_
_struct_conn.id 
_struct_conn.conn_type_id 
_struct_conn.pdbx_leaving_atom_flag 
_struct_conn.pdbx_PDB_id 
_struct_conn.ptnr1_label_asym_id 
_struct_conn.ptnr1_label_comp_id 
_struct_conn.ptnr1_label_seq_id 
_struct_conn.ptnr1_label_atom_id 
_struct_conn.pdbx_ptnr1_label_alt_id 
_struct_conn.pdbx_ptnr1_PDB_ins_code 
_struct_conn.pdbx_ptnr1_standard_comp_id 
_struct_conn.ptnr1_symmetry 
_struct_conn.ptnr2_label_asym_id 
_struct_conn.ptnr2_label_comp_id 
_struct_conn.ptnr2_label_seq_id 
_struct_conn.ptnr2_label_atom_id 
_struct_conn.pdbx_ptnr2_label_alt_id 
_struct_conn.pdbx_ptnr2_PDB_ins_code 
_struct_conn.ptnr1_auth_asym_id 
_struct_conn.ptnr1_auth_comp_id 
_struct_conn.ptnr1_auth_seq_id 
_struct_conn.ptnr2_auth_asym_id 
_struct_conn.ptnr2_auth_comp_id 
_struct_conn.ptnr2_auth_seq_id 
_struct_conn.ptnr2_symmetry 
_struct_conn.pdbx_ptnr3_label_atom_id 
_struct_conn.pdbx_ptnr3_label_seq_id 
_struct_conn.pdbx_ptnr3_label_comp_id 
_struct_conn.pdbx_ptnr3_label_asym_id 
_struct_conn.pdbx_ptnr3_label_alt_id 
_struct_conn.pdbx_ptnr3_PDB_ins_code 
_struct_conn.details 
_struct_conn.pdbx_dist_value 
_struct_conn.pdbx_value_order 
_struct_conn.pdbx_role 
covale1 covale both ? A LEU 15 C  ? ? ? 1_555 A MSE 16 N A ? A LEU 13  A MSE 14  1_555 ? ? ? ? ? ? ? 1.323 ? ? 
covale2 covale both ? A LEU 15 C  ? ? ? 1_555 A MSE 16 N B ? A LEU 13  A MSE 14  1_555 ? ? ? ? ? ? ? 1.323 ? ? 
covale3 covale both ? A MSE 16 C  ? ? ? 1_555 A SER 17 N ? ? A MSE 14  A SER 15  1_555 ? ? ? ? ? ? ? 1.321 ? ? 
covale4 covale both ? A THR 20 C  ? ? ? 1_555 A MSE 21 N ? ? A THR 18  A MSE 19  1_555 ? ? ? ? ? ? ? 1.337 ? ? 
covale5 covale both ? A MSE 21 C  ? ? ? 1_555 A THR 22 N ? ? A MSE 19  A THR 20  1_555 ? ? ? ? ? ? ? 1.326 ? ? 
metalc1 metalc ?    ? B MG  .  MG ? ? ? 1_555 C HOH .  O ? ? A MG  100 A HOH 113 1_555 ? ? ? ? ? ? ? 2.273 ? ? 
metalc2 metalc ?    ? B MG  .  MG ? ? ? 1_555 C HOH .  O ? ? A MG  100 A HOH 124 2_565 ? ? ? ? ? ? ? 2.170 ? ? 
metalc3 metalc ?    ? B MG  .  MG ? ? ? 1_555 C HOH .  O ? ? A MG  100 A HOH 127 1_555 ? ? ? ? ? ? ? 1.998 ? ? 
metalc4 metalc ?    ? B MG  .  MG ? ? ? 1_555 C HOH .  O ? ? A MG  100 A HOH 142 1_555 ? ? ? ? ? ? ? 2.034 ? ? 
# 
loop_
_struct_conn_type.id 
_struct_conn_type.criteria 
_struct_conn_type.reference 
covale ? ? 
metalc ? ? 
# 
loop_
_pdbx_struct_conn_angle.id 
_pdbx_struct_conn_angle.ptnr1_label_atom_id 
_pdbx_struct_conn_angle.ptnr1_label_alt_id 
_pdbx_struct_conn_angle.ptnr1_label_asym_id 
_pdbx_struct_conn_angle.ptnr1_label_comp_id 
_pdbx_struct_conn_angle.ptnr1_label_seq_id 
_pdbx_struct_conn_angle.ptnr1_auth_atom_id 
_pdbx_struct_conn_angle.ptnr1_auth_asym_id 
_pdbx_struct_conn_angle.ptnr1_auth_comp_id 
_pdbx_struct_conn_angle.ptnr1_auth_seq_id 
_pdbx_struct_conn_angle.ptnr1_PDB_ins_code 
_pdbx_struct_conn_angle.ptnr1_symmetry 
_pdbx_struct_conn_angle.ptnr2_label_atom_id 
_pdbx_struct_conn_angle.ptnr2_label_alt_id 
_pdbx_struct_conn_angle.ptnr2_label_asym_id 
_pdbx_struct_conn_angle.ptnr2_label_comp_id 
_pdbx_struct_conn_angle.ptnr2_label_seq_id 
_pdbx_struct_conn_angle.ptnr2_auth_atom_id 
_pdbx_struct_conn_angle.ptnr2_auth_asym_id 
_pdbx_struct_conn_angle.ptnr2_auth_comp_id 
_pdbx_struct_conn_angle.ptnr2_auth_seq_id 
_pdbx_struct_conn_angle.ptnr2_PDB_ins_code 
_pdbx_struct_conn_angle.ptnr2_symmetry 
_pdbx_struct_conn_angle.ptnr3_label_atom_id 
_pdbx_struct_conn_angle.ptnr3_label_alt_id 
_pdbx_struct_conn_angle.ptnr3_label_asym_id 
_pdbx_struct_conn_angle.ptnr3_label_comp_id 
_pdbx_struct_conn_angle.ptnr3_label_seq_id 
_pdbx_struct_conn_angle.ptnr3_auth_atom_id 
_pdbx_struct_conn_angle.ptnr3_auth_asym_id 
_pdbx_struct_conn_angle.ptnr3_auth_comp_id 
_pdbx_struct_conn_angle.ptnr3_auth_seq_id 
_pdbx_struct_conn_angle.ptnr3_PDB_ins_code 
_pdbx_struct_conn_angle.ptnr3_symmetry 
_pdbx_struct_conn_angle.value 
_pdbx_struct_conn_angle.value_esd 
1 O ? C HOH . ? A HOH 113 ? 1_555 MG ? B MG . ? A MG 100 ? 1_555 O ? C HOH . ? A HOH 124 ? 2_565 85.0  ? 
2 O ? C HOH . ? A HOH 113 ? 1_555 MG ? B MG . ? A MG 100 ? 1_555 O ? C HOH . ? A HOH 127 ? 1_555 91.8  ? 
3 O ? C HOH . ? A HOH 124 ? 2_565 MG ? B MG . ? A MG 100 ? 1_555 O ? C HOH . ? A HOH 127 ? 1_555 82.4  ? 
4 O ? C HOH . ? A HOH 113 ? 1_555 MG ? B MG . ? A MG 100 ? 1_555 O ? C HOH . ? A HOH 142 ? 1_555 89.0  ? 
5 O ? C HOH . ? A HOH 124 ? 2_565 MG ? B MG . ? A MG 100 ? 1_555 O ? C HOH . ? A HOH 142 ? 1_555 169.4 ? 
6 O ? C HOH . ? A HOH 127 ? 1_555 MG ? B MG . ? A MG 100 ? 1_555 O ? C HOH . ? A HOH 142 ? 1_555 89.1  ? 
# 
loop_
_pdbx_modification_feature.ordinal 
_pdbx_modification_feature.label_comp_id 
_pdbx_modification_feature.label_asym_id 
_pdbx_modification_feature.label_seq_id 
_pdbx_modification_feature.label_alt_id 
_pdbx_modification_feature.modified_residue_label_comp_id 
_pdbx_modification_feature.modified_residue_label_asym_id 
_pdbx_modification_feature.modified_residue_label_seq_id 
_pdbx_modification_feature.modified_residue_label_alt_id 
_pdbx_modification_feature.auth_comp_id 
_pdbx_modification_feature.auth_asym_id 
_pdbx_modification_feature.auth_seq_id 
_pdbx_modification_feature.PDB_ins_code 
_pdbx_modification_feature.symmetry 
_pdbx_modification_feature.modified_residue_auth_comp_id 
_pdbx_modification_feature.modified_residue_auth_asym_id 
_pdbx_modification_feature.modified_residue_auth_seq_id 
_pdbx_modification_feature.modified_residue_PDB_ins_code 
_pdbx_modification_feature.modified_residue_symmetry 
_pdbx_modification_feature.comp_id_linking_atom 
_pdbx_modification_feature.modified_residue_id_linking_atom 
_pdbx_modification_feature.modified_residue_id 
_pdbx_modification_feature.ref_pcm_id 
_pdbx_modification_feature.ref_comp_id 
_pdbx_modification_feature.type 
_pdbx_modification_feature.category 
1 MSE A 16 ? . . . . MSE A 14 ? 1_555 . . . . . . . MET 1 MSE Selenomethionine 'Named protein modification' 
2 MSE A 16 A . . . . MSE A 14 ? 1_555 . . . . . . . MET 1 MSE Selenomethionine 'Named protein modification' 
3 MSE A 16 B . . . . MSE A 14 ? 1_555 . . . . . . . MET 1 MSE Selenomethionine 'Named protein modification' 
4 MSE A 21 ? . . . . MSE A 19 ? 1_555 . . . . . . . MET 1 MSE Selenomethionine 'Named protein modification' 
# 
_struct_site.id                   AC1 
_struct_site.pdbx_evidence_code   Software 
_struct_site.pdbx_auth_asym_id    A 
_struct_site.pdbx_auth_comp_id    MG 
_struct_site.pdbx_auth_seq_id     100 
_struct_site.pdbx_auth_ins_code   ? 
_struct_site.pdbx_num_residues    4 
_struct_site.details              'BINDING SITE FOR RESIDUE MG A 100' 
# 
loop_
_struct_site_gen.id 
_struct_site_gen.site_id 
_struct_site_gen.pdbx_num_res 
_struct_site_gen.label_comp_id 
_struct_site_gen.label_asym_id 
_struct_site_gen.label_seq_id 
_struct_site_gen.pdbx_auth_ins_code 
_struct_site_gen.auth_comp_id 
_struct_site_gen.auth_asym_id 
_struct_site_gen.auth_seq_id 
_struct_site_gen.label_atom_id 
_struct_site_gen.label_alt_id 
_struct_site_gen.symmetry 
_struct_site_gen.details 
1 AC1 4 HOH C . ? HOH A 113 . ? 1_555 ? 
2 AC1 4 HOH C . ? HOH A 124 . ? 2_565 ? 
3 AC1 4 HOH C . ? HOH A 127 . ? 1_555 ? 
4 AC1 4 HOH C . ? HOH A 142 . ? 1_555 ? 
# 
_pdbx_entry_details.entry_id                   2I5U 
_pdbx_entry_details.compound_details           ? 
_pdbx_entry_details.source_details             ? 
_pdbx_entry_details.nonpolymer_details         ? 
_pdbx_entry_details.sequence_details           ? 
_pdbx_entry_details.has_ligand_of_interest     ? 
_pdbx_entry_details.has_protein_modification   Y 
# 
loop_
_pdbx_validate_close_contact.id 
_pdbx_validate_close_contact.PDB_model_num 
_pdbx_validate_close_contact.auth_atom_id_1 
_pdbx_validate_close_contact.auth_asym_id_1 
_pdbx_validate_close_contact.auth_comp_id_1 
_pdbx_validate_close_contact.auth_seq_id_1 
_pdbx_validate_close_contact.PDB_ins_code_1 
_pdbx_validate_close_contact.label_alt_id_1 
_pdbx_validate_close_contact.auth_atom_id_2 
_pdbx_validate_close_contact.auth_asym_id_2 
_pdbx_validate_close_contact.auth_comp_id_2 
_pdbx_validate_close_contact.auth_seq_id_2 
_pdbx_validate_close_contact.PDB_ins_code_2 
_pdbx_validate_close_contact.label_alt_id_2 
_pdbx_validate_close_contact.dist 
1 1 O   A HOH 132 ? ? O A HOH 178 ? ? 2.03 
2 1 O   A HOH 132 ? ? O A HOH 154 ? ? 2.09 
3 1 OE2 A GLU 40  ? ? O A HOH 146 ? ? 2.18 
# 
_pdbx_validate_symm_contact.id                1 
_pdbx_validate_symm_contact.PDB_model_num     1 
_pdbx_validate_symm_contact.auth_atom_id_1    OH 
_pdbx_validate_symm_contact.auth_asym_id_1    A 
_pdbx_validate_symm_contact.auth_comp_id_1    TYR 
_pdbx_validate_symm_contact.auth_seq_id_1     24 
_pdbx_validate_symm_contact.PDB_ins_code_1    ? 
_pdbx_validate_symm_contact.label_alt_id_1    ? 
_pdbx_validate_symm_contact.site_symmetry_1   1_555 
_pdbx_validate_symm_contact.auth_atom_id_2    OD1 
_pdbx_validate_symm_contact.auth_asym_id_2    A 
_pdbx_validate_symm_contact.auth_comp_id_2    ASP 
_pdbx_validate_symm_contact.auth_seq_id_2     67 
_pdbx_validate_symm_contact.PDB_ins_code_2    ? 
_pdbx_validate_symm_contact.label_alt_id_2    A 
_pdbx_validate_symm_contact.site_symmetry_2   2_565 
_pdbx_validate_symm_contact.dist              2.03 
# 
_pdbx_SG_project.id                    1 
_pdbx_SG_project.project_name          'PSI, Protein Structure Initiative' 
_pdbx_SG_project.full_name_of_center   'Midwest Center for Structural Genomics' 
_pdbx_SG_project.initial_of_center     MCSG 
# 
loop_
_pdbx_struct_mod_residue.id 
_pdbx_struct_mod_residue.label_asym_id 
_pdbx_struct_mod_residue.label_comp_id 
_pdbx_struct_mod_residue.label_seq_id 
_pdbx_struct_mod_residue.auth_asym_id 
_pdbx_struct_mod_residue.auth_comp_id 
_pdbx_struct_mod_residue.auth_seq_id 
_pdbx_struct_mod_residue.PDB_ins_code 
_pdbx_struct_mod_residue.parent_comp_id 
_pdbx_struct_mod_residue.details 
1 A MSE 16 A MSE 14 ? MET SELENOMETHIONINE 
2 A MSE 21 A MSE 19 ? MET SELENOMETHIONINE 
# 
loop_
_pdbx_refine_tls.id 
_pdbx_refine_tls.details 
_pdbx_refine_tls.method 
_pdbx_refine_tls.origin_x 
_pdbx_refine_tls.origin_y 
_pdbx_refine_tls.origin_z 
_pdbx_refine_tls.T[1][1] 
_pdbx_refine_tls.T[2][2] 
_pdbx_refine_tls.T[3][3] 
_pdbx_refine_tls.T[1][2] 
_pdbx_refine_tls.T[1][3] 
_pdbx_refine_tls.T[2][3] 
_pdbx_refine_tls.L[1][1] 
_pdbx_refine_tls.L[2][2] 
_pdbx_refine_tls.L[3][3] 
_pdbx_refine_tls.L[1][2] 
_pdbx_refine_tls.L[1][3] 
_pdbx_refine_tls.L[2][3] 
_pdbx_refine_tls.S[1][1] 
_pdbx_refine_tls.S[1][2] 
_pdbx_refine_tls.S[1][3] 
_pdbx_refine_tls.S[2][1] 
_pdbx_refine_tls.S[2][2] 
_pdbx_refine_tls.S[2][3] 
_pdbx_refine_tls.S[3][1] 
_pdbx_refine_tls.S[3][2] 
_pdbx_refine_tls.S[3][3] 
_pdbx_refine_tls.pdbx_refine_id 
1 ? refined -4.1380 -1.1790 -2.6064 0.0407 -0.0380 -0.0392 -0.0184 0.0209  0.0045 0.7366 2.4278 2.4264 0.4856 -0.1478 -0.9937 0.0764 -0.0702 0.0679  0.1814 -0.0427 0.2338  0.1840 -0.1040 -0.0337 'X-RAY DIFFRACTION' 
2 ? refined 3.9829  1.0597  2.0828  0.0299 -0.0282 -0.0373 0.0108  -0.0262 0.0071 1.3596 3.4655 2.6797 0.7479 -0.5054 -0.8226 0.0995 -0.1295 -0.0006 0.4370 0.0012  -0.0646 0.0575 0.1862  -0.1007 'X-RAY DIFFRACTION' 
# 
loop_
_pdbx_refine_tls_group.id 
_pdbx_refine_tls_group.refine_tls_id 
_pdbx_refine_tls_group.beg_auth_asym_id 
_pdbx_refine_tls_group.beg_auth_seq_id 
_pdbx_refine_tls_group.beg_label_asym_id 
_pdbx_refine_tls_group.beg_label_seq_id 
_pdbx_refine_tls_group.end_auth_asym_id 
_pdbx_refine_tls_group.end_auth_seq_id 
_pdbx_refine_tls_group.end_label_asym_id 
_pdbx_refine_tls_group.end_label_seq_id 
_pdbx_refine_tls_group.selection 
_pdbx_refine_tls_group.pdbx_refine_id 
_pdbx_refine_tls_group.selection_details 
1 1 A -1 A 1  A 33 A 35 ? 'X-RAY DIFFRACTION' ? 
2 2 A 34 A 36 A 75 A 77 ? 'X-RAY DIFFRACTION' ? 
# 
loop_
_pdbx_unobs_or_zero_occ_residues.id 
_pdbx_unobs_or_zero_occ_residues.PDB_model_num 
_pdbx_unobs_or_zero_occ_residues.polymer_flag 
_pdbx_unobs_or_zero_occ_residues.occupancy_flag 
_pdbx_unobs_or_zero_occ_residues.auth_asym_id 
_pdbx_unobs_or_zero_occ_residues.auth_comp_id 
_pdbx_unobs_or_zero_occ_residues.auth_seq_id 
_pdbx_unobs_or_zero_occ_residues.PDB_ins_code 
_pdbx_unobs_or_zero_occ_residues.label_asym_id 
_pdbx_unobs_or_zero_occ_residues.label_comp_id 
_pdbx_unobs_or_zero_occ_residues.label_seq_id 
1 1 Y 1 A VAL 76 ? A VAL 78 
2 1 Y 1 A GLU 77 ? A GLU 79 
3 1 Y 1 A GLU 78 ? A GLU 80 
4 1 Y 1 A ARG 79 ? A ARG 81 
5 1 Y 1 A GLU 80 ? A GLU 82 
6 1 Y 1 A ALA 81 ? A ALA 83 
# 
loop_
_chem_comp_atom.comp_id 
_chem_comp_atom.atom_id 
_chem_comp_atom.type_symbol 
_chem_comp_atom.pdbx_aromatic_flag 
_chem_comp_atom.pdbx_stereo_config 
_chem_comp_atom.pdbx_ordinal 
ALA N    N  N N 1   
ALA CA   C  N S 2   
ALA C    C  N N 3   
ALA O    O  N N 4   
ALA CB   C  N N 5   
ALA OXT  O  N N 6   
ALA H    H  N N 7   
ALA H2   H  N N 8   
ALA HA   H  N N 9   
ALA HB1  H  N N 10  
ALA HB2  H  N N 11  
ALA HB3  H  N N 12  
ALA HXT  H  N N 13  
ARG N    N  N N 14  
ARG CA   C  N S 15  
ARG C    C  N N 16  
ARG O    O  N N 17  
ARG CB   C  N N 18  
ARG CG   C  N N 19  
ARG CD   C  N N 20  
ARG NE   N  N N 21  
ARG CZ   C  N N 22  
ARG NH1  N  N N 23  
ARG NH2  N  N N 24  
ARG OXT  O  N N 25  
ARG H    H  N N 26  
ARG H2   H  N N 27  
ARG HA   H  N N 28  
ARG HB2  H  N N 29  
ARG HB3  H  N N 30  
ARG HG2  H  N N 31  
ARG HG3  H  N N 32  
ARG HD2  H  N N 33  
ARG HD3  H  N N 34  
ARG HE   H  N N 35  
ARG HH11 H  N N 36  
ARG HH12 H  N N 37  
ARG HH21 H  N N 38  
ARG HH22 H  N N 39  
ARG HXT  H  N N 40  
ASN N    N  N N 41  
ASN CA   C  N S 42  
ASN C    C  N N 43  
ASN O    O  N N 44  
ASN CB   C  N N 45  
ASN CG   C  N N 46  
ASN OD1  O  N N 47  
ASN ND2  N  N N 48  
ASN OXT  O  N N 49  
ASN H    H  N N 50  
ASN H2   H  N N 51  
ASN HA   H  N N 52  
ASN HB2  H  N N 53  
ASN HB3  H  N N 54  
ASN HD21 H  N N 55  
ASN HD22 H  N N 56  
ASN HXT  H  N N 57  
ASP N    N  N N 58  
ASP CA   C  N S 59  
ASP C    C  N N 60  
ASP O    O  N N 61  
ASP CB   C  N N 62  
ASP CG   C  N N 63  
ASP OD1  O  N N 64  
ASP OD2  O  N N 65  
ASP OXT  O  N N 66  
ASP H    H  N N 67  
ASP H2   H  N N 68  
ASP HA   H  N N 69  
ASP HB2  H  N N 70  
ASP HB3  H  N N 71  
ASP HD2  H  N N 72  
ASP HXT  H  N N 73  
GLN N    N  N N 74  
GLN CA   C  N S 75  
GLN C    C  N N 76  
GLN O    O  N N 77  
GLN CB   C  N N 78  
GLN CG   C  N N 79  
GLN CD   C  N N 80  
GLN OE1  O  N N 81  
GLN NE2  N  N N 82  
GLN OXT  O  N N 83  
GLN H    H  N N 84  
GLN H2   H  N N 85  
GLN HA   H  N N 86  
GLN HB2  H  N N 87  
GLN HB3  H  N N 88  
GLN HG2  H  N N 89  
GLN HG3  H  N N 90  
GLN HE21 H  N N 91  
GLN HE22 H  N N 92  
GLN HXT  H  N N 93  
GLU N    N  N N 94  
GLU CA   C  N S 95  
GLU C    C  N N 96  
GLU O    O  N N 97  
GLU CB   C  N N 98  
GLU CG   C  N N 99  
GLU CD   C  N N 100 
GLU OE1  O  N N 101 
GLU OE2  O  N N 102 
GLU OXT  O  N N 103 
GLU H    H  N N 104 
GLU H2   H  N N 105 
GLU HA   H  N N 106 
GLU HB2  H  N N 107 
GLU HB3  H  N N 108 
GLU HG2  H  N N 109 
GLU HG3  H  N N 110 
GLU HE2  H  N N 111 
GLU HXT  H  N N 112 
GLY N    N  N N 113 
GLY CA   C  N N 114 
GLY C    C  N N 115 
GLY O    O  N N 116 
GLY OXT  O  N N 117 
GLY H    H  N N 118 
GLY H2   H  N N 119 
GLY HA2  H  N N 120 
GLY HA3  H  N N 121 
GLY HXT  H  N N 122 
HOH O    O  N N 123 
HOH H1   H  N N 124 
HOH H2   H  N N 125 
ILE N    N  N N 126 
ILE CA   C  N S 127 
ILE C    C  N N 128 
ILE O    O  N N 129 
ILE CB   C  N S 130 
ILE CG1  C  N N 131 
ILE CG2  C  N N 132 
ILE CD1  C  N N 133 
ILE OXT  O  N N 134 
ILE H    H  N N 135 
ILE H2   H  N N 136 
ILE HA   H  N N 137 
ILE HB   H  N N 138 
ILE HG12 H  N N 139 
ILE HG13 H  N N 140 
ILE HG21 H  N N 141 
ILE HG22 H  N N 142 
ILE HG23 H  N N 143 
ILE HD11 H  N N 144 
ILE HD12 H  N N 145 
ILE HD13 H  N N 146 
ILE HXT  H  N N 147 
LEU N    N  N N 148 
LEU CA   C  N S 149 
LEU C    C  N N 150 
LEU O    O  N N 151 
LEU CB   C  N N 152 
LEU CG   C  N N 153 
LEU CD1  C  N N 154 
LEU CD2  C  N N 155 
LEU OXT  O  N N 156 
LEU H    H  N N 157 
LEU H2   H  N N 158 
LEU HA   H  N N 159 
LEU HB2  H  N N 160 
LEU HB3  H  N N 161 
LEU HG   H  N N 162 
LEU HD11 H  N N 163 
LEU HD12 H  N N 164 
LEU HD13 H  N N 165 
LEU HD21 H  N N 166 
LEU HD22 H  N N 167 
LEU HD23 H  N N 168 
LEU HXT  H  N N 169 
LYS N    N  N N 170 
LYS CA   C  N S 171 
LYS C    C  N N 172 
LYS O    O  N N 173 
LYS CB   C  N N 174 
LYS CG   C  N N 175 
LYS CD   C  N N 176 
LYS CE   C  N N 177 
LYS NZ   N  N N 178 
LYS OXT  O  N N 179 
LYS H    H  N N 180 
LYS H2   H  N N 181 
LYS HA   H  N N 182 
LYS HB2  H  N N 183 
LYS HB3  H  N N 184 
LYS HG2  H  N N 185 
LYS HG3  H  N N 186 
LYS HD2  H  N N 187 
LYS HD3  H  N N 188 
LYS HE2  H  N N 189 
LYS HE3  H  N N 190 
LYS HZ1  H  N N 191 
LYS HZ2  H  N N 192 
LYS HZ3  H  N N 193 
LYS HXT  H  N N 194 
MET N    N  N N 195 
MET CA   C  N S 196 
MET C    C  N N 197 
MET O    O  N N 198 
MET CB   C  N N 199 
MET CG   C  N N 200 
MET SD   S  N N 201 
MET CE   C  N N 202 
MET OXT  O  N N 203 
MET H    H  N N 204 
MET H2   H  N N 205 
MET HA   H  N N 206 
MET HB2  H  N N 207 
MET HB3  H  N N 208 
MET HG2  H  N N 209 
MET HG3  H  N N 210 
MET HE1  H  N N 211 
MET HE2  H  N N 212 
MET HE3  H  N N 213 
MET HXT  H  N N 214 
MG  MG   MG N N 215 
MSE N    N  N N 216 
MSE CA   C  N S 217 
MSE C    C  N N 218 
MSE O    O  N N 219 
MSE OXT  O  N N 220 
MSE CB   C  N N 221 
MSE CG   C  N N 222 
MSE SE   SE N N 223 
MSE CE   C  N N 224 
MSE H    H  N N 225 
MSE H2   H  N N 226 
MSE HA   H  N N 227 
MSE HXT  H  N N 228 
MSE HB2  H  N N 229 
MSE HB3  H  N N 230 
MSE HG2  H  N N 231 
MSE HG3  H  N N 232 
MSE HE1  H  N N 233 
MSE HE2  H  N N 234 
MSE HE3  H  N N 235 
PHE N    N  N N 236 
PHE CA   C  N S 237 
PHE C    C  N N 238 
PHE O    O  N N 239 
PHE CB   C  N N 240 
PHE CG   C  Y N 241 
PHE CD1  C  Y N 242 
PHE CD2  C  Y N 243 
PHE CE1  C  Y N 244 
PHE CE2  C  Y N 245 
PHE CZ   C  Y N 246 
PHE OXT  O  N N 247 
PHE H    H  N N 248 
PHE H2   H  N N 249 
PHE HA   H  N N 250 
PHE HB2  H  N N 251 
PHE HB3  H  N N 252 
PHE HD1  H  N N 253 
PHE HD2  H  N N 254 
PHE HE1  H  N N 255 
PHE HE2  H  N N 256 
PHE HZ   H  N N 257 
PHE HXT  H  N N 258 
SER N    N  N N 259 
SER CA   C  N S 260 
SER C    C  N N 261 
SER O    O  N N 262 
SER CB   C  N N 263 
SER OG   O  N N 264 
SER OXT  O  N N 265 
SER H    H  N N 266 
SER H2   H  N N 267 
SER HA   H  N N 268 
SER HB2  H  N N 269 
SER HB3  H  N N 270 
SER HG   H  N N 271 
SER HXT  H  N N 272 
THR N    N  N N 273 
THR CA   C  N S 274 
THR C    C  N N 275 
THR O    O  N N 276 
THR CB   C  N R 277 
THR OG1  O  N N 278 
THR CG2  C  N N 279 
THR OXT  O  N N 280 
THR H    H  N N 281 
THR H2   H  N N 282 
THR HA   H  N N 283 
THR HB   H  N N 284 
THR HG1  H  N N 285 
THR HG21 H  N N 286 
THR HG22 H  N N 287 
THR HG23 H  N N 288 
THR HXT  H  N N 289 
TRP N    N  N N 290 
TRP CA   C  N S 291 
TRP C    C  N N 292 
TRP O    O  N N 293 
TRP CB   C  N N 294 
TRP CG   C  Y N 295 
TRP CD1  C  Y N 296 
TRP CD2  C  Y N 297 
TRP NE1  N  Y N 298 
TRP CE2  C  Y N 299 
TRP CE3  C  Y N 300 
TRP CZ2  C  Y N 301 
TRP CZ3  C  Y N 302 
TRP CH2  C  Y N 303 
TRP OXT  O  N N 304 
TRP H    H  N N 305 
TRP H2   H  N N 306 
TRP HA   H  N N 307 
TRP HB2  H  N N 308 
TRP HB3  H  N N 309 
TRP HD1  H  N N 310 
TRP HE1  H  N N 311 
TRP HE3  H  N N 312 
TRP HZ2  H  N N 313 
TRP HZ3  H  N N 314 
TRP HH2  H  N N 315 
TRP HXT  H  N N 316 
TYR N    N  N N 317 
TYR CA   C  N S 318 
TYR C    C  N N 319 
TYR O    O  N N 320 
TYR CB   C  N N 321 
TYR CG   C  Y N 322 
TYR CD1  C  Y N 323 
TYR CD2  C  Y N 324 
TYR CE1  C  Y N 325 
TYR CE2  C  Y N 326 
TYR CZ   C  Y N 327 
TYR OH   O  N N 328 
TYR OXT  O  N N 329 
TYR H    H  N N 330 
TYR H2   H  N N 331 
TYR HA   H  N N 332 
TYR HB2  H  N N 333 
TYR HB3  H  N N 334 
TYR HD1  H  N N 335 
TYR HD2  H  N N 336 
TYR HE1  H  N N 337 
TYR HE2  H  N N 338 
TYR HH   H  N N 339 
TYR HXT  H  N N 340 
VAL N    N  N N 341 
VAL CA   C  N S 342 
VAL C    C  N N 343 
VAL O    O  N N 344 
VAL CB   C  N N 345 
VAL CG1  C  N N 346 
VAL CG2  C  N N 347 
VAL OXT  O  N N 348 
VAL H    H  N N 349 
VAL H2   H  N N 350 
VAL HA   H  N N 351 
VAL HB   H  N N 352 
VAL HG11 H  N N 353 
VAL HG12 H  N N 354 
VAL HG13 H  N N 355 
VAL HG21 H  N N 356 
VAL HG22 H  N N 357 
VAL HG23 H  N N 358 
VAL HXT  H  N N 359 
# 
loop_
_chem_comp_bond.comp_id 
_chem_comp_bond.atom_id_1 
_chem_comp_bond.atom_id_2 
_chem_comp_bond.value_order 
_chem_comp_bond.pdbx_aromatic_flag 
_chem_comp_bond.pdbx_stereo_config 
_chem_comp_bond.pdbx_ordinal 
ALA N   CA   sing N N 1   
ALA N   H    sing N N 2   
ALA N   H2   sing N N 3   
ALA CA  C    sing N N 4   
ALA CA  CB   sing N N 5   
ALA CA  HA   sing N N 6   
ALA C   O    doub N N 7   
ALA C   OXT  sing N N 8   
ALA CB  HB1  sing N N 9   
ALA CB  HB2  sing N N 10  
ALA CB  HB3  sing N N 11  
ALA OXT HXT  sing N N 12  
ARG N   CA   sing N N 13  
ARG N   H    sing N N 14  
ARG N   H2   sing N N 15  
ARG CA  C    sing N N 16  
ARG CA  CB   sing N N 17  
ARG CA  HA   sing N N 18  
ARG C   O    doub N N 19  
ARG C   OXT  sing N N 20  
ARG CB  CG   sing N N 21  
ARG CB  HB2  sing N N 22  
ARG CB  HB3  sing N N 23  
ARG CG  CD   sing N N 24  
ARG CG  HG2  sing N N 25  
ARG CG  HG3  sing N N 26  
ARG CD  NE   sing N N 27  
ARG CD  HD2  sing N N 28  
ARG CD  HD3  sing N N 29  
ARG NE  CZ   sing N N 30  
ARG NE  HE   sing N N 31  
ARG CZ  NH1  sing N N 32  
ARG CZ  NH2  doub N N 33  
ARG NH1 HH11 sing N N 34  
ARG NH1 HH12 sing N N 35  
ARG NH2 HH21 sing N N 36  
ARG NH2 HH22 sing N N 37  
ARG OXT HXT  sing N N 38  
ASN N   CA   sing N N 39  
ASN N   H    sing N N 40  
ASN N   H2   sing N N 41  
ASN CA  C    sing N N 42  
ASN CA  CB   sing N N 43  
ASN CA  HA   sing N N 44  
ASN C   O    doub N N 45  
ASN C   OXT  sing N N 46  
ASN CB  CG   sing N N 47  
ASN CB  HB2  sing N N 48  
ASN CB  HB3  sing N N 49  
ASN CG  OD1  doub N N 50  
ASN CG  ND2  sing N N 51  
ASN ND2 HD21 sing N N 52  
ASN ND2 HD22 sing N N 53  
ASN OXT HXT  sing N N 54  
ASP N   CA   sing N N 55  
ASP N   H    sing N N 56  
ASP N   H2   sing N N 57  
ASP CA  C    sing N N 58  
ASP CA  CB   sing N N 59  
ASP CA  HA   sing N N 60  
ASP C   O    doub N N 61  
ASP C   OXT  sing N N 62  
ASP CB  CG   sing N N 63  
ASP CB  HB2  sing N N 64  
ASP CB  HB3  sing N N 65  
ASP CG  OD1  doub N N 66  
ASP CG  OD2  sing N N 67  
ASP OD2 HD2  sing N N 68  
ASP OXT HXT  sing N N 69  
GLN N   CA   sing N N 70  
GLN N   H    sing N N 71  
GLN N   H2   sing N N 72  
GLN CA  C    sing N N 73  
GLN CA  CB   sing N N 74  
GLN CA  HA   sing N N 75  
GLN C   O    doub N N 76  
GLN C   OXT  sing N N 77  
GLN CB  CG   sing N N 78  
GLN CB  HB2  sing N N 79  
GLN CB  HB3  sing N N 80  
GLN CG  CD   sing N N 81  
GLN CG  HG2  sing N N 82  
GLN CG  HG3  sing N N 83  
GLN CD  OE1  doub N N 84  
GLN CD  NE2  sing N N 85  
GLN NE2 HE21 sing N N 86  
GLN NE2 HE22 sing N N 87  
GLN OXT HXT  sing N N 88  
GLU N   CA   sing N N 89  
GLU N   H    sing N N 90  
GLU N   H2   sing N N 91  
GLU CA  C    sing N N 92  
GLU CA  CB   sing N N 93  
GLU CA  HA   sing N N 94  
GLU C   O    doub N N 95  
GLU C   OXT  sing N N 96  
GLU CB  CG   sing N N 97  
GLU CB  HB2  sing N N 98  
GLU CB  HB3  sing N N 99  
GLU CG  CD   sing N N 100 
GLU CG  HG2  sing N N 101 
GLU CG  HG3  sing N N 102 
GLU CD  OE1  doub N N 103 
GLU CD  OE2  sing N N 104 
GLU OE2 HE2  sing N N 105 
GLU OXT HXT  sing N N 106 
GLY N   CA   sing N N 107 
GLY N   H    sing N N 108 
GLY N   H2   sing N N 109 
GLY CA  C    sing N N 110 
GLY CA  HA2  sing N N 111 
GLY CA  HA3  sing N N 112 
GLY C   O    doub N N 113 
GLY C   OXT  sing N N 114 
GLY OXT HXT  sing N N 115 
HOH O   H1   sing N N 116 
HOH O   H2   sing N N 117 
ILE N   CA   sing N N 118 
ILE N   H    sing N N 119 
ILE N   H2   sing N N 120 
ILE CA  C    sing N N 121 
ILE CA  CB   sing N N 122 
ILE CA  HA   sing N N 123 
ILE C   O    doub N N 124 
ILE C   OXT  sing N N 125 
ILE CB  CG1  sing N N 126 
ILE CB  CG2  sing N N 127 
ILE CB  HB   sing N N 128 
ILE CG1 CD1  sing N N 129 
ILE CG1 HG12 sing N N 130 
ILE CG1 HG13 sing N N 131 
ILE CG2 HG21 sing N N 132 
ILE CG2 HG22 sing N N 133 
ILE CG2 HG23 sing N N 134 
ILE CD1 HD11 sing N N 135 
ILE CD1 HD12 sing N N 136 
ILE CD1 HD13 sing N N 137 
ILE OXT HXT  sing N N 138 
LEU N   CA   sing N N 139 
LEU N   H    sing N N 140 
LEU N   H2   sing N N 141 
LEU CA  C    sing N N 142 
LEU CA  CB   sing N N 143 
LEU CA  HA   sing N N 144 
LEU C   O    doub N N 145 
LEU C   OXT  sing N N 146 
LEU CB  CG   sing N N 147 
LEU CB  HB2  sing N N 148 
LEU CB  HB3  sing N N 149 
LEU CG  CD1  sing N N 150 
LEU CG  CD2  sing N N 151 
LEU CG  HG   sing N N 152 
LEU CD1 HD11 sing N N 153 
LEU CD1 HD12 sing N N 154 
LEU CD1 HD13 sing N N 155 
LEU CD2 HD21 sing N N 156 
LEU CD2 HD22 sing N N 157 
LEU CD2 HD23 sing N N 158 
LEU OXT HXT  sing N N 159 
LYS N   CA   sing N N 160 
LYS N   H    sing N N 161 
LYS N   H2   sing N N 162 
LYS CA  C    sing N N 163 
LYS CA  CB   sing N N 164 
LYS CA  HA   sing N N 165 
LYS C   O    doub N N 166 
LYS C   OXT  sing N N 167 
LYS CB  CG   sing N N 168 
LYS CB  HB2  sing N N 169 
LYS CB  HB3  sing N N 170 
LYS CG  CD   sing N N 171 
LYS CG  HG2  sing N N 172 
LYS CG  HG3  sing N N 173 
LYS CD  CE   sing N N 174 
LYS CD  HD2  sing N N 175 
LYS CD  HD3  sing N N 176 
LYS CE  NZ   sing N N 177 
LYS CE  HE2  sing N N 178 
LYS CE  HE3  sing N N 179 
LYS NZ  HZ1  sing N N 180 
LYS NZ  HZ2  sing N N 181 
LYS NZ  HZ3  sing N N 182 
LYS OXT HXT  sing N N 183 
MET N   CA   sing N N 184 
MET N   H    sing N N 185 
MET N   H2   sing N N 186 
MET CA  C    sing N N 187 
MET CA  CB   sing N N 188 
MET CA  HA   sing N N 189 
MET C   O    doub N N 190 
MET C   OXT  sing N N 191 
MET CB  CG   sing N N 192 
MET CB  HB2  sing N N 193 
MET CB  HB3  sing N N 194 
MET CG  SD   sing N N 195 
MET CG  HG2  sing N N 196 
MET CG  HG3  sing N N 197 
MET SD  CE   sing N N 198 
MET CE  HE1  sing N N 199 
MET CE  HE2  sing N N 200 
MET CE  HE3  sing N N 201 
MET OXT HXT  sing N N 202 
MSE N   CA   sing N N 203 
MSE N   H    sing N N 204 
MSE N   H2   sing N N 205 
MSE CA  C    sing N N 206 
MSE CA  CB   sing N N 207 
MSE CA  HA   sing N N 208 
MSE C   O    doub N N 209 
MSE C   OXT  sing N N 210 
MSE OXT HXT  sing N N 211 
MSE CB  CG   sing N N 212 
MSE CB  HB2  sing N N 213 
MSE CB  HB3  sing N N 214 
MSE CG  SE   sing N N 215 
MSE CG  HG2  sing N N 216 
MSE CG  HG3  sing N N 217 
MSE SE  CE   sing N N 218 
MSE CE  HE1  sing N N 219 
MSE CE  HE2  sing N N 220 
MSE CE  HE3  sing N N 221 
PHE N   CA   sing N N 222 
PHE N   H    sing N N 223 
PHE N   H2   sing N N 224 
PHE CA  C    sing N N 225 
PHE CA  CB   sing N N 226 
PHE CA  HA   sing N N 227 
PHE C   O    doub N N 228 
PHE C   OXT  sing N N 229 
PHE CB  CG   sing N N 230 
PHE CB  HB2  sing N N 231 
PHE CB  HB3  sing N N 232 
PHE CG  CD1  doub Y N 233 
PHE CG  CD2  sing Y N 234 
PHE CD1 CE1  sing Y N 235 
PHE CD1 HD1  sing N N 236 
PHE CD2 CE2  doub Y N 237 
PHE CD2 HD2  sing N N 238 
PHE CE1 CZ   doub Y N 239 
PHE CE1 HE1  sing N N 240 
PHE CE2 CZ   sing Y N 241 
PHE CE2 HE2  sing N N 242 
PHE CZ  HZ   sing N N 243 
PHE OXT HXT  sing N N 244 
SER N   CA   sing N N 245 
SER N   H    sing N N 246 
SER N   H2   sing N N 247 
SER CA  C    sing N N 248 
SER CA  CB   sing N N 249 
SER CA  HA   sing N N 250 
SER C   O    doub N N 251 
SER C   OXT  sing N N 252 
SER CB  OG   sing N N 253 
SER CB  HB2  sing N N 254 
SER CB  HB3  sing N N 255 
SER OG  HG   sing N N 256 
SER OXT HXT  sing N N 257 
THR N   CA   sing N N 258 
THR N   H    sing N N 259 
THR N   H2   sing N N 260 
THR CA  C    sing N N 261 
THR CA  CB   sing N N 262 
THR CA  HA   sing N N 263 
THR C   O    doub N N 264 
THR C   OXT  sing N N 265 
THR CB  OG1  sing N N 266 
THR CB  CG2  sing N N 267 
THR CB  HB   sing N N 268 
THR OG1 HG1  sing N N 269 
THR CG2 HG21 sing N N 270 
THR CG2 HG22 sing N N 271 
THR CG2 HG23 sing N N 272 
THR OXT HXT  sing N N 273 
TRP N   CA   sing N N 274 
TRP N   H    sing N N 275 
TRP N   H2   sing N N 276 
TRP CA  C    sing N N 277 
TRP CA  CB   sing N N 278 
TRP CA  HA   sing N N 279 
TRP C   O    doub N N 280 
TRP C   OXT  sing N N 281 
TRP CB  CG   sing N N 282 
TRP CB  HB2  sing N N 283 
TRP CB  HB3  sing N N 284 
TRP CG  CD1  doub Y N 285 
TRP CG  CD2  sing Y N 286 
TRP CD1 NE1  sing Y N 287 
TRP CD1 HD1  sing N N 288 
TRP CD2 CE2  doub Y N 289 
TRP CD2 CE3  sing Y N 290 
TRP NE1 CE2  sing Y N 291 
TRP NE1 HE1  sing N N 292 
TRP CE2 CZ2  sing Y N 293 
TRP CE3 CZ3  doub Y N 294 
TRP CE3 HE3  sing N N 295 
TRP CZ2 CH2  doub Y N 296 
TRP CZ2 HZ2  sing N N 297 
TRP CZ3 CH2  sing Y N 298 
TRP CZ3 HZ3  sing N N 299 
TRP CH2 HH2  sing N N 300 
TRP OXT HXT  sing N N 301 
TYR N   CA   sing N N 302 
TYR N   H    sing N N 303 
TYR N   H2   sing N N 304 
TYR CA  C    sing N N 305 
TYR CA  CB   sing N N 306 
TYR CA  HA   sing N N 307 
TYR C   O    doub N N 308 
TYR C   OXT  sing N N 309 
TYR CB  CG   sing N N 310 
TYR CB  HB2  sing N N 311 
TYR CB  HB3  sing N N 312 
TYR CG  CD1  doub Y N 313 
TYR CG  CD2  sing Y N 314 
TYR CD1 CE1  sing Y N 315 
TYR CD1 HD1  sing N N 316 
TYR CD2 CE2  doub Y N 317 
TYR CD2 HD2  sing N N 318 
TYR CE1 CZ   doub Y N 319 
TYR CE1 HE1  sing N N 320 
TYR CE2 CZ   sing Y N 321 
TYR CE2 HE2  sing N N 322 
TYR CZ  OH   sing N N 323 
TYR OH  HH   sing N N 324 
TYR OXT HXT  sing N N 325 
VAL N   CA   sing N N 326 
VAL N   H    sing N N 327 
VAL N   H2   sing N N 328 
VAL CA  C    sing N N 329 
VAL CA  CB   sing N N 330 
VAL CA  HA   sing N N 331 
VAL C   O    doub N N 332 
VAL C   OXT  sing N N 333 
VAL CB  CG1  sing N N 334 
VAL CB  CG2  sing N N 335 
VAL CB  HB   sing N N 336 
VAL CG1 HG11 sing N N 337 
VAL CG1 HG12 sing N N 338 
VAL CG1 HG13 sing N N 339 
VAL CG2 HG21 sing N N 340 
VAL CG2 HG22 sing N N 341 
VAL CG2 HG23 sing N N 342 
VAL OXT HXT  sing N N 343 
# 
_atom_sites.entry_id                    2I5U 
_atom_sites.fract_transf_matrix[1][1]   0.00433315 
_atom_sites.fract_transf_matrix[1][2]   0.01489566 
_atom_sites.fract_transf_matrix[1][3]   -0.01339205 
_atom_sites.fract_transf_matrix[2][1]   0.00561871 
_atom_sites.fract_transf_matrix[2][2]   -0.01405561 
_atom_sites.fract_transf_matrix[2][3]   -0.01381572 
_atom_sites.fract_transf_matrix[3][1]   -0.02860614 
_atom_sites.fract_transf_matrix[3][2]   -0.00111661 
_atom_sites.fract_transf_matrix[3][3]   -0.01049782 
_atom_sites.fract_transf_vector[1]      0.156977 
_atom_sites.fract_transf_vector[2]      0.345567 
_atom_sites.fract_transf_vector[3]      0.621319 
# 
loop_
_atom_type.symbol 
C  
MG 
N  
O  
SE 
# 
loop_
_atom_site.group_PDB 
_atom_site.id 
_atom_site.type_symbol 
_atom_site.label_atom_id 
_atom_site.label_alt_id 
_atom_site.label_comp_id 
_atom_site.label_asym_id 
_atom_site.label_entity_id 
_atom_site.label_seq_id 
_atom_site.pdbx_PDB_ins_code 
_atom_site.Cartn_x 
_atom_site.Cartn_y 
_atom_site.Cartn_z 
_atom_site.occupancy 
_atom_site.B_iso_or_equiv 
_atom_site.pdbx_formal_charge 
_atom_site.auth_seq_id 
_atom_site.auth_comp_id 
_atom_site.auth_asym_id 
_atom_site.auth_atom_id 
_atom_site.pdbx_PDB_model_num 
ATOM   1   N  N   . SER A 1 1  ? -10.755 0.577   0.973   1.00 34.35  ? -1  SER A N   1 
ATOM   2   C  CA  . SER A 1 1  ? -10.028 0.636   -0.322  1.00 33.96  ? -1  SER A CA  1 
ATOM   3   C  C   . SER A 1 1  ? -10.163 2.008   -0.983  1.00 33.64  ? -1  SER A C   1 
ATOM   4   O  O   . SER A 1 1  ? -9.453  2.304   -1.943  1.00 33.38  ? -1  SER A O   1 
ATOM   5   C  CB  . SER A 1 1  ? -10.538 -0.455  -1.275  1.00 34.57  ? -1  SER A CB  1 
ATOM   6   O  OG  . SER A 1 1  ? -11.543 0.039   -2.156  1.00 37.57  ? -1  SER A OG  1 
ATOM   7   N  N   . ASN A 1 2  ? -11.062 2.841   -0.452  1.00 32.63  ? 0   ASN A N   1 
ATOM   8   C  CA  . ASN A 1 2  ? -11.381 4.134   -1.056  1.00 31.60  ? 0   ASN A CA  1 
ATOM   9   C  C   . ASN A 1 2  ? -10.219 5.116   -0.961  1.00 30.02  ? 0   ASN A C   1 
ATOM   10  O  O   . ASN A 1 2  ? -9.846  5.750   -1.961  1.00 29.77  ? 0   ASN A O   1 
ATOM   11  C  CB  . ASN A 1 2  ? -12.619 4.738   -0.393  1.00 32.84  ? 0   ASN A CB  1 
ATOM   12  C  CG  . ASN A 1 2  ? -13.506 5.439   -1.374  1.00 35.35  ? 0   ASN A CG  1 
ATOM   13  O  OD1 . ASN A 1 2  ? -13.582 6.673   -1.397  1.00 39.47  ? 0   ASN A OD1 1 
ATOM   14  N  ND2 . ASN A 1 2  ? -14.180 4.660   -2.220  1.00 38.98  ? 0   ASN A ND2 1 
ATOM   15  N  N   . ALA A 1 3  ? -9.651  5.221   0.242   1.00 27.52  ? 1   ALA A N   1 
ATOM   16  C  CA  . ALA A 1 3  ? -8.519  6.106   0.530   1.00 26.30  ? 1   ALA A CA  1 
ATOM   17  C  C   . ALA A 1 3  ? -7.283  5.765   -0.312  1.00 24.79  ? 1   ALA A C   1 
ATOM   18  O  O   . ALA A 1 3  ? -6.615  6.653   -0.860  1.00 22.58  ? 1   ALA A O   1 
ATOM   19  C  CB  . ALA A 1 3  ? -8.165  6.026   2.000   1.00 26.65  ? 1   ALA A CB  1 
ATOM   20  N  N   . ILE A 1 4  ? -6.974  4.480   -0.387  1.00 23.55  ? 2   ILE A N   1 
ATOM   21  C  CA  . ILE A 1 4  ? -5.874  4.005   -1.216  1.00 22.71  ? 2   ILE A CA  1 
ATOM   22  C  C   . ILE A 1 4  ? -6.138  4.293   -2.694  1.00 22.13  ? 2   ILE A C   1 
ATOM   23  O  O   . ILE A 1 4  ? -5.257  4.803   -3.393  1.00 20.11  ? 2   ILE A O   1 
ATOM   24  C  CB  . ILE A 1 4  ? -5.586  2.490   -0.973  1.00 22.72  ? 2   ILE A CB  1 
ATOM   25  C  CG1 . ILE A 1 4  ? -4.993  2.310   0.435   1.00 22.95  ? 2   ILE A CG1 1 
ATOM   26  C  CG2 . ILE A 1 4  ? -4.655  1.927   -2.055  1.00 22.87  ? 2   ILE A CG2 1 
ATOM   27  C  CD1 . ILE A 1 4  ? -5.110  0.877   0.979   1.00 22.81  ? 2   ILE A CD1 1 
ATOM   28  N  N   . ARG A 1 5  ? -7.348  4.017   -3.186  1.00 21.74  ? 3   ARG A N   1 
ATOM   29  C  CA  . ARG A 1 5  ? -7.661  4.311   -4.584  1.00 21.88  ? 3   ARG A CA  1 
ATOM   30  C  C   . ARG A 1 5  ? -7.558  5.821   -4.871  1.00 20.18  ? 3   ARG A C   1 
ATOM   31  O  O   . ARG A 1 5  ? -7.065  6.227   -5.938  1.00 18.99  ? 3   ARG A O   1 
ATOM   32  C  CB  . ARG A 1 5  ? -9.047  3.781   -5.019  1.00 21.82  ? 3   ARG A CB  1 
ATOM   33  C  CG  . ARG A 1 5  ? -9.287  3.947   -6.509  1.00 23.47  ? 3   ARG A CG  1 
ATOM   34  C  CD  . ARG A 1 5  ? -10.692 3.533   -6.969  1.00 27.04  ? 3   ARG A CD  1 
ATOM   35  N  NE  . ARG A 1 5  ? -10.857 2.085   -7.077  1.00 32.68  ? 3   ARG A NE  1 
ATOM   36  C  CZ  . ARG A 1 5  ? -11.753 1.364   -6.400  1.00 34.26  ? 3   ARG A CZ  1 
ATOM   37  N  NH1 . ARG A 1 5  ? -11.809 0.041   -6.577  1.00 36.33  ? 3   ARG A NH1 1 
ATOM   38  N  NH2 . ARG A 1 5  ? -12.599 1.943   -5.544  1.00 36.11  ? 3   ARG A NH2 1 
ATOM   39  N  N   . SER A 1 6  ? -8.002  6.650   -3.925  1.00 19.44  ? 4   SER A N   1 
ATOM   40  C  CA  . SER A 1 6  ? -7.995  8.112   -4.130  1.00 20.37  ? 4   SER A CA  1 
ATOM   41  C  C   . SER A 1 6  ? -6.579  8.688   -4.217  1.00 18.95  ? 4   SER A C   1 
ATOM   42  O  O   . SER A 1 6  ? -6.280  9.504   -5.091  1.00 18.71  ? 4   SER A O   1 
ATOM   43  C  CB  . SER A 1 6  ? -8.747  8.841   -3.020  1.00 21.26  ? 4   SER A CB  1 
ATOM   44  O  OG  . SER A 1 6  ? -10.077 8.364   -2.895  1.00 26.36  ? 4   SER A OG  1 
ATOM   45  N  N   . ILE A 1 7  ? -5.702  8.308   -3.302  1.00 17.84  ? 5   ILE A N   1 
ATOM   46  C  CA  . ILE A 1 7  ? -4.347  8.816   -3.366  1.00 17.17  ? 5   ILE A CA  1 
ATOM   47  C  C   . ILE A 1 7  ? -3.645  8.329   -4.630  1.00 16.59  ? 5   ILE A C   1 
ATOM   48  O  O   . ILE A 1 7  ? -2.911  9.082   -5.260  1.00 16.98  ? 5   ILE A O   1 
ATOM   49  C  CB  . ILE A 1 7  ? -3.516  8.580   -2.070  1.00 16.59  ? 5   ILE A CB  1 
ATOM   50  C  CG1 . ILE A 1 7  ? -2.229  9.406   -2.141  1.00 16.70  ? 5   ILE A CG1 1 
ATOM   51  C  CG2 . ILE A 1 7  ? -3.238  7.101   -1.828  1.00 18.04  ? 5   ILE A CG2 1 
ATOM   52  C  CD1 . ILE A 1 7  ? -1.450  9.486   -0.888  1.00 19.07  ? 5   ILE A CD1 1 
ATOM   53  N  N   . TRP A 1 8  ? -3.888  7.083   -5.034  1.00 15.83  ? 6   TRP A N   1 
ATOM   54  C  CA  . TRP A 1 8  ? -3.352  6.545   -6.276  1.00 15.86  ? 6   TRP A CA  1 
ATOM   55  C  C   . TRP A 1 8  ? -3.848  7.337   -7.487  1.00 15.38  ? 6   TRP A C   1 
ATOM   56  O  O   . TRP A 1 8  ? -3.062  7.884   -8.277  1.00 16.04  ? 6   TRP A O   1 
ATOM   57  C  CB  . TRP A 1 8  ? -3.757  5.075   -6.399  1.00 16.02  ? 6   TRP A CB  1 
ATOM   58  C  CG  . TRP A 1 8  ? -3.272  4.335   -7.617  1.00 16.30  ? 6   TRP A CG  1 
ATOM   59  C  CD1 . TRP A 1 8  ? -3.831  4.345   -8.861  1.00 17.62  ? 6   TRP A CD1 1 
ATOM   60  C  CD2 . TRP A 1 8  ? -2.185  3.401   -7.678  1.00 16.75  ? 6   TRP A CD2 1 
ATOM   61  N  NE1 . TRP A 1 8  ? -3.146  3.503   -9.697  1.00 18.54  ? 6   TRP A NE1 1 
ATOM   62  C  CE2 . TRP A 1 8  ? -2.129  2.915   -8.996  1.00 17.10  ? 6   TRP A CE2 1 
ATOM   63  C  CE3 . TRP A 1 8  ? -1.234  2.940   -6.741  1.00 16.59  ? 6   TRP A CE3 1 
ATOM   64  C  CZ2 . TRP A 1 8  ? -1.157  2.011   -9.415  1.00 18.69  ? 6   TRP A CZ2 1 
ATOM   65  C  CZ3 . TRP A 1 8  ? -0.286  2.023   -7.167  1.00 18.07  ? 6   TRP A CZ3 1 
ATOM   66  C  CH2 . TRP A 1 8  ? -0.262  1.571   -8.479  1.00 17.96  ? 6   TRP A CH2 1 
ATOM   67  N  N   . GLU A 1 9  ? -5.170  7.425   -7.630  1.00 16.12  ? 7   GLU A N   1 
ATOM   68  C  CA  . GLU A 1 9  ? -5.746  7.992   -8.840  1.00 16.74  ? 7   GLU A CA  1 
ATOM   69  C  C   . GLU A 1 9  ? -5.586  9.501   -8.987  1.00 16.80  ? 7   GLU A C   1 
ATOM   70  O  O   . GLU A 1 9  ? -5.606  10.005  -10.103 1.00 19.01  ? 7   GLU A O   1 
ATOM   71  C  CB  . GLU A 1 9  ? -7.215  7.573   -8.975  1.00 17.58  ? 7   GLU A CB  1 
ATOM   72  C  CG  . GLU A 1 9  ? -7.329  6.076   -9.166  1.00 18.29  ? 7   GLU A CG  1 
ATOM   73  C  CD  . GLU A 1 9  ? -8.715  5.597   -9.486  1.00 20.12  ? 7   GLU A CD  1 
ATOM   74  O  OE1 . GLU A 1 9  ? -9.697  6.331   -9.184  1.00 22.88  ? 7   GLU A OE1 1 
ATOM   75  O  OE2 . GLU A 1 9  ? -8.822  4.444   -10.003 1.00 20.98  ? 7   GLU A OE2 1 
ATOM   76  N  N   . ASN A 1 10 ? -5.379  10.215  -7.883  1.00 16.26  ? 8   ASN A N   1 
ATOM   77  C  CA  . ASN A 1 10 ? -5.192  11.659  -7.945  1.00 15.68  ? 8   ASN A CA  1 
ATOM   78  C  C   . ASN A 1 10 ? -3.737  12.085  -7.989  1.00 16.16  ? 8   ASN A C   1 
ATOM   79  O  O   . ASN A 1 10 ? -3.437  13.282  -7.914  1.00 17.79  ? 8   ASN A O   1 
ATOM   80  C  CB  . ASN A 1 10 ? -5.926  12.322  -6.779  1.00 15.75  ? 8   ASN A CB  1 
ATOM   81  C  CG  . ASN A 1 10 ? -7.414  12.261  -6.962  1.00 16.98  ? 8   ASN A CG  1 
ATOM   82  O  OD1 . ASN A 1 10 ? -7.968  13.020  -7.773  1.00 19.68  ? 8   ASN A OD1 1 
ATOM   83  N  ND2 . ASN A 1 10 ? -8.075  11.342  -6.256  1.00 19.74  ? 8   ASN A ND2 1 
ATOM   84  N  N   . ASN A 1 11 ? -2.827  11.128  -8.124  1.00 15.91  ? 9   ASN A N   1 
ATOM   85  C  CA  . ASN A 1 11 ? -1.415  11.473  -8.067  1.00 16.25  ? 9   ASN A CA  1 
ATOM   86  C  C   . ASN A 1 11 ? -0.610  10.949  -9.232  1.00 16.85  ? 9   ASN A C   1 
ATOM   87  O  O   . ASN A 1 11 ? 0.606   10.801  -9.127  1.00 17.41  ? 9   ASN A O   1 
ATOM   88  C  CB  . ASN A 1 11 ? -0.823  11.093  -6.702  1.00 16.07  ? 9   ASN A CB  1 
ATOM   89  C  CG  . ASN A 1 11 ? -1.292  12.006  -5.612  1.00 17.09  ? 9   ASN A CG  1 
ATOM   90  O  OD1 . ASN A 1 11 ? -2.111  11.631  -4.758  1.00 19.25  ? 9   ASN A OD1 1 
ATOM   91  N  ND2 . ASN A 1 11 ? -0.835  13.227  -5.657  1.00 16.18  ? 9   ASN A ND2 1 
ATOM   92  N  N   . GLY A 1 12 ? -1.283  10.749  -10.353 1.00 17.64  ? 10  GLY A N   1 
ATOM   93  C  CA  . GLY A 1 12 ? -0.604  10.441  -11.614 1.00 18.32  ? 10  GLY A CA  1 
ATOM   94  C  C   . GLY A 1 12 ? -0.218  8.993   -11.806 1.00 18.68  ? 10  GLY A C   1 
ATOM   95  O  O   . GLY A 1 12 ? 0.622   8.689   -12.669 1.00 20.91  ? 10  GLY A O   1 
ATOM   96  N  N   . PHE A 1 13 ? -0.802  8.097   -11.024 1.00 18.19  ? 11  PHE A N   1 
ATOM   97  C  CA  . PHE A 1 13 ? -0.628  6.660   -11.224 1.00 18.14  ? 11  PHE A CA  1 
ATOM   98  C  C   . PHE A 1 13 ? -1.572  6.108   -12.278 1.00 19.22  ? 11  PHE A C   1 
ATOM   99  O  O   . PHE A 1 13 ? -1.484  4.932   -12.605 1.00 19.62  ? 11  PHE A O   1 
ATOM   100 C  CB  . PHE A 1 13 ? -0.927  5.902   -9.942  1.00 18.13  ? 11  PHE A CB  1 
ATOM   101 C  CG  . PHE A 1 13 ? 0.115   6.050   -8.849  1.00 16.92  ? 11  PHE A CG  1 
ATOM   102 C  CD1 . PHE A 1 13 ? 0.982   4.997   -8.552  1.00 17.50  ? 11  PHE A CD1 1 
ATOM   103 C  CD2 . PHE A 1 13 ? 0.143   7.180   -8.040  1.00 17.73  ? 11  PHE A CD2 1 
ATOM   104 C  CE1 . PHE A 1 13 ? 1.906   5.116   -7.548  1.00 18.41  ? 11  PHE A CE1 1 
ATOM   105 C  CE2 . PHE A 1 13 ? 1.069   7.293   -7.025  1.00 16.79  ? 11  PHE A CE2 1 
ATOM   106 C  CZ  . PHE A 1 13 ? 1.937   6.249   -6.764  1.00 17.68  ? 11  PHE A CZ  1 
ATOM   107 N  N   . GLY A 1 14 ? -2.503  6.913   -12.737 1.00 19.25  ? 12  GLY A N   1 
ATOM   108 C  CA  . GLY A 1 14 ? -3.570  6.413   -13.599 1.00 18.72  ? 12  GLY A CA  1 
ATOM   109 C  C   . GLY A 1 14 ? -4.637  5.689   -12.815 1.00 18.94  ? 12  GLY A C   1 
ATOM   110 O  O   . GLY A 1 14 ? -4.685  5.727   -11.580 1.00 19.34  ? 12  GLY A O   1 
ATOM   111 N  N   . LEU A 1 15 ? -5.498  4.979   -13.540 1.00 19.06  ? 13  LEU A N   1 
ATOM   112 C  CA  . LEU A 1 15 ? -6.544  4.195   -12.924 1.00 19.73  ? 13  LEU A CA  1 
ATOM   113 C  C   . LEU A 1 15 ? -5.954  3.116   -12.037 1.00 19.44  ? 13  LEU A C   1 
ATOM   114 O  O   . LEU A 1 15 ? -4.914  2.549   -12.350 1.00 19.09  ? 13  LEU A O   1 
ATOM   115 C  CB  . LEU A 1 15 ? -7.393  3.513   -13.998 1.00 20.98  ? 13  LEU A CB  1 
ATOM   116 C  CG  . LEU A 1 15 ? -8.120  4.392   -14.994 1.00 23.72  ? 13  LEU A CG  1 
ATOM   117 C  CD1 . LEU A 1 15 ? -8.821  3.528   -16.071 1.00 25.63  ? 13  LEU A CD1 1 
ATOM   118 C  CD2 . LEU A 1 15 ? -9.102  5.269   -14.249 1.00 27.21  ? 13  LEU A CD2 1 
HETATM 119 N  N   A MSE A 1 16 ? -6.620  2.828   -10.931 0.50 19.64  ? 14  MSE A N   1 
HETATM 120 N  N   B MSE A 1 16 ? -6.620  2.828   -10.931 0.50 19.64  ? 14  MSE A N   1 
HETATM 121 C  CA  . MSE A 1 16 ? -6.271  1.666   -10.121 1.00 19.38  ? 14  MSE A CA  1 
HETATM 122 C  C   . MSE A 1 16 ? -6.766  0.401   -10.819 1.00 19.46  ? 14  MSE A C   1 
HETATM 123 O  O   . MSE A 1 16 ? -7.954  0.213   -10.987 1.00 19.74  ? 14  MSE A O   1 
HETATM 124 C  CB  . MSE A 1 16 ? -6.894  1.772   -8.716  1.00 19.88  ? 14  MSE A CB  1 
HETATM 125 C  CG  . MSE A 1 16 ? -6.853  0.526   -7.909  1.00 20.59  ? 14  MSE A CG  1 
HETATM 126 SE SE  A MSE A 1 16 ? -5.095  0.288   -7.387  0.35 19.27  ? 14  MSE A SE  1 
HETATM 127 SE SE  B MSE A 1 16 ? -6.137  0.578   -5.939  0.35 22.42  ? 14  MSE A SE  1 
HETATM 128 C  CE  A MSE A 1 16 ? -5.130  1.587   -5.898  0.50 17.00  ? 14  MSE A CE  1 
HETATM 129 C  CE  B MSE A 1 16 ? -4.735  1.889   -6.114  0.50 23.09  ? 14  MSE A CE  1 
ATOM   130 N  N   . SER A 1 17 ? -5.840  -0.443  -11.239 1.00 18.37  ? 15  SER A N   1 
ATOM   131 C  CA  . SER A 1 17 ? -6.210  -1.679  -11.910 1.00 18.19  ? 15  SER A CA  1 
ATOM   132 C  C   . SER A 1 17 ? -6.882  -2.657  -10.952 1.00 17.74  ? 15  SER A C   1 
ATOM   133 O  O   . SER A 1 17 ? -6.700  -2.591  -9.730  1.00 17.51  ? 15  SER A O   1 
ATOM   134 C  CB  . SER A 1 17 ? -4.995  -2.324  -12.561 1.00 18.64  ? 15  SER A CB  1 
ATOM   135 O  OG  . SER A 1 17 ? -4.182  -2.987  -11.627 1.00 19.21  ? 15  SER A OG  1 
ATOM   136 N  N   A SER A 1 18 ? -7.656  -3.586  -11.495 0.50 17.23  ? 16  SER A N   1 
ATOM   137 N  N   B SER A 1 18 ? -7.661  -3.579  -11.495 0.50 17.19  ? 16  SER A N   1 
ATOM   138 C  CA  A SER A 1 18 ? -8.203  -4.667  -10.681 0.50 17.56  ? 16  SER A CA  1 
ATOM   139 C  CA  B SER A 1 18 ? -8.189  -4.666  -10.688 0.50 17.52  ? 16  SER A CA  1 
ATOM   140 C  C   A SER A 1 18 ? -7.095  -5.465  -9.974  0.50 17.43  ? 16  SER A C   1 
ATOM   141 C  C   B SER A 1 18 ? -7.068  -5.416  -9.958  0.50 17.33  ? 16  SER A C   1 
ATOM   142 O  O   A SER A 1 18 ? -7.237  -5.847  -8.813  0.50 16.60  ? 16  SER A O   1 
ATOM   143 O  O   B SER A 1 18 ? -7.171  -5.714  -8.770  0.50 16.42  ? 16  SER A O   1 
ATOM   144 C  CB  A SER A 1 18 ? -9.052  -5.604  -11.534 0.50 17.91  ? 16  SER A CB  1 
ATOM   145 C  CB  B SER A 1 18 ? -8.957  -5.644  -11.557 0.50 17.83  ? 16  SER A CB  1 
ATOM   146 O  OG  A SER A 1 18 ? -10.220 -4.946  -12.010 0.50 19.02  ? 16  SER A OG  1 
ATOM   147 O  OG  B SER A 1 18 ? -9.463  -6.705  -10.779 0.50 19.22  ? 16  SER A OG  1 
ATOM   148 N  N   . LYS A 1 19 ? -6.000  -5.726  -10.687 1.00 17.12  ? 17  LYS A N   1 
ATOM   149 C  CA  . LYS A 1 19 ? -4.883  -6.480  -10.131 1.00 17.69  ? 17  LYS A CA  1 
ATOM   150 C  C   . LYS A 1 19 ? -4.256  -5.773  -8.931  1.00 17.35  ? 17  LYS A C   1 
ATOM   151 O  O   . LYS A 1 19 ? -3.983  -6.381  -7.902  1.00 17.59  ? 17  LYS A O   1 
ATOM   152 C  CB  . LYS A 1 19 ? -3.803  -6.713  -11.202 1.00 18.30  ? 17  LYS A CB  1 
ATOM   153 C  CG  . LYS A 1 19 ? -2.593  -7.543  -10.706 1.00 19.11  ? 17  LYS A CG  1 
ATOM   154 C  CD  . LYS A 1 19 ? -1.435  -7.578  -11.711 1.00 21.01  ? 17  LYS A CD  1 
ATOM   155 C  CE  . LYS A 1 19 ? -0.291  -8.481  -11.176 1.00 24.37  ? 17  LYS A CE  1 
ATOM   156 N  NZ  . LYS A 1 19 ? 0.258   -8.080  -9.829  1.00 25.90  ? 17  LYS A NZ  1 
ATOM   157 N  N   . THR A 1 20 ? -4.047  -4.470  -9.077  1.00 17.97  ? 18  THR A N   1 
ATOM   158 C  CA  . THR A 1 20 ? -3.388  -3.707  -8.044  1.00 18.57  ? 18  THR A CA  1 
ATOM   159 C  C   . THR A 1 20 ? -4.313  -3.580  -6.848  1.00 18.45  ? 18  THR A C   1 
ATOM   160 O  O   . THR A 1 20 ? -3.843  -3.654  -5.708  1.00 18.76  ? 18  THR A O   1 
ATOM   161 C  CB  . THR A 1 20 ? -2.934  -2.334  -8.574  1.00 17.76  ? 18  THR A CB  1 
ATOM   162 O  OG1 . THR A 1 20 ? -2.072  -2.533  -9.695  1.00 18.98  ? 18  THR A OG1 1 
ATOM   163 C  CG2 . THR A 1 20 ? -2.219  -1.505  -7.438  1.00 20.41  ? 18  THR A CG2 1 
HETATM 164 N  N   . MSE A 1 21 ? -5.625  -3.446  -7.063  1.00 19.31  ? 19  MSE A N   1 
HETATM 165 C  CA  . MSE A 1 21 ? -6.567  -3.431  -5.911  1.00 20.16  ? 19  MSE A CA  1 
HETATM 166 C  C   . MSE A 1 21 ? -6.548  -4.758  -5.167  1.00 19.47  ? 19  MSE A C   1 
HETATM 167 O  O   . MSE A 1 21 ? -6.589  -4.809  -3.915  1.00 20.40  ? 19  MSE A O   1 
HETATM 168 C  CB  . MSE A 1 21 ? -7.998  -3.090  -6.326  1.00 22.64  ? 19  MSE A CB  1 
HETATM 169 C  CG  . MSE A 1 21 ? -8.853  -2.525  -5.161  1.00 23.77  ? 19  MSE A CG  1 
HETATM 170 SE SE  . MSE A 1 21 ? -8.239  -0.813  -4.357  0.50 30.80  ? 19  MSE A SE  1 
HETATM 171 C  CE  . MSE A 1 21 ? -7.238  -1.544  -2.856  1.00 31.04  ? 19  MSE A CE  1 
ATOM   172 N  N   . THR A 1 22 ? -6.498  -5.843  -5.927  1.00 18.52  ? 20  THR A N   1 
ATOM   173 C  CA  . THR A 1 22 ? -6.367  -7.191  -5.358  1.00 18.61  ? 20  THR A CA  1 
ATOM   174 C  C   . THR A 1 22 ? -5.100  -7.262  -4.522  1.00 17.71  ? 20  THR A C   1 
ATOM   175 O  O   . THR A 1 22 ? -5.111  -7.766  -3.407  1.00 18.04  ? 20  THR A O   1 
ATOM   176 C  CB  . THR A 1 22 ? -6.321  -8.261  -6.471  1.00 19.00  ? 20  THR A CB  1 
ATOM   177 O  OG1 . THR A 1 22 ? -7.565  -8.236  -7.198  1.00 21.31  ? 20  THR A OG1 1 
ATOM   178 C  CG2 . THR A 1 22 ? -6.059  -9.631  -5.897  1.00 20.01  ? 20  THR A CG2 1 
ATOM   179 N  N   . ASP A 1 23 ? -4.003  -6.746  -5.071  1.00 16.25  ? 21  ASP A N   1 
ATOM   180 C  CA  . ASP A 1 23 ? -2.709  -6.763  -4.395  1.00 17.06  ? 21  ASP A CA  1 
ATOM   181 C  C   . ASP A 1 23 ? -2.748  -5.987  -3.093  1.00 17.50  ? 21  ASP A C   1 
ATOM   182 O  O   . ASP A 1 23 ? -2.207  -6.426  -2.072  1.00 17.23  ? 21  ASP A O   1 
ATOM   183 C  CB  . ASP A 1 23 ? -1.611  -6.206  -5.319  1.00 17.34  ? 21  ASP A CB  1 
ATOM   184 C  CG  . ASP A 1 23 ? -1.271  -7.130  -6.474  1.00 18.63  ? 21  ASP A CG  1 
ATOM   185 O  OD1 . ASP A 1 23 ? -1.445  -8.363  -6.351  1.00 21.78  ? 21  ASP A OD1 1 
ATOM   186 O  OD2 . ASP A 1 23 ? -0.817  -6.641  -7.525  1.00 20.51  ? 21  ASP A OD2 1 
ATOM   187 N  N   . PHE A 1 24 ? -3.382  -4.828  -3.110  1.00 16.88  ? 22  PHE A N   1 
ATOM   188 C  CA  . PHE A 1 24 ? -3.450  -4.029  -1.893  1.00 17.64  ? 22  PHE A CA  1 
ATOM   189 C  C   . PHE A 1 24 ? -4.395  -4.658  -0.859  1.00 18.17  ? 22  PHE A C   1 
ATOM   190 O  O   . PHE A 1 24 ? -4.140  -4.555  0.350   1.00 18.69  ? 22  PHE A O   1 
ATOM   191 C  CB  . PHE A 1 24 ? -3.808  -2.565  -2.196  1.00 17.80  ? 22  PHE A CB  1 
ATOM   192 C  CG  . PHE A 1 24 ? -2.668  -1.764  -2.786  1.00 17.01  ? 22  PHE A CG  1 
ATOM   193 C  CD1 . PHE A 1 24 ? -1.366  -1.870  -2.314  1.00 19.53  ? 22  PHE A CD1 1 
ATOM   194 C  CD2 . PHE A 1 24 ? -2.910  -0.855  -3.781  1.00 16.75  ? 22  PHE A CD2 1 
ATOM   195 C  CE1 . PHE A 1 24 ? -0.327  -1.091  -2.861  1.00 19.12  ? 22  PHE A CE1 1 
ATOM   196 C  CE2 . PHE A 1 24 ? -1.879  -0.082  -4.314  1.00 18.65  ? 22  PHE A CE2 1 
ATOM   197 C  CZ  . PHE A 1 24 ? -0.591  -0.216  -3.852  1.00 18.30  ? 22  PHE A CZ  1 
ATOM   198 N  N   . ASP A 1 25 ? -5.497  -5.271  -1.308  1.00 18.09  ? 23  ASP A N   1 
ATOM   199 C  CA  . ASP A 1 25 ? -6.395  -5.998  -0.385  1.00 19.42  ? 23  ASP A CA  1 
ATOM   200 C  C   . ASP A 1 25 ? -5.619  -7.092  0.330   1.00 20.00  ? 23  ASP A C   1 
ATOM   201 O  O   . ASP A 1 25 ? -5.769  -7.301  1.546   1.00 20.60  ? 23  ASP A O   1 
ATOM   202 C  CB  . ASP A 1 25 ? -7.565  -6.663  -1.125  1.00 19.73  ? 23  ASP A CB  1 
ATOM   203 C  CG  . ASP A 1 25 ? -8.667  -5.704  -1.498  1.00 23.46  ? 23  ASP A CG  1 
ATOM   204 O  OD1 . ASP A 1 25 ? -8.745  -4.625  -0.897  1.00 27.53  ? 23  ASP A OD1 1 
ATOM   205 O  OD2 . ASP A 1 25 ? -9.496  -6.075  -2.380  1.00 27.80  ? 23  ASP A OD2 1 
ATOM   206 N  N   . TYR A 1 26 ? -4.784  -7.787  -0.424  1.00 19.42  ? 24  TYR A N   1 
ATOM   207 C  CA  . TYR A 1 26 ? -3.976  -8.873  0.115   1.00 20.41  ? 24  TYR A CA  1 
ATOM   208 C  C   . TYR A 1 26 ? -2.924  -8.325  1.075   1.00 19.53  ? 24  TYR A C   1 
ATOM   209 O  O   . TYR A 1 26 ? -2.644  -8.936  2.101   1.00 20.02  ? 24  TYR A O   1 
ATOM   210 C  CB  . TYR A 1 26 ? -3.347  -9.694  -1.007  1.00 21.63  ? 24  TYR A CB  1 
ATOM   211 C  CG  . TYR A 1 26 ? -3.163  -11.111 -0.611  1.00 25.10  ? 24  TYR A CG  1 
ATOM   212 C  CD1 . TYR A 1 26 ? -4.222  -12.020 -0.697  1.00 26.53  ? 24  TYR A CD1 1 
ATOM   213 C  CD2 . TYR A 1 26 ? -1.968  -11.540 -0.054  1.00 26.12  ? 24  TYR A CD2 1 
ATOM   214 C  CE1 . TYR A 1 26 ? -4.071  -13.319 -0.287  1.00 27.82  ? 24  TYR A CE1 1 
ATOM   215 C  CE2 . TYR A 1 26 ? -1.809  -12.851 0.350   1.00 26.47  ? 24  TYR A CE2 1 
ATOM   216 C  CZ  . TYR A 1 26 ? -2.868  -13.725 0.231   1.00 27.83  ? 24  TYR A CZ  1 
ATOM   217 O  OH  . TYR A 1 26 ? -2.748  -15.022 0.651   1.00 27.82  ? 24  TYR A OH  1 
ATOM   218 N  N   . TRP A 1 27 ? -2.387  -7.137  0.789   1.00 19.21  ? 25  TRP A N   1 
ATOM   219 C  CA  . TRP A 1 27 ? -1.414  -6.509  1.683   1.00 19.37  ? 25  TRP A CA  1 
ATOM   220 C  C   . TRP A 1 27 ? -2.053  -6.139  3.005   1.00 20.09  ? 25  TRP A C   1 
ATOM   221 O  O   . TRP A 1 27 ? -1.444  -6.316  4.056   1.00 20.05  ? 25  TRP A O   1 
ATOM   222 C  CB  . TRP A 1 27 ? -0.803  -5.254  1.040   1.00 19.38  ? 25  TRP A CB  1 
ATOM   223 C  CG  . TRP A 1 27 ? 0.484   -5.527  0.349   1.00 18.91  ? 25  TRP A CG  1 
ATOM   224 C  CD1 . TRP A 1 27 ? 0.764   -5.396  -0.993  1.00 19.86  ? 25  TRP A CD1 1 
ATOM   225 C  CD2 . TRP A 1 27 ? 1.680   -5.956  0.969   1.00 20.00  ? 25  TRP A CD2 1 
ATOM   226 N  NE1 . TRP A 1 27 ? 2.066   -5.735  -1.229  1.00 18.68  ? 25  TRP A NE1 1 
ATOM   227 C  CE2 . TRP A 1 27 ? 2.652   -6.090  -0.040  1.00 18.32  ? 25  TRP A CE2 1 
ATOM   228 C  CE3 . TRP A 1 27 ? 2.019   -6.280  2.290   1.00 19.19  ? 25  TRP A CE3 1 
ATOM   229 C  CZ2 . TRP A 1 27 ? 3.956   -6.523  0.233   1.00 20.04  ? 25  TRP A CZ2 1 
ATOM   230 C  CZ3 . TRP A 1 27 ? 3.312   -6.696  2.567   1.00 20.03  ? 25  TRP A CZ3 1 
ATOM   231 C  CH2 . TRP A 1 27 ? 4.264   -6.825  1.535   1.00 19.89  ? 25  TRP A CH2 1 
ATOM   232 N  N   . ILE A 1 28 ? -3.276  -5.625  2.962   1.00 20.68  ? 26  ILE A N   1 
ATOM   233 C  CA  . ILE A 1 28 ? -3.998  -5.303  4.190   1.00 21.12  ? 26  ILE A CA  1 
ATOM   234 C  C   . ILE A 1 28 ? -4.169  -6.574  5.031   1.00 21.09  ? 26  ILE A C   1 
ATOM   235 O  O   . ILE A 1 28 ? -3.915  -6.563  6.255   1.00 21.49  ? 26  ILE A O   1 
ATOM   236 C  CB  . ILE A 1 28 ? -5.370  -4.633  3.899   1.00 20.98  ? 26  ILE A CB  1 
ATOM   237 C  CG1 . ILE A 1 28 ? -5.159  -3.226  3.338   1.00 21.07  ? 26  ILE A CG1 1 
ATOM   238 C  CG2 . ILE A 1 28 ? -6.230  -4.580  5.168   1.00 20.64  ? 26  ILE A CG2 1 
ATOM   239 C  CD1 . ILE A 1 28 ? -6.411  -2.615  2.759   1.00 22.04  ? 26  ILE A CD1 1 
ATOM   240 N  N   A SER A 1 29 ? -4.567  -7.668  4.381   0.50 21.32  ? 27  SER A N   1 
ATOM   241 N  N   B SER A 1 29 ? -4.567  -7.668  4.381   0.50 21.32  ? 27  SER A N   1 
ATOM   242 C  CA  A SER A 1 29 ? -4.713  -8.961  5.059   0.50 21.67  ? 27  SER A CA  1 
ATOM   243 C  CA  B SER A 1 29 ? -4.713  -8.961  5.059   0.50 21.67  ? 27  SER A CA  1 
ATOM   244 C  C   . SER A 1 29 ? -3.395  -9.430  5.672   1.00 21.23  ? 27  SER A C   1 
ATOM   245 O  O   . SER A 1 29 ? -3.375  -9.972  6.802   1.00 20.73  ? 27  SER A O   1 
ATOM   246 C  CB  . SER A 1 29 ? -5.236  -10.008 4.085   1.00 22.58  ? 27  SER A CB  1 
ATOM   247 O  OG  A SER A 1 29 ? -6.604  -9.770  3.790   0.50 25.78  ? 27  SER A OG  1 
ATOM   248 O  OG  B SER A 1 29 ? -6.608  -9.774  3.797   0.50 25.75  ? 27  SER A OG  1 
ATOM   249 N  N   . ASP A 1 30 ? -2.295  -9.236  4.948   1.00 20.39  ? 28  ASP A N   1 
ATOM   250 C  CA  . ASP A 1 30 ? -0.996  -9.703  5.408   1.00 21.49  ? 28  ASP A CA  1 
ATOM   251 C  C   . ASP A 1 30 ? -0.502  -8.915  6.618   1.00 21.62  ? 28  ASP A C   1 
ATOM   252 O  O   . ASP A 1 30 ? 0.058   -9.494  7.554   1.00 20.70  ? 28  ASP A O   1 
ATOM   253 C  CB  . ASP A 1 30 ? 0.035   -9.721  4.272   1.00 21.80  ? 28  ASP A CB  1 
ATOM   254 C  CG  . ASP A 1 30 ? -0.097  -10.951 3.376   1.00 24.41  ? 28  ASP A CG  1 
ATOM   255 O  OD1 . ASP A 1 30 ? -0.846  -11.898 3.720   1.00 27.63  ? 28  ASP A OD1 1 
ATOM   256 O  OD2 . ASP A 1 30 ? 0.563   -10.975 2.327   1.00 27.19  ? 28  ASP A OD2 1 
ATOM   257 N  N   . PHE A 1 31 ? -0.761  -7.613  6.642   1.00 22.22  ? 29  PHE A N   1 
ATOM   258 C  CA  . PHE A 1 31 ? -0.410  -6.816  7.818   1.00 22.47  ? 29  PHE A CA  1 
ATOM   259 C  C   . PHE A 1 31 ? -1.287  -7.192  8.988   1.00 22.49  ? 29  PHE A C   1 
ATOM   260 O  O   . PHE A 1 31 ? -0.807  -7.224  10.127  1.00 23.35  ? 29  PHE A O   1 
ATOM   261 C  CB  . PHE A 1 31 ? -0.445  -5.313  7.532   1.00 22.91  ? 29  PHE A CB  1 
ATOM   262 C  CG  . PHE A 1 31 ? 0.802   -4.811  6.855   1.00 22.09  ? 29  PHE A CG  1 
ATOM   263 C  CD1 . PHE A 1 31 ? 2.005   -4.746  7.549   1.00 22.91  ? 29  PHE A CD1 1 
ATOM   264 C  CD2 . PHE A 1 31 ? 0.798   -4.473  5.516   1.00 23.70  ? 29  PHE A CD2 1 
ATOM   265 C  CE1 . PHE A 1 31 ? 3.168   -4.308  6.908   1.00 23.51  ? 29  PHE A CE1 1 
ATOM   266 C  CE2 . PHE A 1 31 ? 1.963   -4.040  4.890   1.00 23.20  ? 29  PHE A CE2 1 
ATOM   267 C  CZ  . PHE A 1 31 ? 3.135   -3.970  5.582   1.00 22.94  ? 29  PHE A CZ  1 
ATOM   268 N  N   . GLU A 1 32 ? -2.553  -7.528  8.725   1.00 22.44  ? 30  GLU A N   1 
ATOM   269 C  CA  . GLU A 1 32 ? -3.441  -8.015  9.804   1.00 23.23  ? 30  GLU A CA  1 
ATOM   270 C  C   . GLU A 1 32 ? -2.943  -9.318  10.414  1.00 22.89  ? 30  GLU A C   1 
ATOM   271 O  O   . GLU A 1 32 ? -3.081  -9.538  11.630  1.00 22.59  ? 30  GLU A O   1 
ATOM   272 C  CB  . GLU A 1 32 ? -4.880  -8.180  9.307   1.00 23.19  ? 30  GLU A CB  1 
ATOM   273 C  CG  . GLU A 1 32 ? -5.610  -6.848  9.121   1.00 25.29  ? 30  GLU A CG  1 
ATOM   274 C  CD  . GLU A 1 32 ? -6.908  -6.964  8.328   1.00 27.67  ? 30  GLU A CD  1 
ATOM   275 O  OE1 . GLU A 1 32 ? -7.137  -8.000  7.657   1.00 33.06  ? 30  GLU A OE1 1 
ATOM   276 O  OE2 . GLU A 1 32 ? -7.693  -5.998  8.358   1.00 34.53  ? 30  GLU A OE2 1 
ATOM   277 N  N   . LYS A 1 33 ? -2.347  -10.181 9.596   1.00 22.55  ? 31  LYS A N   1 
ATOM   278 C  CA  . LYS A 1 33 ? -1.827  -11.468 10.072  1.00 23.16  ? 31  LYS A CA  1 
ATOM   279 C  C   . LYS A 1 33 ? -0.676  -11.319 11.068  1.00 23.06  ? 31  LYS A C   1 
ATOM   280 O  O   . LYS A 1 33 ? -0.357  -12.268 11.772  1.00 22.10  ? 31  LYS A O   1 
ATOM   281 C  CB  . LYS A 1 33 ? -1.364  -12.338 8.907   1.00 22.95  ? 31  LYS A CB  1 
ATOM   282 C  CG  . LYS A 1 33 ? -2.493  -12.934 8.081   1.00 23.68  ? 31  LYS A CG  1 
ATOM   283 C  CD  . LYS A 1 33 ? -1.974  -13.878 7.011   1.00 24.17  ? 31  LYS A CD  1 
ATOM   284 C  CE  . LYS A 1 33 ? -3.107  -14.329 6.085   1.00 25.93  ? 31  LYS A CE  1 
ATOM   285 N  NZ  . LYS A 1 33 ? -2.680  -15.394 5.133   1.00 28.04  ? 31  LYS A NZ  1 
ATOM   286 N  N   . ILE A 1 34 ? -0.032  -10.160 11.108  1.00 23.39  ? 32  ILE A N   1 
ATOM   287 C  CA  . ILE A 1 34 ? 1.002   -9.921  12.131  1.00 24.88  ? 32  ILE A CA  1 
ATOM   288 C  C   . ILE A 1 34 ? 0.603   -8.843  13.130  1.00 24.57  ? 32  ILE A C   1 
ATOM   289 O  O   . ILE A 1 34 ? 1.440   -8.332  13.866  1.00 24.97  ? 32  ILE A O   1 
ATOM   290 C  CB  . ILE A 1 34 ? 2.399   -9.653  11.520  1.00 25.69  ? 32  ILE A CB  1 
ATOM   291 C  CG1 . ILE A 1 34 ? 2.376   -8.524  10.488  1.00 26.81  ? 32  ILE A CG1 1 
ATOM   292 C  CG2 . ILE A 1 34 ? 2.911   -10.918 10.874  1.00 26.16  ? 32  ILE A CG2 1 
ATOM   293 C  CD1 . ILE A 1 34 ? 2.426   -7.090  11.055  1.00 28.77  ? 32  ILE A CD1 1 
ATOM   294 N  N   . GLY A 1 35 ? -0.692  -8.542  13.188  1.00 24.44  ? 33  GLY A N   1 
ATOM   295 C  CA  . GLY A 1 35 ? -1.255  -7.790  14.311  1.00 23.73  ? 33  GLY A CA  1 
ATOM   296 C  C   . GLY A 1 35 ? -1.596  -6.337  14.055  1.00 23.04  ? 33  GLY A C   1 
ATOM   297 O  O   . GLY A 1 35 ? -1.935  -5.613  14.978  1.00 23.66  ? 33  GLY A O   1 
ATOM   298 N  N   . ALA A 1 36 ? -1.531  -5.898  12.800  1.00 22.31  ? 34  ALA A N   1 
ATOM   299 C  CA  . ALA A 1 36 ? -2.006  -4.569  12.448  1.00 22.11  ? 34  ALA A CA  1 
ATOM   300 C  C   . ALA A 1 36 ? -3.531  -4.555  12.378  1.00 22.13  ? 34  ALA A C   1 
ATOM   301 O  O   . ALA A 1 36 ? -4.149  -5.538  11.968  1.00 22.52  ? 34  ALA A O   1 
ATOM   302 C  CB  . ALA A 1 36 ? -1.415  -4.146  11.076  1.00 21.80  ? 34  ALA A CB  1 
ATOM   303 N  N   . SER A 1 37 ? -4.145  -3.435  12.744  1.00 21.44  ? 35  SER A N   1 
ATOM   304 C  CA  . SER A 1 37 ? -5.565  -3.243  12.465  1.00 21.89  ? 35  SER A CA  1 
ATOM   305 C  C   . SER A 1 37 ? -5.743  -2.965  10.974  1.00 22.24  ? 35  SER A C   1 
ATOM   306 O  O   . SER A 1 37 ? -4.790  -2.593  10.289  1.00 22.76  ? 35  SER A O   1 
ATOM   307 C  CB  . SER A 1 37 ? -6.143  -2.083  13.290  1.00 21.33  ? 35  SER A CB  1 
ATOM   308 O  OG  . SER A 1 37 ? -5.595  -0.831  12.897  1.00 20.60  ? 35  SER A OG  1 
ATOM   309 N  N   . GLN A 1 38 ? -6.963  -3.142  10.480  1.00 23.23  ? 36  GLN A N   1 
ATOM   310 C  CA  . GLN A 1 38 ? -7.286  -2.800  9.097   1.00 23.53  ? 36  GLN A CA  1 
ATOM   311 C  C   . GLN A 1 38 ? -6.897  -1.355  8.831   1.00 23.18  ? 36  GLN A C   1 
ATOM   312 O  O   . GLN A 1 38 ? -6.286  -1.051  7.813   1.00 22.53  ? 36  GLN A O   1 
ATOM   313 C  CB  . GLN A 1 38 ? -8.782  -3.011  8.820   1.00 23.89  ? 36  GLN A CB  1 
ATOM   314 C  CG  . GLN A 1 38 ? -9.194  -2.782  7.367   1.00 24.72  ? 36  GLN A CG  1 
ATOM   315 C  CD  . GLN A 1 38 ? -10.680 -3.022  7.130   1.00 26.69  ? 36  GLN A CD  1 
ATOM   316 O  OE1 . GLN A 1 38 ? -11.207 -4.102  7.421   1.00 32.76  ? 36  GLN A OE1 1 
ATOM   317 N  NE2 . GLN A 1 38 ? -11.365 -2.011  6.602   1.00 31.97  ? 36  GLN A NE2 1 
ATOM   318 N  N   . LYS A 1 39 ? -7.229  -0.471  9.766   1.00 23.00  ? 37  LYS A N   1 
ATOM   319 C  CA  . LYS A 1 39 ? -6.956  0.960   9.623   1.00 22.96  ? 37  LYS A CA  1 
ATOM   320 C  C   . LYS A 1 39 ? -5.459  1.261   9.560   1.00 22.41  ? 37  LYS A C   1 
ATOM   321 O  O   . LYS A 1 39 ? -5.010  2.060   8.736   1.00 22.23  ? 37  LYS A O   1 
ATOM   322 C  CB  . LYS A 1 39 ? -7.573  1.726   10.788  1.00 23.47  ? 37  LYS A CB  1 
ATOM   323 C  CG  . LYS A 1 39 ? -7.698  3.213   10.535  1.00 27.54  ? 37  LYS A CG  1 
ATOM   324 C  CD  . LYS A 1 39 ? -8.961  3.534   9.723   1.00 31.97  ? 37  LYS A CD  1 
ATOM   325 C  CE  . LYS A 1 39 ? -8.715  4.642   8.710   1.00 33.68  ? 37  LYS A CE  1 
ATOM   326 N  NZ  . LYS A 1 39 ? -8.119  5.858   9.334   1.00 35.50  ? 37  LYS A NZ  1 
ATOM   327 N  N   . GLU A 1 40 ? -4.685  0.614   10.425  1.00 21.31  ? 38  GLU A N   1 
ATOM   328 C  CA  . GLU A 1 40 ? -3.230  0.798   10.450  1.00 21.33  ? 38  GLU A CA  1 
ATOM   329 C  C   . GLU A 1 40 ? -2.597  0.286   9.156   1.00 20.01  ? 38  GLU A C   1 
ATOM   330 O  O   . GLU A 1 40 ? -1.667  0.900   8.630   1.00 19.30  ? 38  GLU A O   1 
ATOM   331 C  CB  . GLU A 1 40 ? -2.609  0.047   11.637  1.00 21.46  ? 38  GLU A CB  1 
ATOM   332 C  CG  . GLU A 1 40 ? -2.799  0.718   12.981  1.00 22.49  ? 38  GLU A CG  1 
ATOM   333 C  CD  . GLU A 1 40 ? -2.479  -0.201  14.159  1.00 23.05  ? 38  GLU A CD  1 
ATOM   334 O  OE1 . GLU A 1 40 ? -2.663  -1.432  14.049  1.00 24.47  ? 38  GLU A OE1 1 
ATOM   335 O  OE2 . GLU A 1 40 ? -2.070  0.326   15.216  1.00 24.94  ? 38  GLU A OE2 1 
ATOM   336 N  N   . ALA A 1 41 ? -3.099  -0.845  8.668   1.00 19.66  ? 39  ALA A N   1 
ATOM   337 C  CA  . ALA A 1 41 ? -2.589  -1.433  7.435   1.00 19.79  ? 39  ALA A CA  1 
ATOM   338 C  C   . ALA A 1 41 ? -2.866  -0.484  6.265   1.00 19.84  ? 39  ALA A C   1 
ATOM   339 O  O   . ALA A 1 41 ? -1.993  -0.248  5.421   1.00 19.72  ? 39  ALA A O   1 
ATOM   340 C  CB  . ALA A 1 41 ? -3.218  -2.828  7.203   1.00 19.76  ? 39  ALA A CB  1 
ATOM   341 N  N   . GLU A 1 42 ? -4.068  0.067   6.209   1.00 20.16  ? 40  GLU A N   1 
ATOM   342 C  CA  . GLU A 1 42 ? -4.419  1.051   5.181   1.00 20.94  ? 40  GLU A CA  1 
ATOM   343 C  C   . GLU A 1 42 ? -3.504  2.265   5.235   1.00 20.38  ? 40  GLU A C   1 
ATOM   344 O  O   . GLU A 1 42 ? -3.054  2.761   4.191   1.00 20.87  ? 40  GLU A O   1 
ATOM   345 C  CB  . GLU A 1 42 ? -5.888  1.457   5.332   1.00 20.98  ? 40  GLU A CB  1 
ATOM   346 C  CG  . GLU A 1 42 ? -6.465  2.284   4.192   1.00 23.17  ? 40  GLU A CG  1 
ATOM   347 C  CD  . GLU A 1 42 ? -7.904  2.720   4.461   1.00 26.16  ? 40  GLU A CD  1 
ATOM   348 O  OE1 . GLU A 1 42 ? -8.142  3.434   5.461   1.00 33.59  ? 40  GLU A OE1 1 
ATOM   349 O  OE2 . GLU A 1 42 ? -8.801  2.320   3.681   1.00 33.85  ? 40  GLU A OE2 1 
ATOM   350 N  N   A GLN A 1 43 ? -3.229  2.743   6.445   0.50 20.08  ? 41  GLN A N   1 
ATOM   351 N  N   B GLN A 1 43 ? -3.214  2.751   6.432   0.50 20.27  ? 41  GLN A N   1 
ATOM   352 C  CA  A GLN A 1 43 ? -2.328  3.874   6.650   0.50 20.19  ? 41  GLN A CA  1 
ATOM   353 C  CA  B GLN A 1 43 ? -2.331  3.902   6.577   0.50 20.44  ? 41  GLN A CA  1 
ATOM   354 C  C   A GLN A 1 43 ? -0.916  3.585   6.140   0.50 19.90  ? 41  GLN A C   1 
ATOM   355 C  C   B GLN A 1 43 ? -0.893  3.597   6.155   0.50 20.11  ? 41  GLN A C   1 
ATOM   356 O  O   A GLN A 1 43 ? -0.271  4.459   5.574   0.50 19.75  ? 41  GLN A O   1 
ATOM   357 O  O   B GLN A 1 43 ? -0.202  4.477   5.658   0.50 19.99  ? 41  GLN A O   1 
ATOM   358 C  CB  A GLN A 1 43 ? -2.274  4.260   8.135   0.50 20.18  ? 41  GLN A CB  1 
ATOM   359 C  CB  B GLN A 1 43 ? -2.370  4.447   8.009   0.50 20.90  ? 41  GLN A CB  1 
ATOM   360 C  CG  A GLN A 1 43 ? -3.561  4.902   8.649   0.50 20.10  ? 41  GLN A CG  1 
ATOM   361 C  CG  B GLN A 1 43 ? -3.374  5.581   8.213   0.50 22.82  ? 41  GLN A CG  1 
ATOM   362 C  CD  A GLN A 1 43 ? -3.507  5.288   10.125  0.50 21.01  ? 41  GLN A CD  1 
ATOM   363 C  CD  B GLN A 1 43 ? -4.668  5.392   7.440   0.50 24.28  ? 41  GLN A CD  1 
ATOM   364 O  OE1 A GLN A 1 43 ? -2.740  4.718   10.916  0.50 21.81  ? 41  GLN A OE1 1 
ATOM   365 O  OE1 B GLN A 1 43 ? -4.925  6.089   6.452   0.50 25.31  ? 41  GLN A OE1 1 
ATOM   366 N  NE2 A GLN A 1 43 ? -4.353  6.238   10.509  0.50 21.00  ? 41  GLN A NE2 1 
ATOM   367 N  NE2 B GLN A 1 43 ? -5.492  4.452   7.888   0.50 27.30  ? 41  GLN A NE2 1 
ATOM   368 N  N   . LEU A 1 44 ? -0.445  2.355   6.328   1.00 19.94  ? 42  LEU A N   1 
ATOM   369 C  CA  . LEU A 1 44 ? 0.877   1.961   5.830   1.00 19.57  ? 42  LEU A CA  1 
ATOM   370 C  C   . LEU A 1 44 ? 0.922   2.038   4.305   1.00 19.15  ? 42  LEU A C   1 
ATOM   371 O  O   . LEU A 1 44 ? 1.872   2.544   3.722   1.00 18.80  ? 42  LEU A O   1 
ATOM   372 C  CB  . LEU A 1 44 ? 1.244   0.545   6.268   1.00 20.22  ? 42  LEU A CB  1 
ATOM   373 C  CG  . LEU A 1 44 ? 1.616   0.380   7.749   1.00 20.77  ? 42  LEU A CG  1 
ATOM   374 C  CD1 . LEU A 1 44 ? 1.730   -1.104  8.121   1.00 22.60  ? 42  LEU A CD1 1 
ATOM   375 C  CD2 . LEU A 1 44 ? 2.900   1.113   8.069   1.00 22.87  ? 42  LEU A CD2 1 
ATOM   376 N  N   . ILE A 1 45 ? -0.129  1.565   3.656   1.00 18.44  ? 43  ILE A N   1 
ATOM   377 C  CA  . ILE A 1 45 ? -0.151  1.589   2.206   1.00 18.35  ? 43  ILE A CA  1 
ATOM   378 C  C   . ILE A 1 45 ? -0.179  3.045   1.699   1.00 17.87  ? 43  ILE A C   1 
ATOM   379 O  O   . ILE A 1 45 ? 0.554   3.405   0.784   1.00 17.70  ? 43  ILE A O   1 
ATOM   380 C  CB  . ILE A 1 45 ? -1.310  0.749   1.617   1.00 18.70  ? 43  ILE A CB  1 
ATOM   381 C  CG1 . ILE A 1 45 ? -1.077  -0.737  1.914   1.00 20.42  ? 43  ILE A CG1 1 
ATOM   382 C  CG2 . ILE A 1 45 ? -1.394  0.960   0.117   1.00 18.99  ? 43  ILE A CG2 1 
ATOM   383 C  CD1 . ILE A 1 45 ? -2.304  -1.579  1.775   1.00 21.10  ? 43  ILE A CD1 1 
ATOM   384 N  N   . VAL A 1 46 ? -1.003  3.877   2.313   1.00 17.01  ? 44  VAL A N   1 
ATOM   385 C  CA  . VAL A 1 46 ? -1.047  5.287   1.940   1.00 17.00  ? 44  VAL A CA  1 
ATOM   386 C  C   . VAL A 1 46 ? 0.344   5.912   2.059   1.00 17.09  ? 44  VAL A C   1 
ATOM   387 O  O   . VAL A 1 46 ? 0.786   6.650   1.154   1.00 16.85  ? 44  VAL A O   1 
ATOM   388 C  CB  . VAL A 1 46 ? -2.046  6.067   2.792   1.00 16.75  ? 44  VAL A CB  1 
ATOM   389 C  CG1 . VAL A 1 46 ? -1.892  7.570   2.549   1.00 16.96  ? 44  VAL A CG1 1 
ATOM   390 C  CG2 . VAL A 1 46 ? -3.477  5.622   2.488   1.00 17.06  ? 44  VAL A CG2 1 
ATOM   391 N  N   . LYS A 1 47 ? 1.033   5.637   3.167   1.00 17.78  ? 45  LYS A N   1 
ATOM   392 C  CA  . LYS A 1 47 ? 2.376   6.181   3.370   1.00 17.44  ? 45  LYS A CA  1 
ATOM   393 C  C   . LYS A 1 47 ? 3.368   5.694   2.296   1.00 17.26  ? 45  LYS A C   1 
ATOM   394 O  O   . LYS A 1 47 ? 4.190   6.464   1.813   1.00 17.47  ? 45  LYS A O   1 
ATOM   395 C  CB  . LYS A 1 47 ? 2.898   5.835   4.765   1.00 18.55  ? 45  LYS A CB  1 
ATOM   396 C  CG  . LYS A 1 47 ? 4.267   6.399   5.072   1.00 21.06  ? 45  LYS A CG  1 
ATOM   397 C  CD  . LYS A 1 47 ? 4.214   7.898   5.312   1.00 28.41  ? 45  LYS A CD  1 
ATOM   398 C  CE  . LYS A 1 47 ? 5.462   8.616   4.829   1.00 31.99  ? 45  LYS A CE  1 
ATOM   399 N  NZ  . LYS A 1 47 ? 5.323   9.013   3.398   1.00 34.18  ? 45  LYS A NZ  1 
ATOM   400 N  N   . ALA A 1 48 ? 3.325   4.405   1.957   1.00 16.68  ? 46  ALA A N   1 
ATOM   401 C  CA  . ALA A 1 48 ? 4.198   3.875   0.909   1.00 16.62  ? 46  ALA A CA  1 
ATOM   402 C  C   . ALA A 1 48 ? 3.894   4.581   -0.418  1.00 16.32  ? 46  ALA A C   1 
ATOM   403 O  O   . ALA A 1 48 ? 4.797   4.875   -1.186  1.00 17.16  ? 46  ALA A O   1 
ATOM   404 C  CB  . ALA A 1 48 ? 4.039   2.349   0.759   1.00 17.40  ? 46  ALA A CB  1 
ATOM   405 N  N   . ILE A 1 49 ? 2.632   4.848   -0.700  1.00 16.84  ? 47  ILE A N   1 
ATOM   406 C  CA  . ILE A 1 49 ? 2.284   5.562   -1.941  1.00 17.08  ? 47  ILE A CA  1 
ATOM   407 C  C   . ILE A 1 49 ? 2.846   6.978   -1.940  1.00 17.24  ? 47  ILE A C   1 
ATOM   408 O  O   . ILE A 1 49 ? 3.413   7.444   -2.954  1.00 17.42  ? 47  ILE A O   1 
ATOM   409 C  CB  . ILE A 1 49 ? 0.756   5.581   -2.173  1.00 17.83  ? 47  ILE A CB  1 
ATOM   410 C  CG1 . ILE A 1 49 ? 0.296   4.162   -2.495  1.00 17.77  ? 47  ILE A CG1 1 
ATOM   411 C  CG2 . ILE A 1 49 ? 0.381   6.512   -3.309  1.00 18.03  ? 47  ILE A CG2 1 
ATOM   412 C  CD1 . ILE A 1 49 ? -1.257  3.976   -2.499  1.00 17.62  ? 47  ILE A CD1 1 
ATOM   413 N  N   . GLU A 1 50 ? 2.759   7.644   -0.802  1.00 17.43  ? 48  GLU A N   1 
ATOM   414 C  CA  . GLU A 1 50 ? 3.363   8.983   -0.646  1.00 18.37  ? 48  GLU A CA  1 
ATOM   415 C  C   . GLU A 1 50 ? 4.864   8.957   -0.900  1.00 16.85  ? 48  GLU A C   1 
ATOM   416 O  O   . GLU A 1 50 ? 5.413   9.835   -1.577  1.00 17.44  ? 48  GLU A O   1 
ATOM   417 C  CB  . GLU A 1 50 ? 3.102   9.529   0.757   1.00 18.27  ? 48  GLU A CB  1 
ATOM   418 C  CG  . GLU A 1 50 ? 1.661   9.941   0.949   1.00 22.60  ? 48  GLU A CG  1 
ATOM   419 C  CD  . GLU A 1 50 ? 1.379   10.536  2.305   1.00 23.94  ? 48  GLU A CD  1 
ATOM   420 O  OE1 . GLU A 1 50 ? 1.878   9.995   3.315   1.00 30.06  ? 48  GLU A OE1 1 
ATOM   421 O  OE2 . GLU A 1 50 ? 0.632   11.548  2.358   1.00 32.06  ? 48  GLU A OE2 1 
ATOM   422 N  N   . ILE A 1 51 ? 5.531   7.941   -0.363  1.00 16.57  ? 49  ILE A N   1 
ATOM   423 C  CA  . ILE A 1 51 ? 6.987   7.777   -0.576  1.00 16.75  ? 49  ILE A CA  1 
ATOM   424 C  C   . ILE A 1 51 ? 7.301   7.598   -2.073  1.00 16.10  ? 49  ILE A C   1 
ATOM   425 O  O   . ILE A 1 51 ? 8.226   8.199   -2.600  1.00 16.55  ? 49  ILE A O   1 
ATOM   426 C  CB  . ILE A 1 51 ? 7.523   6.592   0.257   1.00 16.50  ? 49  ILE A CB  1 
ATOM   427 C  CG1 . ILE A 1 51 ? 7.513   6.935   1.752   1.00 17.71  ? 49  ILE A CG1 1 
ATOM   428 C  CG2 . ILE A 1 51 ? 8.924   6.210   -0.165  1.00 16.85  ? 49  ILE A CG2 1 
ATOM   429 C  CD1 . ILE A 1 51 ? 7.696   5.750   2.683   1.00 18.88  ? 49  ILE A CD1 1 
ATOM   430 N  N   . ALA A 1 52 ? 6.485   6.815   -2.754  1.00 15.99  ? 50  ALA A N   1 
ATOM   431 C  CA  . ALA A 1 52 ? 6.654   6.573   -4.176  1.00 15.85  ? 50  ALA A CA  1 
ATOM   432 C  C   . ALA A 1 52 ? 6.431   7.850   -4.985  1.00 15.78  ? 50  ALA A C   1 
ATOM   433 O  O   . ALA A 1 52 ? 7.133   8.100   -5.968  1.00 15.44  ? 50  ALA A O   1 
ATOM   434 C  CB  . ALA A 1 52 ? 5.677   5.459   -4.636  1.00 16.06  ? 50  ALA A CB  1 
ATOM   435 N  N   . ILE A 1 53 ? 5.436   8.642   -4.600  1.00 15.44  ? 51  ILE A N   1 
ATOM   436 C  CA  . ILE A 1 53 ? 5.208   9.940   -5.249  1.00 15.42  ? 51  ILE A CA  1 
ATOM   437 C  C   . ILE A 1 53 ? 6.447   10.834  -5.125  1.00 15.59  ? 51  ILE A C   1 
ATOM   438 O  O   . ILE A 1 53 ? 6.928   11.406  -6.111  1.00 15.03  ? 51  ILE A O   1 
ATOM   439 C  CB  . ILE A 1 53 ? 3.989   10.684  -4.676  1.00 15.88  ? 51  ILE A CB  1 
ATOM   440 C  CG1 . ILE A 1 53 ? 2.699   9.941   -5.009  1.00 15.57  ? 51  ILE A CG1 1 
ATOM   441 C  CG2 . ILE A 1 53 ? 3.890   12.101  -5.285  1.00 15.08  ? 51  ILE A CG2 1 
ATOM   442 C  CD1 . ILE A 1 53 ? 1.519   10.355  -4.139  1.00 16.17  ? 51  ILE A CD1 1 
ATOM   443 N  N   . ASP A 1 54 ? 6.950   10.964  -3.908  1.00 15.27  ? 52  ASP A N   1 
ATOM   444 C  CA  . ASP A 1 54 ? 8.095   11.841  -3.659  1.00 14.99  ? 52  ASP A CA  1 
ATOM   445 C  C   . ASP A 1 54 ? 9.365   11.386  -4.416  1.00 14.05  ? 52  ASP A C   1 
ATOM   446 O  O   . ASP A 1 54 ? 10.140  12.206  -4.872  1.00 13.92  ? 52  ASP A O   1 
ATOM   447 C  CB  . ASP A 1 54 ? 8.391   11.948  -2.151  1.00 16.16  ? 52  ASP A CB  1 
ATOM   448 C  CG  . ASP A 1 54 ? 7.386   12.794  -1.407  1.00 18.23  ? 52  ASP A CG  1 
ATOM   449 O  OD1 . ASP A 1 54 ? 6.587   13.512  -2.055  1.00 19.37  ? 52  ASP A OD1 1 
ATOM   450 O  OD2 . ASP A 1 54 ? 7.413   12.740  -0.158  1.00 22.75  ? 52  ASP A OD2 1 
ATOM   451 N  N   . ALA A 1 55 ? 9.565   10.075  -4.516  1.00 14.49  ? 53  ALA A N   1 
ATOM   452 C  CA  . ALA A 1 55 ? 10.708  9.490   -5.241  1.00 14.47  ? 53  ALA A CA  1 
ATOM   453 C  C   . ALA A 1 55 ? 10.500  9.464   -6.748  1.00 14.50  ? 53  ALA A C   1 
ATOM   454 O  O   . ALA A 1 55 ? 11.421  9.132   -7.506  1.00 15.37  ? 53  ALA A O   1 
ATOM   455 C  CB  . ALA A 1 55 ? 10.969  8.064   -4.722  1.00 15.73  ? 53  ALA A CB  1 
ATOM   456 N  N   . ASN A 1 56 ? 9.282   9.784   -7.183  1.00 14.22  ? 54  ASN A N   1 
ATOM   457 C  CA  . ASN A 1 56 ? 8.880   9.693   -8.578  1.00 14.82  ? 54  ASN A CA  1 
ATOM   458 C  C   . ASN A 1 56 ? 9.030   8.308   -9.147  1.00 15.12  ? 54  ASN A C   1 
ATOM   459 O  O   . ASN A 1 56 ? 9.537   8.128   -10.274 1.00 16.22  ? 54  ASN A O   1 
ATOM   460 C  CB  . ASN A 1 56 ? 9.577   10.736  -9.440  1.00 15.08  ? 54  ASN A CB  1 
ATOM   461 C  CG  . ASN A 1 56 ? 8.686   11.233  -10.533 1.00 16.78  ? 54  ASN A CG  1 
ATOM   462 O  OD1 . ASN A 1 56 ? 7.523   10.851  -10.595 1.00 17.76  ? 54  ASN A OD1 1 
ATOM   463 N  ND2 . ASN A 1 56 ? 9.195   12.085  -11.384 1.00 18.04  ? 54  ASN A ND2 1 
ATOM   464 N  N   . ALA A 1 57 ? 8.568   7.342   -8.362  1.00 15.73  ? 55  ALA A N   1 
ATOM   465 C  CA  . ALA A 1 57 ? 8.546   5.932   -8.755  1.00 15.63  ? 55  ALA A CA  1 
ATOM   466 C  C   . ALA A 1 57 ? 7.124   5.413   -8.542  1.00 15.62  ? 55  ALA A C   1 
ATOM   467 O  O   . ALA A 1 57 ? 6.855   4.588   -7.672  1.00 15.91  ? 55  ALA A O   1 
ATOM   468 C  CB  . ALA A 1 57 ? 9.582   5.127   -7.926  1.00 16.89  ? 55  ALA A CB  1 
ATOM   469 N  N   . ARG A 1 58 ? 6.204   5.972   -9.318  1.00 16.28  ? 56  ARG A N   1 
ATOM   470 C  CA  . ARG A 1 58 ? 4.798   5.790   -9.129  1.00 16.22  ? 56  ARG A CA  1 
ATOM   471 C  C   . ARG A 1 58 ? 4.342   4.508   -9.803  1.00 16.10  ? 56  ARG A C   1 
ATOM   472 O  O   . ARG A 1 58 ? 3.640   4.516   -10.831 1.00 16.70  ? 56  ARG A O   1 
ATOM   473 C  CB  . ARG A 1 58 ? 4.021   6.989   -9.631  1.00 16.43  ? 56  ARG A CB  1 
ATOM   474 C  CG  . ARG A 1 58 ? 4.238   8.208   -8.760  1.00 16.34  ? 56  ARG A CG  1 
ATOM   475 C  CD  . ARG A 1 58 ? 3.617   9.421   -9.323  1.00 16.68  ? 56  ARG A CD  1 
ATOM   476 N  NE  . ARG A 1 58 ? 4.408   10.000  -10.396 1.00 16.61  ? 56  ARG A NE  1 
ATOM   477 C  CZ  . ARG A 1 58 ? 4.095   11.126  -11.027 1.00 15.19  ? 56  ARG A CZ  1 
ATOM   478 N  NH1 . ARG A 1 58 ? 2.937   11.737  -10.753 1.00 15.85  ? 56  ARG A NH1 1 
ATOM   479 N  NH2 . ARG A 1 58 ? 4.899   11.620  -11.968 1.00 16.30  ? 56  ARG A NH2 1 
ATOM   480 N  N   . ASN A 1 59 ? 4.716   3.401   -9.179  1.00 16.30  ? 57  ASN A N   1 
ATOM   481 C  CA  . ASN A 1 59 ? 4.326   2.062   -9.667  1.00 16.26  ? 57  ASN A CA  1 
ATOM   482 C  C   . ASN A 1 59 ? 4.265   1.070   -8.525  1.00 16.54  ? 57  ASN A C   1 
ATOM   483 O  O   . ASN A 1 59 ? 4.855   1.275   -7.458  1.00 16.20  ? 57  ASN A O   1 
ATOM   484 C  CB  . ASN A 1 59 ? 5.278   1.565   -10.748 1.00 16.43  ? 57  ASN A CB  1 
ATOM   485 C  CG  . ASN A 1 59 ? 6.702   1.450   -10.254 1.00 16.58  ? 57  ASN A CG  1 
ATOM   486 O  OD1 . ASN A 1 59 ? 7.044   0.517   -9.527  1.00 20.62  ? 57  ASN A OD1 1 
ATOM   487 N  ND2 . ASN A 1 59 ? 7.533   2.392   -10.644 1.00 20.07  ? 57  ASN A ND2 1 
ATOM   488 N  N   . TYR A 1 60 ? 3.521   0.001   -8.751  1.00 15.78  ? 58  TYR A N   1 
ATOM   489 C  CA  . TYR A 1 60 ? 3.310   -1.005  -7.714  1.00 15.93  ? 58  TYR A CA  1 
ATOM   490 C  C   . TYR A 1 60 ? 4.615   -1.671  -7.292  1.00 16.51  ? 58  TYR A C   1 
ATOM   491 O  O   . TYR A 1 60 ? 4.796   -2.004  -6.124  1.00 17.61  ? 58  TYR A O   1 
ATOM   492 C  CB  . TYR A 1 60 ? 2.284   -2.049  -8.155  1.00 16.97  ? 58  TYR A CB  1 
ATOM   493 C  CG  . TYR A 1 60 ? 2.103   -3.122  -7.123  1.00 16.65  ? 58  TYR A CG  1 
ATOM   494 C  CD1 . TYR A 1 60 ? 1.388   -2.885  -5.972  1.00 17.30  ? 58  TYR A CD1 1 
ATOM   495 C  CD2 . TYR A 1 60 ? 2.677   -4.385  -7.279  1.00 16.58  ? 58  TYR A CD2 1 
ATOM   496 C  CE1 . TYR A 1 60 ? 1.228   -3.875  -4.994  1.00 18.58  ? 58  TYR A CE1 1 
ATOM   497 C  CE2 . TYR A 1 60 ? 2.517   -5.366  -6.327  1.00 17.53  ? 58  TYR A CE2 1 
ATOM   498 C  CZ  . TYR A 1 60 ? 1.812   -5.107  -5.172  1.00 18.53  ? 58  TYR A CZ  1 
ATOM   499 O  OH  . TYR A 1 60 ? 1.665   -6.144  -4.246  1.00 19.98  ? 58  TYR A OH  1 
ATOM   500 N  N   . ASN A 1 61 ? 5.502   -1.923  -8.245  1.00 16.75  ? 59  ASN A N   1 
ATOM   501 C  CA  . ASN A 1 61 ? 6.758   -2.599  -7.903  1.00 16.49  ? 59  ASN A CA  1 
ATOM   502 C  C   . ASN A 1 61 ? 7.507   -1.876  -6.791  1.00 16.41  ? 59  ASN A C   1 
ATOM   503 O  O   . ASN A 1 61 ? 7.970   -2.491  -5.845  1.00 17.99  ? 59  ASN A O   1 
ATOM   504 C  CB  . ASN A 1 61 ? 7.652   -2.762  -9.130  1.00 16.72  ? 59  ASN A CB  1 
ATOM   505 C  CG  . ASN A 1 61 ? 7.135   -3.811  -10.109 1.00 16.30  ? 59  ASN A CG  1 
ATOM   506 O  OD1 . ASN A 1 61 ? 6.541   -4.823  -9.712  1.00 18.77  ? 59  ASN A OD1 1 
ATOM   507 N  ND2 . ASN A 1 61 ? 7.413   -3.605  -11.378 1.00 18.33  ? 59  ASN A ND2 1 
ATOM   508 N  N   . TYR A 1 62 ? 7.588   -0.564  -6.906  1.00 16.77  ? 60  TYR A N   1 
ATOM   509 C  CA  . TYR A 1 62 ? 8.335   0.233   -5.940  1.00 17.23  ? 60  TYR A CA  1 
ATOM   510 C  C   . TYR A 1 62 ? 7.629   0.205   -4.578  1.00 17.24  ? 60  TYR A C   1 
ATOM   511 O  O   . TYR A 1 62 ? 8.268   0.034   -3.516  1.00 18.04  ? 60  TYR A O   1 
ATOM   512 C  CB  . TYR A 1 62 ? 8.452   1.666   -6.439  1.00 18.07  ? 60  TYR A CB  1 
ATOM   513 C  CG  . TYR A 1 62 ? 9.382   2.546   -5.631  1.00 18.09  ? 60  TYR A CG  1 
ATOM   514 C  CD1 . TYR A 1 62 ? 10.737  2.606   -5.920  1.00 20.20  ? 60  TYR A CD1 1 
ATOM   515 C  CD2 . TYR A 1 62 ? 8.889   3.386   -4.652  1.00 18.22  ? 60  TYR A CD2 1 
ATOM   516 C  CE1 . TYR A 1 62 ? 11.573  3.433   -5.209  1.00 20.17  ? 60  TYR A CE1 1 
ATOM   517 C  CE2 . TYR A 1 62 ? 9.726   4.207   -3.938  1.00 19.08  ? 60  TYR A CE2 1 
ATOM   518 C  CZ  . TYR A 1 62 ? 11.066  4.213   -4.214  1.00 19.07  ? 60  TYR A CZ  1 
ATOM   519 O  OH  . TYR A 1 62 ? 11.933  5.064   -3.517  1.00 21.72  ? 60  TYR A OH  1 
ATOM   520 N  N   . ILE A 1 63 ? 6.303   0.318   -4.611  1.00 16.54  ? 61  ILE A N   1 
ATOM   521 C  CA  . ILE A 1 63 ? 5.517   0.288   -3.381  1.00 17.05  ? 61  ILE A CA  1 
ATOM   522 C  C   . ILE A 1 63 ? 5.606   -1.077  -2.694  1.00 17.24  ? 61  ILE A C   1 
ATOM   523 O  O   . ILE A 1 63 ? 5.745   -1.162  -1.477  1.00 16.77  ? 61  ILE A O   1 
ATOM   524 C  CB  . ILE A 1 63 ? 4.046   0.682   -3.668  1.00 16.66  ? 61  ILE A CB  1 
ATOM   525 C  CG1 . ILE A 1 63 ? 3.986   2.152   -4.094  1.00 17.70  ? 61  ILE A CG1 1 
ATOM   526 C  CG2 . ILE A 1 63 ? 3.177   0.424   -2.464  1.00 18.03  ? 61  ILE A CG2 1 
ATOM   527 C  CD1 . ILE A 1 63 ? 2.759   2.482   -4.855  1.00 18.23  ? 61  ILE A CD1 1 
ATOM   528 N  N   . ASN A 1 64 ? 5.503   -2.136  -3.482  1.00 16.59  ? 62  ASN A N   1 
ATOM   529 C  CA  . ASN A 1 64 ? 5.612   -3.510  -2.981  1.00 16.95  ? 62  ASN A CA  1 
ATOM   530 C  C   . ASN A 1 64 ? 6.942   -3.739  -2.235  1.00 17.60  ? 62  ASN A C   1 
ATOM   531 O  O   . ASN A 1 64 ? 6.966   -4.356  -1.177  1.00 17.63  ? 62  ASN A O   1 
ATOM   532 C  CB  . ASN A 1 64 ? 5.452   -4.481  -4.163  1.00 17.63  ? 62  ASN A CB  1 
ATOM   533 C  CG  . ASN A 1 64 ? 5.389   -5.913  -3.749  1.00 19.57  ? 62  ASN A CG  1 
ATOM   534 O  OD1 . ASN A 1 64 ? 4.630   -6.295  -2.874  1.00 20.60  ? 62  ASN A OD1 1 
ATOM   535 N  ND2 . ASN A 1 64 ? 6.169   -6.736  -4.423  1.00 24.59  ? 62  ASN A ND2 1 
ATOM   536 N  N   . ALA A 1 65 ? 8.032   -3.252  -2.799  1.00 17.61  ? 63  ALA A N   1 
ATOM   537 C  CA  . ALA A 1 65 ? 9.340   -3.408  -2.151  1.00 18.28  ? 63  ALA A CA  1 
ATOM   538 C  C   . ALA A 1 65 ? 9.338   -2.758  -0.775  1.00 18.43  ? 63  ALA A C   1 
ATOM   539 O  O   . ALA A 1 65 ? 9.877   -3.325  0.199   1.00 19.19  ? 63  ALA A O   1 
ATOM   540 C  CB  . ALA A 1 65 ? 10.421  -2.829  -3.011  1.00 18.49  ? 63  ALA A CB  1 
ATOM   541 N  N   . ILE A 1 66 ? 8.747   -1.568  -0.689  1.00 19.53  ? 64  ILE A N   1 
ATOM   542 C  CA  . ILE A 1 66 ? 8.650   -0.868  0.587   1.00 19.81  ? 64  ILE A CA  1 
ATOM   543 C  C   . ILE A 1 66 ? 7.845   -1.671  1.593   1.00 20.12  ? 64  ILE A C   1 
ATOM   544 O  O   . ILE A 1 66 ? 8.256   -1.876  2.727   1.00 20.53  ? 64  ILE A O   1 
ATOM   545 C  CB  . ILE A 1 66 ? 7.982   0.505   0.432   1.00 19.62  ? 64  ILE A CB  1 
ATOM   546 C  CG1 . ILE A 1 66 ? 8.811   1.418   -0.467  1.00 21.39  ? 64  ILE A CG1 1 
ATOM   547 C  CG2 . ILE A 1 66 ? 7.789   1.160   1.794   1.00 18.88  ? 64  ILE A CG2 1 
ATOM   548 C  CD1 . ILE A 1 66 ? 8.104   2.698   -0.884  1.00 22.47  ? 64  ILE A CD1 1 
ATOM   549 N  N   . LEU A 1 67 ? 6.672   -2.104  1.177   1.00 18.10  ? 65  LEU A N   1 
ATOM   550 C  CA  . LEU A 1 67 ? 5.791   -2.869  2.062   1.00 18.94  ? 65  LEU A CA  1 
ATOM   551 C  C   . LEU A 1 67 ? 6.402   -4.199  2.532   1.00 19.96  ? 65  LEU A C   1 
ATOM   552 O  O   . LEU A 1 67 ? 6.160   -4.620  3.660   1.00 20.82  ? 65  LEU A O   1 
ATOM   553 C  CB  . LEU A 1 67 ? 4.438   -3.120  1.377   1.00 18.27  ? 65  LEU A CB  1 
ATOM   554 C  CG  . LEU A 1 67 ? 3.621   -1.866  1.065   1.00 18.44  ? 65  LEU A CG  1 
ATOM   555 C  CD1 . LEU A 1 67 ? 2.413   -2.281  0.240   1.00 18.74  ? 65  LEU A CD1 1 
ATOM   556 C  CD2 . LEU A 1 67 ? 3.238   -1.114  2.324   1.00 17.27  ? 65  LEU A CD2 1 
ATOM   557 N  N   . LYS A 1 68 ? 7.151   -4.880  1.668   1.00 19.78  ? 66  LYS A N   1 
ATOM   558 C  CA  . LYS A 1 68 ? 7.787   -6.159  2.069   1.00 21.15  ? 66  LYS A CA  1 
ATOM   559 C  C   . LYS A 1 68 ? 8.751   -5.944  3.205   1.00 21.26  ? 66  LYS A C   1 
ATOM   560 O  O   . LYS A 1 68 ? 8.879   -6.810  4.114   1.00 19.98  ? 66  LYS A O   1 
ATOM   561 C  CB  . LYS A 1 68 ? 8.548   -6.792  0.908   1.00 21.66  ? 66  LYS A CB  1 
ATOM   562 C  CG  . LYS A 1 68 ? 7.678   -7.435  -0.120  1.00 23.50  ? 66  LYS A CG  1 
ATOM   563 C  CD  . LYS A 1 68 ? 8.515   -8.085  -1.201  1.00 24.68  ? 66  LYS A CD  1 
ATOM   564 C  CE  . LYS A 1 68 ? 7.650   -8.643  -2.323  1.00 26.51  ? 66  LYS A CE  1 
ATOM   565 N  NZ  . LYS A 1 68 ? 8.446   -9.183  -3.497  1.00 29.59  ? 66  LYS A NZ  1 
ATOM   566 N  N   A ASP A 1 69 ? 9.487   -4.830  3.147   0.50 21.49  ? 67  ASP A N   1 
ATOM   567 N  N   B ASP A 1 69 ? 9.445   -4.815  3.172   0.50 21.33  ? 67  ASP A N   1 
ATOM   568 C  CA  A ASP A 1 69 ? 10.408  -4.449  4.218   0.50 22.13  ? 67  ASP A CA  1 
ATOM   569 C  CA  B ASP A 1 69 ? 10.412  -4.502  4.196   0.50 21.93  ? 67  ASP A CA  1 
ATOM   570 C  C   A ASP A 1 69 ? 9.638   -4.307  5.514   0.50 22.46  ? 67  ASP A C   1 
ATOM   571 C  C   B ASP A 1 69 ? 9.718   -4.207  5.531   0.50 22.41  ? 67  ASP A C   1 
ATOM   572 O  O   A ASP A 1 69 ? 9.932   -4.970  6.507   0.50 22.62  ? 67  ASP A O   1 
ATOM   573 O  O   B ASP A 1 69 ? 10.164  -4.664  6.576   0.50 23.08  ? 67  ASP A O   1 
ATOM   574 C  CB  A ASP A 1 69 ? 11.091  -3.109  3.924   0.50 21.95  ? 67  ASP A CB  1 
ATOM   575 C  CB  B ASP A 1 69 ? 11.270  -3.323  3.765   0.50 21.34  ? 67  ASP A CB  1 
ATOM   576 C  CG  A ASP A 1 69 ? 12.098  -3.193  2.813   0.50 23.00  ? 67  ASP A CG  1 
ATOM   577 C  CG  B ASP A 1 69 ? 12.347  -3.003  4.761   0.50 21.77  ? 67  ASP A CG  1 
ATOM   578 O  OD1 A ASP A 1 69 ? 12.642  -4.283  2.574   0.50 23.06  ? 67  ASP A OD1 1 
ATOM   579 O  OD1 B ASP A 1 69 ? 12.963  -3.954  5.298   0.50 22.29  ? 67  ASP A OD1 1 
ATOM   580 O  OD2 A ASP A 1 69 ? 12.368  -2.149  2.187   0.50 25.12  ? 67  ASP A OD2 1 
ATOM   581 O  OD2 B ASP A 1 69 ? 12.571  -1.800  5.006   0.50 22.20  ? 67  ASP A OD2 1 
ATOM   582 N  N   . TRP A 1 70 ? 8.624   -3.454  5.480   1.00 22.41  ? 68  TRP A N   1 
ATOM   583 C  CA  . TRP A 1 70 ? 7.855   -3.142  6.670   1.00 22.32  ? 68  TRP A CA  1 
ATOM   584 C  C   . TRP A 1 70 ? 7.202   -4.388  7.268   1.00 22.57  ? 68  TRP A C   1 
ATOM   585 O  O   . TRP A 1 70 ? 7.163   -4.551  8.498   1.00 22.55  ? 68  TRP A O   1 
ATOM   586 C  CB  . TRP A 1 70 ? 6.799   -2.083  6.326   1.00 21.94  ? 68  TRP A CB  1 
ATOM   587 C  CG  . TRP A 1 70 ? 7.396   -0.745  5.959   1.00 21.21  ? 68  TRP A CG  1 
ATOM   588 C  CD1 . TRP A 1 70 ? 8.705   -0.377  6.045   1.00 21.92  ? 68  TRP A CD1 1 
ATOM   589 C  CD2 . TRP A 1 70 ? 6.690   0.408   5.473   1.00 21.09  ? 68  TRP A CD2 1 
ATOM   590 N  NE1 . TRP A 1 70 ? 8.868   0.913   5.622   1.00 21.71  ? 68  TRP A NE1 1 
ATOM   591 C  CE2 . TRP A 1 70 ? 7.645   1.425   5.270   1.00 20.90  ? 68  TRP A CE2 1 
ATOM   592 C  CE3 . TRP A 1 70 ? 5.347   0.668   5.174   1.00 20.82  ? 68  TRP A CE3 1 
ATOM   593 C  CZ2 . TRP A 1 70 ? 7.298   2.707   4.818   1.00 21.16  ? 68  TRP A CZ2 1 
ATOM   594 C  CZ3 . TRP A 1 70 ? 5.000   1.948   4.709   1.00 20.42  ? 68  TRP A CZ3 1 
ATOM   595 C  CH2 . TRP A 1 70 ? 5.971   2.941   4.532   1.00 21.03  ? 68  TRP A CH2 1 
ATOM   596 N  N   . GLU A 1 71 ? 6.728   -5.279  6.408   1.00 22.62  ? 69  GLU A N   1 
ATOM   597 C  CA  . GLU A 1 71 ? 6.041   -6.492  6.856   1.00 23.09  ? 69  GLU A CA  1 
ATOM   598 C  C   . GLU A 1 71 ? 6.990   -7.431  7.588   1.00 24.09  ? 69  GLU A C   1 
ATOM   599 O  O   . GLU A 1 71 ? 6.658   -7.937  8.675   1.00 22.66  ? 69  GLU A O   1 
ATOM   600 C  CB  . GLU A 1 71 ? 5.426   -7.227  5.667   1.00 23.06  ? 69  GLU A CB  1 
ATOM   601 C  CG  . GLU A 1 71 ? 4.771   -8.555  6.044   1.00 22.75  ? 69  GLU A CG  1 
ATOM   602 C  CD  . GLU A 1 71 ? 4.453   -9.412  4.849   1.00 22.84  ? 69  GLU A CD  1 
ATOM   603 O  OE1 . GLU A 1 71 ? 5.209   -9.366  3.848   1.00 22.11  ? 69  GLU A OE1 1 
ATOM   604 O  OE2 . GLU A 1 71 ? 3.445   -10.172 4.909   1.00 25.14  ? 69  GLU A OE2 1 
ATOM   605 N  N   . GLN A 1 72 ? 8.168   -7.662  7.013   1.00 24.55  ? 70  GLN A N   1 
ATOM   606 C  CA  . GLN A 1 72 ? 9.153   -8.545  7.648   1.00 25.48  ? 70  GLN A CA  1 
ATOM   607 C  C   . GLN A 1 72 ? 9.666   -7.971  8.969   1.00 26.07  ? 70  GLN A C   1 
ATOM   608 O  O   . GLN A 1 72 ? 9.928   -8.725  9.922   1.00 24.97  ? 70  GLN A O   1 
ATOM   609 C  CB  . GLN A 1 72 ? 10.319  -8.866  6.694   1.00 25.60  ? 70  GLN A CB  1 
ATOM   610 C  CG  . GLN A 1 72 ? 11.159  -7.683  6.239   1.00 26.75  ? 70  GLN A CG  1 
ATOM   611 C  CD  . GLN A 1 72 ? 12.322  -7.371  7.155   1.00 28.80  ? 70  GLN A CD  1 
ATOM   612 O  OE1 . GLN A 1 72 ? 12.644  -8.145  8.069   1.00 24.89  ? 70  GLN A OE1 1 
ATOM   613 N  NE2 . GLN A 1 72 ? 12.984  -6.234  6.902   1.00 29.06  ? 70  GLN A NE2 1 
ATOM   614 N  N   . ARG A 1 73 ? 9.814   -6.650  9.037   1.00 26.91  ? 71  ARG A N   1 
ATOM   615 C  CA  . ARG A 1 73 ? 10.247  -5.993  10.285  1.00 28.64  ? 71  ARG A CA  1 
ATOM   616 C  C   . ARG A 1 73 ? 9.144   -6.043  11.344  1.00 29.06  ? 71  ARG A C   1 
ATOM   617 O  O   . ARG A 1 73 ? 9.419   -5.920  12.541  1.00 29.64  ? 71  ARG A O   1 
ATOM   618 C  CB  . ARG A 1 73 ? 10.665  -4.535  10.028  1.00 28.57  ? 71  ARG A CB  1 
ATOM   619 C  CG  . ARG A 1 73 ? 11.897  -4.384  9.125   1.00 30.03  ? 71  ARG A CG  1 
ATOM   620 C  CD  . ARG A 1 73 ? 12.727  -3.146  9.469   1.00 31.60  ? 71  ARG A CD  1 
ATOM   621 N  NE  . ARG A 1 73 ? 13.180  -2.395  8.289   1.00 34.54  ? 71  ARG A NE  1 
ATOM   622 C  CZ  . ARG A 1 73 ? 13.888  -1.259  8.344   1.00 35.48  ? 71  ARG A CZ  1 
ATOM   623 N  NH1 . ARG A 1 73 ? 14.248  -0.637  7.220   1.00 36.12  ? 71  ARG A NH1 1 
ATOM   624 N  NH2 . ARG A 1 73 ? 14.230  -0.735  9.518   1.00 36.08  ? 71  ARG A NH2 1 
ATOM   625 N  N   . GLY A 1 74 ? 7.903   -6.235  10.896  1.00 30.20  ? 72  GLY A N   1 
ATOM   626 C  CA  . GLY A 1 74 ? 6.757   -6.348  11.781  1.00 31.12  ? 72  GLY A CA  1 
ATOM   627 C  C   . GLY A 1 74 ? 6.165   -5.003  12.133  1.00 32.64  ? 72  GLY A C   1 
ATOM   628 O  O   . GLY A 1 74 ? 5.551   -4.849  13.193  1.00 33.29  ? 72  GLY A O   1 
ATOM   629 N  N   . PHE A 1 75 ? 6.349   -4.026  11.246  1.00 34.46  ? 73  PHE A N   1 
ATOM   630 C  CA  . PHE A 1 75 ? 5.771   -2.702  11.433  1.00 36.16  ? 73  PHE A CA  1 
ATOM   631 C  C   . PHE A 1 75 ? 4.250   -2.741  11.283  1.00 36.87  ? 73  PHE A C   1 
ATOM   632 O  O   . PHE A 1 75 ? 3.727   -2.926  10.178  1.00 36.73  ? 73  PHE A O   1 
ATOM   633 C  CB  . PHE A 1 75 ? 6.371   -1.702  10.432  1.00 36.35  ? 73  PHE A CB  1 
ATOM   634 C  CG  . PHE A 1 75 ? 7.845   -1.422  10.642  1.00 36.26  ? 73  PHE A CG  1 
ATOM   635 C  CD1 . PHE A 1 75 ? 8.492   -1.765  11.839  1.00 37.03  ? 73  PHE A CD1 1 
ATOM   636 C  CD2 . PHE A 1 75 ? 8.573   -0.769  9.654   1.00 36.19  ? 73  PHE A CD2 1 
ATOM   637 C  CE1 . PHE A 1 75 ? 9.843   -1.487  12.025  1.00 37.04  ? 73  PHE A CE1 1 
ATOM   638 C  CE2 . PHE A 1 75 ? 9.921   -0.486  9.828   1.00 37.15  ? 73  PHE A CE2 1 
ATOM   639 C  CZ  . PHE A 1 75 ? 10.559  -0.840  11.021  1.00 36.96  ? 73  PHE A CZ  1 
ATOM   640 N  N   . LYS A 1 76 ? 3.554   -2.570  12.405  1.00 37.86  ? 74  LYS A N   1 
ATOM   641 C  CA  . LYS A 1 76 ? 2.093   -2.502  12.423  1.00 38.47  ? 74  LYS A CA  1 
ATOM   642 C  C   . LYS A 1 76 ? 1.594   -1.145  11.925  1.00 39.07  ? 74  LYS A C   1 
ATOM   643 O  O   . LYS A 1 76 ? 0.476   -1.045  11.415  1.00 40.01  ? 74  LYS A O   1 
ATOM   644 C  CB  . LYS A 1 76 ? 1.551   -2.745  13.843  1.00 38.64  ? 74  LYS A CB  1 
ATOM   645 C  CG  . LYS A 1 76 ? 1.113   -4.182  14.134  1.00 39.71  ? 74  LYS A CG  1 
ATOM   646 C  CD  . LYS A 1 76 ? 2.252   -5.075  14.656  1.00 40.48  ? 74  LYS A CD  1 
ATOM   647 C  CE  . LYS A 1 76 ? 2.811   -4.605  16.008  1.00 40.60  ? 74  LYS A CE  1 
ATOM   648 N  NZ  . LYS A 1 76 ? 1.763   -4.424  17.069  1.00 41.06  ? 74  LYS A NZ  1 
ATOM   649 N  N   . SER A 1 77 ? 2.423   -0.108  12.070  1.00 39.40  ? 75  SER A N   1 
ATOM   650 C  CA  . SER A 1 77 ? 2.000   1.261   11.777  1.00 39.28  ? 75  SER A CA  1 
ATOM   651 C  C   . SER A 1 77 ? 3.172   2.189   11.454  1.00 39.26  ? 75  SER A C   1 
ATOM   652 O  O   . SER A 1 77 ? 4.335   1.811   11.579  1.00 39.06  ? 75  SER A O   1 
ATOM   653 C  CB  . SER A 1 77 ? 1.224   1.822   12.967  1.00 39.59  ? 75  SER A CB  1 
ATOM   654 O  OG  . SER A 1 77 ? 1.991   1.718   14.153  1.00 40.18  ? 75  SER A OG  1 
HETATM 655 MG MG  . MG  B 2 .  ? -11.178 -8.736  -4.995  1.00 28.04  ? 100 MG  A MG  1 
HETATM 656 O  O   . HOH C 3 .  ? 8.626   13.309  -7.453  1.00 16.50  ? 101 HOH A O   1 
HETATM 657 O  O   . HOH C 3 .  ? -2.948  -0.304  -11.213 1.00 17.67  ? 102 HOH A O   1 
HETATM 658 O  O   . HOH C 3 .  ? -0.255  -4.515  -9.153  1.00 22.03  ? 103 HOH A O   1 
HETATM 659 O  O   . HOH C 3 .  ? 6.607   8.125   -11.414 1.00 19.51  ? 104 HOH A O   1 
HETATM 660 O  O   . HOH C 3 .  ? -7.082  -9.704  -2.565  1.00 27.75  ? 105 HOH A O   1 
HETATM 661 O  O   . HOH C 3 .  ? 10.416  9.092   -1.154  1.00 20.82  ? 106 HOH A O   1 
HETATM 662 O  O   . HOH C 3 .  ? -3.642  9.517   -12.042 1.00 26.86  ? 107 HOH A O   1 
HETATM 663 O  O   . HOH C 3 .  ? 8.655   -5.155  -5.856  1.00 26.56  ? 108 HOH A O   1 
HETATM 664 O  O   . HOH C 3 .  ? 9.102   -1.252  -12.204 1.00 28.08  ? 109 HOH A O   1 
HETATM 665 O  O   . HOH C 3 .  ? 2.215   -8.556  -4.770  1.00 32.52  ? 110 HOH A O   1 
HETATM 666 O  O   . HOH C 3 .  ? 1.982   -11.159 6.866   1.00 29.49  ? 111 HOH A O   1 
HETATM 667 O  O   . HOH C 3 .  ? 10.634  2.477   -10.202 1.00 38.18  ? 112 HOH A O   1 
HETATM 668 O  O   . HOH C 3 .  ? -9.536  -8.490  -3.443  1.00 32.39  ? 113 HOH A O   1 
HETATM 669 O  O   . HOH C 3 .  ? -3.926  12.071  -11.218 1.00 36.54  ? 114 HOH A O   1 
HETATM 670 O  O   . HOH C 3 .  ? 1.835   -8.922  -7.425  1.00 44.35  ? 115 HOH A O   1 
HETATM 671 O  O   . HOH C 3 .  ? -11.350 -3.865  -1.565  1.00 42.40  ? 116 HOH A O   1 
HETATM 672 O  O   . HOH C 3 .  ? -0.364  2.596   10.281  1.00 33.04  ? 117 HOH A O   1 
HETATM 673 O  O   . HOH C 3 .  ? 2.845   10.052  -14.115 1.00 28.95  ? 118 HOH A O   1 
HETATM 674 O  O   . HOH C 3 .  ? -6.714  -9.545  -9.565  1.00 32.99  ? 119 HOH A O   1 
HETATM 675 O  O   . HOH C 3 .  ? 6.321   -9.961  -5.040  1.00 42.50  ? 120 HOH A O   1 
HETATM 676 O  O   . HOH C 3 .  ? -1.800  -10.023 -8.429  1.00 29.55  ? 121 HOH A O   1 
HETATM 677 O  O   . HOH C 3 .  ? -5.802  -11.263 7.798   1.00 39.33  ? 122 HOH A O   1 
HETATM 678 O  O   . HOH C 3 .  ? 0.810   6.568   -15.207 1.00 51.48  ? 123 HOH A O   1 
HETATM 679 O  O   . HOH C 3 .  ? 4.216   -10.911 1.631   1.00 29.76  ? 124 HOH A O   1 
HETATM 680 O  O   . HOH C 3 .  ? 4.104   5.872   -13.181 1.00 30.49  ? 125 HOH A O   1 
HETATM 681 O  O   . HOH C 3 .  ? -3.582  -12.429 3.141   1.00 43.36  ? 126 HOH A O   1 
HETATM 682 O  O   . HOH C 3 .  ? -9.848  -9.156  -6.426  1.00 29.93  ? 127 HOH A O   1 
HETATM 683 O  O   . HOH C 3 .  ? 6.148   -10.459 9.663   1.00 30.86  ? 128 HOH A O   1 
HETATM 684 O  O   . HOH C 3 .  ? 11.834  -5.178  0.059   1.00 29.19  ? 129 HOH A O   1 
HETATM 685 O  O   . HOH C 3 .  ? -9.157  -4.773  2.029   1.00 34.60  ? 130 HOH A O   1 
HETATM 686 O  O   . HOH C 3 .  ? -0.668  7.183   6.237   1.00 33.63  ? 131 HOH A O   1 
HETATM 687 O  O   . HOH C 3 .  ? -6.839  -10.718 0.142   1.00 46.64  ? 132 HOH A O   1 
HETATM 688 O  O   . HOH C 3 .  ? 12.338  7.163   -1.055  1.00 41.93  ? 133 HOH A O   1 
HETATM 689 O  O   . HOH C 3 .  ? -9.346  -0.938  11.981  1.00 32.99  ? 134 HOH A O   1 
HETATM 690 O  O   . HOH C 3 .  ? 13.935  8.523   -6.469  1.00 31.49  ? 135 HOH A O   1 
HETATM 691 O  O   . HOH C 3 .  ? -6.405  0.794   14.587  1.00 38.74  ? 136 HOH A O   1 
HETATM 692 O  O   . HOH C 3 .  ? 14.181  6.049   -5.371  1.00 47.39  ? 137 HOH A O   1 
HETATM 693 O  O   . HOH C 3 .  ? 9.295   10.263  1.189   1.00 50.94  ? 138 HOH A O   1 
HETATM 694 O  O   . HOH C 3 .  ? 7.048   4.551   -12.543 1.00 33.99  ? 139 HOH A O   1 
HETATM 695 O  O   . HOH C 3 .  ? 12.266  4.379   0.186   1.00 48.00  ? 140 HOH A O   1 
HETATM 696 O  O   . HOH C 3 .  ? -0.295  -8.486  -2.277  1.00 31.03  ? 141 HOH A O   1 
HETATM 697 O  O   . HOH C 3 .  ? -10.996 -6.761  -5.448  1.00 31.14  ? 142 HOH A O   1 
HETATM 698 O  O   . HOH C 3 .  ? 10.990  -9.413  12.317  1.00 60.31  ? 143 HOH A O   1 
HETATM 699 O  O   . HOH C 3 .  ? -9.861  -6.138  -7.876  1.00 30.57  ? 144 HOH A O   1 
HETATM 700 O  O   . HOH C 3 .  ? 1.779   -9.373  1.019   1.00 37.28  ? 145 HOH A O   1 
HETATM 701 O  O   . HOH C 3 .  ? -8.430  2.190   1.535   1.00 35.03  ? 146 HOH A O   1 
HETATM 702 O  O   . HOH C 3 .  ? 1.408   -9.866  -1.427  1.00 39.42  ? 147 HOH A O   1 
HETATM 703 O  O   . HOH C 3 .  ? -8.244  -7.141  2.822   1.00 32.08  ? 148 HOH A O   1 
HETATM 704 O  O   . HOH C 3 .  ? -10.998 10.492  -6.518  1.00 43.35  ? 149 HOH A O   1 
HETATM 705 O  O   . HOH C 3 .  ? -4.936  -7.782  12.983  1.00 34.72  ? 150 HOH A O   1 
HETATM 706 O  O   . HOH C 3 .  ? 12.423  -11.084 8.243   1.00 39.09  ? 151 HOH A O   1 
HETATM 707 O  O   . HOH C 3 .  ? -2.851  -3.394  16.136  1.00 42.14  ? 152 HOH A O   1 
HETATM 708 O  O   . HOH C 3 .  ? -11.830 -4.505  -3.908  1.00 39.92  ? 153 HOH A O   1 
HETATM 709 O  O   . HOH C 3 .  ? -7.688  -11.307 1.962   1.00 35.72  ? 154 HOH A O   1 
HETATM 710 O  O   . HOH C 3 .  ? -13.725 -0.318  -3.167  1.00 72.43  ? 155 HOH A O   1 
HETATM 711 O  O   . HOH C 3 .  ? -11.113 11.105  -3.975  1.00 36.13  ? 156 HOH A O   1 
HETATM 712 O  O   . HOH C 3 .  ? 15.433  0.363   4.648   1.00 51.96  ? 157 HOH A O   1 
HETATM 713 O  O   . HOH C 3 .  ? -13.479 3.224   -10.407 1.00 58.20  ? 158 HOH A O   1 
HETATM 714 O  O   . HOH C 3 .  ? -10.751 2.395   -10.436 1.00 65.24  ? 159 HOH A O   1 
HETATM 715 O  O   . HOH C 3 .  ? 5.946   12.158  -8.685  1.00 18.95  ? 160 HOH A O   1 
HETATM 716 O  O   . HOH C 3 .  ? -7.144  -7.187  12.557  1.00 55.53  ? 161 HOH A O   1 
HETATM 717 O  O   . HOH C 3 .  ? 5.627   -10.129 12.574  1.00 36.96  ? 162 HOH A O   1 
HETATM 718 O  O   . HOH C 3 .  ? 6.791   10.854  1.747   1.00 40.95  ? 163 HOH A O   1 
HETATM 719 O  O   . HOH C 3 .  ? 5.039   8.418   -13.631 1.00 37.42  ? 164 HOH A O   1 
HETATM 720 O  O   . HOH C 3 .  ? 5.717   -10.738 -0.793  1.00 40.03  ? 165 HOH A O   1 
HETATM 721 O  O   . HOH C 3 .  ? -6.621  -4.145  16.345  1.00 39.61  ? 166 HOH A O   1 
HETATM 722 O  O   . HOH C 3 .  ? -15.206 -0.157  -9.117  1.00 55.02  ? 167 HOH A O   1 
HETATM 723 O  O   . HOH C 3 .  ? 10.008  0.257   -9.704  1.00 40.32  ? 168 HOH A O   1 
HETATM 724 O  O   . HOH C 3 .  ? 15.369  -3.907  6.001   1.00 38.17  ? 169 HOH A O   1 
HETATM 725 O  O   . HOH C 3 .  ? -9.814  -3.453  3.828   1.00 48.42  ? 170 HOH A O   1 
HETATM 726 O  O   . HOH C 3 .  ? -9.274  -1.312  -13.318 1.00 39.58  ? 171 HOH A O   1 
HETATM 727 O  O   . HOH C 3 .  ? -9.087  -4.235  12.207  1.00 44.31  ? 172 HOH A O   1 
HETATM 728 O  O   . HOH C 3 .  ? -7.746  -5.284  14.371  1.00 60.07  ? 173 HOH A O   1 
HETATM 729 O  O   . HOH C 3 .  ? -10.209 7.911   -6.995  1.00 38.53  ? 174 HOH A O   1 
HETATM 730 O  O   . HOH C 3 .  ? 10.930  -1.483  -7.919  1.00 45.45  ? 175 HOH A O   1 
HETATM 731 O  O   . HOH C 3 .  ? -15.930 2.032   -10.551 1.00 47.94  ? 176 HOH A O   1 
HETATM 732 O  O   . HOH C 3 .  ? -13.414 1.310   -12.253 1.00 64.91  ? 177 HOH A O   1 
HETATM 733 O  O   . HOH C 3 .  ? -8.593  -9.707  -0.024  1.00 40.48  ? 178 HOH A O   1 
HETATM 734 O  O   . HOH C 3 .  ? 6.627   -6.394  -7.510  1.00 37.10  ? 179 HOH A O   1 
HETATM 735 O  O   . HOH C 3 .  ? 15.241  1.459   -2.278  1.00 43.53  ? 180 HOH A O   1 
HETATM 736 O  O   . HOH C 3 .  ? 14.993  1.566   -5.036  1.00 50.52  ? 181 HOH A O   1 
HETATM 737 O  O   . HOH C 3 .  ? 11.054  0.636   -3.159  1.00 43.09  ? 182 HOH A O   1 
HETATM 738 O  O   . HOH C 3 .  ? 7.717   -9.362  3.709   1.00 28.71  ? 183 HOH A O   1 
HETATM 739 O  O   . HOH C 3 .  ? 13.049  -0.441  -1.877  1.00 50.31  ? 184 HOH A O   1 
HETATM 740 O  O   . HOH C 3 .  ? -4.215  8.643   9.199   1.00 60.95  ? 185 HOH A O   1 
HETATM 741 O  O   . HOH C 3 .  ? -5.150  -10.480 -3.347  1.00 107.68 ? 186 HOH A O   1 
HETATM 742 O  O   . HOH C 3 .  ? 15.139  3.882   -6.142  1.00 46.74  ? 187 HOH A O   1 
HETATM 743 O  O   . HOH C 3 .  ? -1.490  6.976   -16.580 1.00 62.52  ? 188 HOH A O   1 
HETATM 744 O  O   . HOH C 3 .  ? 16.912  -1.467  7.013   1.00 43.71  ? 189 HOH A O   1 
HETATM 745 O  O   . HOH C 3 .  ? 9.623   -6.851  -3.927  1.00 47.37  ? 190 HOH A O   1 
HETATM 746 O  O   . HOH C 3 .  ? 1.922   -12.464 -2.008  1.00 39.71  ? 191 HOH A O   1 
HETATM 747 O  O   . HOH C 3 .  ? -4.384  15.130  -12.145 1.00 65.55  ? 192 HOH A O   1 
HETATM 748 O  O   . HOH C 3 .  ? -7.431  -8.401  -11.555 1.00 53.08  ? 193 HOH A O   1 
HETATM 749 O  O   . HOH C 3 .  ? -11.603 6.544   -4.786  1.00 46.65  ? 194 HOH A O   1 
# 
